data_3KCF
#
_entry.id   3KCF
#
_cell.length_a   174.025
_cell.length_b   249.076
_cell.length_c   138.011
_cell.angle_alpha   90.00
_cell.angle_beta   90.00
_cell.angle_gamma   90.00
#
_symmetry.space_group_name_H-M   'C 2 2 21'
#
loop_
_entity.id
_entity.type
_entity.pdbx_description
1 polymer 'TGF-beta receptor type-1'
2 non-polymer 4-[3-(methoxymethyl)phenyl]-1,2-dimethyl-5-quinoxalin-6-yl-1,2-dihydro-3H-pyrazol-3-one
3 non-polymer 'PHOSPHATE ION'
4 water water
#
_entity_poly.entity_id   1
_entity_poly.type   'polypeptide(L)'
_entity_poly.pdbx_seq_one_letter_code
;EDPSLDRPFISEGTTLKDLIYDMTTSGSGSGLPLLVQRTIARTIVLQESIGKGRFGEVWRGKWRGEEVAVKIFSSREERS
WFREAEIYQTVMLRHENILGFIAADNKDNGTWTQLWLVSDYHEHGSLFDYLNRYTVTVEGMIKLALSTASGLAHLHMEIV
GTQGKPAIAHRDLKSKNILVKKNGTCCIADLGLAVRHDSATDTIDIAPNHRVGTKRYMAPEVLDDSINMKHFESFKRADI
YAMGLVFWEIARRCSIGGIHEDYQLPYYDLVPSDPSVEEMRKVVCEQKLRPNIPNRWQSCEALRVMAKIMRECWYANGAA
RLTALRIKKTLSQLSQQEGIKM
;
_entity_poly.pdbx_strand_id   A,B,C,D,E
#
# COMPACT_ATOMS: atom_id res chain seq x y z
N ILE A 10 14.87 -0.76 -21.67
CA ILE A 10 15.49 -1.98 -22.28
C ILE A 10 17.01 -1.82 -22.35
N SER A 11 17.74 -2.44 -21.43
CA SER A 11 19.19 -2.31 -21.44
C SER A 11 19.88 -3.26 -22.40
N GLU A 12 21.13 -2.96 -22.73
CA GLU A 12 21.91 -3.76 -23.67
C GLU A 12 21.87 -5.26 -23.37
N GLY A 13 21.89 -6.05 -24.43
CA GLY A 13 21.89 -7.48 -24.24
C GLY A 13 20.51 -8.09 -24.13
N THR A 14 19.53 -7.30 -23.72
CA THR A 14 18.16 -7.80 -23.59
C THR A 14 17.67 -8.40 -24.91
N THR A 15 16.92 -9.49 -24.80
CA THR A 15 16.38 -10.13 -25.98
C THR A 15 14.87 -10.22 -25.88
N LEU A 16 14.21 -10.38 -27.01
CA LEU A 16 12.77 -10.47 -27.03
C LEU A 16 12.41 -11.62 -26.09
N LYS A 17 13.16 -12.70 -26.21
CA LYS A 17 13.01 -13.92 -25.41
C LYS A 17 13.00 -13.56 -23.93
N ASP A 18 13.93 -12.69 -23.54
CA ASP A 18 14.02 -12.22 -22.16
C ASP A 18 12.75 -11.45 -21.77
N LEU A 19 12.32 -10.54 -22.64
CA LEU A 19 11.14 -9.73 -22.39
C LEU A 19 9.87 -10.56 -22.29
N ILE A 20 9.67 -11.48 -23.22
CA ILE A 20 8.49 -12.32 -23.19
C ILE A 20 8.45 -13.10 -21.88
N TYR A 21 9.57 -13.74 -21.54
CA TYR A 21 9.66 -14.52 -20.31
C TYR A 21 9.33 -13.70 -19.06
N ASP A 22 9.96 -12.54 -18.93
CA ASP A 22 9.72 -11.69 -17.78
C ASP A 22 8.22 -11.46 -17.58
N MET A 23 7.52 -11.28 -18.68
CA MET A 23 6.09 -11.05 -18.65
C MET A 23 5.28 -12.29 -18.23
N THR A 24 5.31 -13.33 -19.06
CA THR A 24 4.57 -14.55 -18.78
C THR A 24 4.93 -15.25 -17.49
N THR A 25 5.58 -14.54 -16.58
CA THR A 25 5.97 -15.11 -15.28
C THR A 25 6.07 -14.01 -14.23
N SER A 26 5.52 -12.84 -14.52
CA SER A 26 5.56 -11.71 -13.60
C SER A 26 4.19 -11.28 -13.10
N GLY A 27 3.70 -11.95 -12.07
CA GLY A 27 2.41 -11.62 -11.50
C GLY A 27 1.27 -11.58 -12.52
N SER A 28 0.58 -10.45 -12.56
CA SER A 28 -0.55 -10.23 -13.47
C SER A 28 -0.32 -10.64 -14.92
N GLY A 29 -1.40 -11.08 -15.58
CA GLY A 29 -1.31 -11.50 -16.97
C GLY A 29 -1.09 -10.32 -17.91
N SER A 30 -0.90 -9.15 -17.29
CA SER A 30 -0.68 -7.91 -18.01
C SER A 30 0.51 -8.03 -18.96
N GLY A 31 0.51 -7.19 -20.00
CA GLY A 31 1.59 -7.20 -20.96
C GLY A 31 2.78 -6.42 -20.42
N LEU A 32 3.63 -5.97 -21.33
CA LEU A 32 4.79 -5.19 -20.94
C LEU A 32 4.31 -3.76 -20.72
N PRO A 33 5.07 -2.97 -19.96
CA PRO A 33 4.63 -1.59 -19.74
C PRO A 33 4.65 -0.84 -21.05
N LEU A 34 3.61 -0.02 -21.29
CA LEU A 34 3.51 0.77 -22.52
C LEU A 34 4.86 1.32 -22.91
N LEU A 35 5.52 1.95 -21.96
CA LEU A 35 6.84 2.52 -22.20
C LEU A 35 7.74 1.51 -22.92
N VAL A 36 7.71 0.27 -22.45
CA VAL A 36 8.52 -0.78 -23.06
C VAL A 36 7.98 -1.19 -24.42
N GLN A 37 6.66 -1.26 -24.55
CA GLN A 37 6.03 -1.61 -25.82
C GLN A 37 6.42 -0.54 -26.85
N ARG A 38 6.36 0.70 -26.41
CA ARG A 38 6.71 1.87 -27.22
C ARG A 38 8.10 1.69 -27.77
N THR A 39 9.05 1.46 -26.87
CA THR A 39 10.42 1.25 -27.25
C THR A 39 10.59 0.14 -28.25
N ILE A 40 10.00 -1.02 -27.96
CA ILE A 40 10.09 -2.15 -28.89
C ILE A 40 9.65 -1.72 -30.29
N ALA A 41 8.42 -1.23 -30.43
CA ALA A 41 7.90 -0.80 -31.72
C ALA A 41 8.82 0.16 -32.47
N ARG A 42 9.24 1.23 -31.78
CA ARG A 42 10.10 2.24 -32.37
C ARG A 42 11.50 1.73 -32.69
N THR A 43 11.85 0.53 -32.24
CA THR A 43 13.19 0.03 -32.54
C THR A 43 13.18 -1.22 -33.41
N ILE A 44 11.99 -1.65 -33.81
CA ILE A 44 11.84 -2.82 -34.68
C ILE A 44 12.41 -2.44 -36.04
N VAL A 45 13.12 -3.35 -36.68
CA VAL A 45 13.66 -3.07 -37.99
C VAL A 45 12.83 -3.85 -39.00
N LEU A 46 11.97 -3.17 -39.74
CA LEU A 46 11.12 -3.85 -40.72
C LEU A 46 11.92 -4.52 -41.82
N GLN A 47 11.50 -5.73 -42.18
CA GLN A 47 12.15 -6.49 -43.23
C GLN A 47 11.42 -6.22 -44.54
N GLU A 48 10.23 -6.79 -44.67
CA GLU A 48 9.39 -6.58 -45.86
C GLU A 48 7.93 -7.01 -45.67
N SER A 49 7.04 -6.37 -46.42
CA SER A 49 5.60 -6.67 -46.36
C SER A 49 5.33 -8.16 -46.57
N ILE A 50 4.36 -8.71 -45.87
CA ILE A 50 4.03 -10.13 -46.01
C ILE A 50 2.54 -10.40 -45.98
N GLY A 51 1.77 -9.51 -46.57
CA GLY A 51 0.32 -9.70 -46.58
C GLY A 51 -0.48 -8.44 -46.34
N LYS A 52 -1.69 -8.42 -46.89
CA LYS A 52 -2.62 -7.31 -46.73
C LYS A 52 -3.92 -7.89 -46.24
N GLY A 53 -5.02 -7.21 -46.50
CA GLY A 53 -6.29 -7.73 -46.05
C GLY A 53 -7.13 -6.74 -45.31
N ARG A 54 -8.32 -7.20 -44.91
CA ARG A 54 -9.30 -6.42 -44.17
C ARG A 54 -8.77 -5.03 -43.82
N PHE A 55 -8.07 -4.96 -42.69
CA PHE A 55 -7.52 -3.70 -42.22
C PHE A 55 -6.01 -3.76 -42.02
N GLY A 56 -5.30 -2.93 -42.78
CA GLY A 56 -3.86 -2.87 -42.64
C GLY A 56 -3.02 -4.01 -43.17
N GLU A 57 -1.85 -3.62 -43.66
CA GLU A 57 -0.83 -4.49 -44.24
C GLU A 57 0.02 -5.10 -43.11
N VAL A 58 0.43 -6.36 -43.28
CA VAL A 58 1.26 -7.03 -42.27
C VAL A 58 2.70 -7.19 -42.75
N TRP A 59 3.64 -6.79 -41.91
CA TRP A 59 5.04 -6.87 -42.23
C TRP A 59 5.80 -7.83 -41.33
N ARG A 60 6.93 -8.31 -41.83
CA ARG A 60 7.79 -9.18 -41.08
C ARG A 60 8.90 -8.26 -40.57
N GLY A 61 9.21 -8.33 -39.28
CA GLY A 61 10.25 -7.48 -38.74
C GLY A 61 11.14 -8.13 -37.71
N LYS A 62 12.31 -7.56 -37.47
CA LYS A 62 13.22 -8.11 -36.46
C LYS A 62 13.46 -7.10 -35.36
N TRP A 63 13.55 -7.59 -34.13
CA TRP A 63 13.87 -6.74 -32.99
C TRP A 63 15.15 -7.31 -32.43
N ARG A 64 16.19 -6.49 -32.38
CA ARG A 64 17.50 -6.93 -31.92
C ARG A 64 17.80 -8.31 -32.50
N GLY A 65 17.39 -8.52 -33.74
CA GLY A 65 17.64 -9.76 -34.43
C GLY A 65 16.50 -10.75 -34.49
N GLU A 66 15.74 -10.84 -33.39
CA GLU A 66 14.62 -11.77 -33.27
C GLU A 66 13.44 -11.39 -34.16
N GLU A 67 12.97 -12.35 -34.96
CA GLU A 67 11.84 -12.10 -35.85
C GLU A 67 10.61 -11.79 -35.04
N VAL A 68 9.68 -11.09 -35.67
CA VAL A 68 8.47 -10.66 -35.01
C VAL A 68 7.51 -10.21 -36.11
N ALA A 69 6.21 -10.22 -35.85
CA ALA A 69 5.23 -9.78 -36.86
C ALA A 69 4.62 -8.42 -36.51
N VAL A 70 4.62 -7.52 -37.49
CA VAL A 70 4.10 -6.18 -37.29
C VAL A 70 2.90 -5.92 -38.18
N LYS A 71 1.78 -5.52 -37.58
CA LYS A 71 0.59 -5.22 -38.38
C LYS A 71 0.39 -3.71 -38.43
N ILE A 72 0.82 -3.11 -39.53
CA ILE A 72 0.70 -1.67 -39.71
C ILE A 72 -0.66 -1.25 -40.26
N PHE A 73 -1.40 -0.45 -39.49
CA PHE A 73 -2.73 0.03 -39.86
C PHE A 73 -2.78 1.34 -40.62
N SER A 74 -3.89 1.54 -41.32
CA SER A 74 -4.16 2.78 -42.07
C SER A 74 -4.72 3.69 -41.00
N SER A 75 -4.29 4.93 -40.95
CA SER A 75 -4.81 5.81 -39.91
C SER A 75 -6.34 5.78 -39.87
N ARG A 76 -6.96 5.48 -41.01
CA ARG A 76 -8.42 5.44 -41.14
C ARG A 76 -9.08 4.24 -40.47
N GLU A 77 -8.34 3.14 -40.32
CA GLU A 77 -8.88 1.95 -39.68
C GLU A 77 -8.37 1.85 -38.24
N GLU A 78 -8.35 2.99 -37.56
CA GLU A 78 -7.88 3.07 -36.19
C GLU A 78 -8.75 2.32 -35.18
N ARG A 79 -10.04 2.23 -35.45
CA ARG A 79 -10.94 1.55 -34.52
C ARG A 79 -10.56 0.08 -34.39
N SER A 80 -10.25 -0.57 -35.50
CA SER A 80 -9.84 -1.98 -35.49
C SER A 80 -8.56 -2.11 -34.67
N TRP A 81 -7.69 -1.11 -34.81
CA TRP A 81 -6.42 -1.07 -34.10
C TRP A 81 -6.63 -1.08 -32.61
N PHE A 82 -7.50 -0.19 -32.13
CA PHE A 82 -7.77 -0.09 -30.71
C PHE A 82 -8.46 -1.34 -30.14
N ARG A 83 -9.48 -1.84 -30.85
CA ARG A 83 -10.21 -3.02 -30.40
C ARG A 83 -9.29 -4.16 -30.07
N GLU A 84 -8.39 -4.43 -31.00
CA GLU A 84 -7.31 -5.55 -30.75
C GLU A 84 -6.50 -5.25 -29.66
N ALA A 85 -5.89 -4.07 -29.63
CA ALA A 85 -4.97 -3.73 -28.54
C ALA A 85 -5.74 -3.82 -27.22
N GLU A 86 -6.92 -3.21 -27.21
CA GLU A 86 -7.79 -3.19 -26.05
C GLU A 86 -8.10 -4.61 -25.56
N ILE A 87 -8.63 -5.44 -26.46
CA ILE A 87 -8.98 -6.81 -26.09
C ILE A 87 -7.79 -7.66 -25.63
N TYR A 88 -6.64 -7.57 -26.27
CA TYR A 88 -5.49 -8.38 -25.82
C TYR A 88 -5.03 -7.91 -24.45
N GLN A 89 -5.39 -6.70 -24.07
CA GLN A 89 -4.96 -6.19 -22.78
C GLN A 89 -6.14 -6.23 -21.80
N THR A 90 -6.78 -7.40 -21.80
CA THR A 90 -7.90 -7.70 -20.92
C THR A 90 -7.43 -8.94 -20.19
N VAL A 91 -6.68 -8.71 -19.12
CA VAL A 91 -6.13 -9.78 -18.31
C VAL A 91 -5.49 -10.86 -19.16
N MET A 92 -5.28 -12.02 -18.53
CA MET A 92 -4.67 -13.18 -19.16
C MET A 92 -5.41 -13.70 -20.39
N LEU A 93 -5.29 -12.98 -21.50
CA LEU A 93 -5.91 -13.42 -22.74
C LEU A 93 -4.90 -14.34 -23.39
N ARG A 94 -3.64 -14.16 -23.03
CA ARG A 94 -2.56 -14.99 -23.54
C ARG A 94 -3.02 -16.44 -23.48
N HIS A 95 -2.57 -17.25 -24.44
CA HIS A 95 -2.94 -18.66 -24.51
C HIS A 95 -2.16 -19.28 -25.65
N GLU A 96 -1.78 -20.54 -25.50
CA GLU A 96 -1.01 -21.24 -26.52
C GLU A 96 -1.69 -21.28 -27.89
N ASN A 97 -3.02 -21.27 -27.90
CA ASN A 97 -3.73 -21.34 -29.17
C ASN A 97 -4.38 -20.02 -29.58
N ILE A 98 -3.75 -18.94 -29.15
CA ILE A 98 -4.17 -17.58 -29.50
C ILE A 98 -2.90 -16.78 -29.73
N LEU A 99 -2.81 -16.10 -30.88
CA LEU A 99 -1.64 -15.32 -31.26
C LEU A 99 -1.14 -14.45 -30.12
N GLY A 100 0.17 -14.51 -29.86
CA GLY A 100 0.75 -13.75 -28.77
C GLY A 100 1.07 -12.29 -29.00
N PHE A 101 0.39 -11.44 -28.24
CA PHE A 101 0.57 -9.99 -28.33
C PHE A 101 1.91 -9.61 -27.75
N ILE A 102 2.63 -8.72 -28.42
CA ILE A 102 3.90 -8.27 -27.89
C ILE A 102 3.81 -6.80 -27.53
N ALA A 103 3.28 -5.98 -28.43
CA ALA A 103 3.14 -4.55 -28.16
C ALA A 103 2.22 -3.84 -29.11
N ALA A 104 1.79 -2.65 -28.70
CA ALA A 104 0.92 -1.81 -29.50
C ALA A 104 1.49 -0.40 -29.43
N ASP A 105 1.49 0.31 -30.55
CA ASP A 105 2.03 1.66 -30.54
C ASP A 105 1.37 2.58 -31.55
N ASN A 106 1.64 3.87 -31.37
CA ASN A 106 1.14 4.94 -32.24
C ASN A 106 2.18 6.06 -32.38
N LYS A 107 2.32 6.58 -33.59
CA LYS A 107 3.27 7.65 -33.90
C LYS A 107 2.59 8.68 -34.80
N ASP A 108 3.21 9.85 -34.93
CA ASP A 108 2.70 10.94 -35.75
C ASP A 108 1.32 11.40 -35.29
N ASN A 109 0.65 12.16 -36.14
CA ASN A 109 -0.67 12.66 -35.82
C ASN A 109 -1.50 12.96 -37.05
N GLY A 110 -2.71 13.47 -36.82
CA GLY A 110 -3.62 13.78 -37.90
C GLY A 110 -3.77 12.67 -38.90
N THR A 111 -3.89 13.06 -40.15
CA THR A 111 -4.07 12.17 -41.28
C THR A 111 -2.97 11.13 -41.44
N TRP A 112 -1.78 11.43 -40.95
CA TRP A 112 -0.64 10.53 -41.07
C TRP A 112 -0.30 9.71 -39.82
N THR A 113 -1.26 9.58 -38.90
CA THR A 113 -1.02 8.82 -37.68
C THR A 113 -0.74 7.38 -38.06
N GLN A 114 0.28 6.81 -37.46
CA GLN A 114 0.66 5.44 -37.74
C GLN A 114 0.38 4.54 -36.55
N LEU A 115 -0.50 3.55 -36.73
CA LEU A 115 -0.83 2.61 -35.67
C LEU A 115 -0.25 1.22 -35.91
N TRP A 116 0.52 0.72 -34.96
CA TRP A 116 1.16 -0.59 -35.08
C TRP A 116 0.76 -1.58 -33.99
N LEU A 117 0.78 -2.86 -34.34
CA LEU A 117 0.53 -3.94 -33.39
C LEU A 117 1.65 -4.93 -33.69
N VAL A 118 2.30 -5.45 -32.65
CA VAL A 118 3.38 -6.41 -32.84
C VAL A 118 3.03 -7.75 -32.20
N SER A 119 3.24 -8.84 -32.92
CA SER A 119 2.94 -10.17 -32.40
C SER A 119 4.09 -11.13 -32.68
N ASP A 120 3.93 -12.39 -32.27
CA ASP A 120 4.95 -13.40 -32.52
C ASP A 120 4.99 -13.67 -34.03
N TYR A 121 6.10 -14.23 -34.51
CA TYR A 121 6.26 -14.53 -35.92
C TYR A 121 6.09 -16.03 -36.19
N HIS A 122 5.48 -16.37 -37.31
CA HIS A 122 5.29 -17.76 -37.68
C HIS A 122 5.65 -18.03 -39.13
N GLU A 123 6.83 -18.65 -39.32
CA GLU A 123 7.30 -18.97 -40.65
C GLU A 123 6.22 -19.62 -41.53
N HIS A 124 5.46 -20.55 -40.96
CA HIS A 124 4.43 -21.21 -41.75
C HIS A 124 3.29 -20.32 -42.18
N GLY A 125 3.18 -19.15 -41.58
CA GLY A 125 2.13 -18.21 -41.94
C GLY A 125 0.72 -18.62 -41.56
N SER A 126 -0.23 -18.20 -42.38
CA SER A 126 -1.65 -18.48 -42.15
C SER A 126 -2.07 -19.90 -42.50
N LEU A 127 -3.08 -20.40 -41.80
CA LEU A 127 -3.60 -21.74 -42.05
C LEU A 127 -4.03 -21.80 -43.50
N PHE A 128 -4.49 -20.66 -44.00
CA PHE A 128 -4.92 -20.52 -45.38
C PHE A 128 -3.75 -20.73 -46.34
N ASP A 129 -2.67 -19.96 -46.15
CA ASP A 129 -1.50 -20.09 -47.01
C ASP A 129 -0.83 -21.45 -46.81
N TYR A 130 -1.09 -22.07 -45.67
CA TYR A 130 -0.52 -23.39 -45.34
C TYR A 130 -1.26 -24.50 -46.07
N LEU A 131 -2.59 -24.51 -45.97
CA LEU A 131 -3.42 -25.51 -46.62
C LEU A 131 -3.33 -25.40 -48.13
N ASN A 132 -2.88 -24.26 -48.63
CA ASN A 132 -2.74 -24.09 -50.06
C ASN A 132 -1.50 -24.81 -50.53
N ARG A 133 -0.36 -24.45 -49.97
CA ARG A 133 0.89 -25.07 -50.37
C ARG A 133 1.19 -26.37 -49.63
N TYR A 134 0.17 -27.13 -49.22
CA TYR A 134 0.44 -28.37 -48.50
C TYR A 134 -0.69 -29.41 -48.48
N THR A 135 -0.33 -30.61 -48.00
CA THR A 135 -1.26 -31.72 -47.86
C THR A 135 -0.98 -32.34 -46.49
N VAL A 136 -1.91 -32.12 -45.56
CA VAL A 136 -1.78 -32.63 -44.20
C VAL A 136 -2.02 -34.12 -44.06
N THR A 137 -1.53 -34.69 -42.97
CA THR A 137 -1.68 -36.11 -42.67
C THR A 137 -2.89 -36.31 -41.78
N VAL A 138 -3.23 -37.57 -41.50
CA VAL A 138 -4.36 -37.86 -40.61
C VAL A 138 -3.99 -37.28 -39.26
N GLU A 139 -2.71 -37.31 -38.97
CA GLU A 139 -2.15 -36.78 -37.73
C GLU A 139 -2.43 -35.28 -37.65
N GLY A 140 -1.72 -34.52 -38.47
CA GLY A 140 -1.86 -33.09 -38.50
C GLY A 140 -3.27 -32.58 -38.65
N MET A 141 -4.06 -33.22 -39.50
CA MET A 141 -5.43 -32.79 -39.71
C MET A 141 -6.10 -32.57 -38.36
N ILE A 142 -5.71 -33.35 -37.37
CA ILE A 142 -6.30 -33.25 -36.04
C ILE A 142 -5.62 -32.16 -35.20
N LYS A 143 -4.29 -32.16 -35.16
CA LYS A 143 -3.58 -31.13 -34.39
C LYS A 143 -4.12 -29.76 -34.79
N LEU A 144 -4.25 -29.54 -36.09
CA LEU A 144 -4.76 -28.28 -36.61
C LEU A 144 -6.14 -27.94 -36.07
N ALA A 145 -7.07 -28.89 -36.21
CA ALA A 145 -8.44 -28.68 -35.75
C ALA A 145 -8.57 -28.67 -34.23
N LEU A 146 -7.92 -29.62 -33.58
CA LEU A 146 -7.98 -29.70 -32.12
C LEU A 146 -7.53 -28.38 -31.51
N SER A 147 -6.43 -27.84 -32.03
CA SER A 147 -5.89 -26.58 -31.52
C SER A 147 -6.79 -25.39 -31.83
N THR A 148 -7.29 -25.30 -33.05
CA THR A 148 -8.20 -24.21 -33.41
C THR A 148 -9.34 -24.27 -32.41
N ALA A 149 -9.85 -25.48 -32.19
CA ALA A 149 -10.93 -25.71 -31.25
C ALA A 149 -10.52 -25.25 -29.84
N SER A 150 -9.37 -25.71 -29.39
CA SER A 150 -8.86 -25.34 -28.08
C SER A 150 -8.93 -23.82 -27.92
N GLY A 151 -8.39 -23.12 -28.91
CA GLY A 151 -8.36 -21.67 -28.89
C GLY A 151 -9.70 -21.00 -28.83
N LEU A 152 -10.59 -21.40 -29.73
CA LEU A 152 -11.92 -20.83 -29.78
C LEU A 152 -12.61 -21.10 -28.45
N ALA A 153 -12.33 -22.26 -27.88
CA ALA A 153 -12.90 -22.65 -26.60
C ALA A 153 -12.41 -21.65 -25.55
N HIS A 154 -11.11 -21.39 -25.53
CA HIS A 154 -10.54 -20.46 -24.57
C HIS A 154 -11.05 -19.03 -24.75
N LEU A 155 -11.41 -18.67 -25.97
CA LEU A 155 -11.92 -17.33 -26.23
C LEU A 155 -13.34 -17.15 -25.72
N HIS A 156 -14.21 -18.11 -26.03
CA HIS A 156 -15.62 -18.07 -25.61
C HIS A 156 -15.76 -18.35 -24.12
N MET A 157 -14.75 -19.01 -23.56
CA MET A 157 -14.72 -19.35 -22.15
C MET A 157 -14.94 -18.08 -21.35
N GLU A 158 -15.40 -18.23 -20.11
CA GLU A 158 -15.62 -17.06 -19.28
C GLU A 158 -15.07 -17.25 -17.88
N ILE A 159 -13.74 -17.37 -17.79
CA ILE A 159 -13.09 -17.50 -16.50
C ILE A 159 -13.50 -16.31 -15.63
N VAL A 160 -14.30 -16.57 -14.60
CA VAL A 160 -14.75 -15.50 -13.71
C VAL A 160 -13.89 -15.40 -12.46
N GLY A 161 -13.66 -14.17 -12.00
CA GLY A 161 -12.86 -13.98 -10.80
C GLY A 161 -11.85 -12.85 -10.82
N THR A 162 -10.66 -13.14 -10.28
CA THR A 162 -9.56 -12.17 -10.21
C THR A 162 -9.07 -11.80 -11.61
N GLN A 163 -8.11 -12.58 -12.10
CA GLN A 163 -7.56 -12.34 -13.43
C GLN A 163 -8.23 -13.21 -14.49
N GLY A 164 -9.51 -13.48 -14.27
CA GLY A 164 -10.28 -14.28 -15.20
C GLY A 164 -10.62 -13.44 -16.43
N LYS A 165 -10.93 -14.12 -17.53
CA LYS A 165 -11.26 -13.42 -18.76
C LYS A 165 -12.74 -13.40 -19.09
N PRO A 166 -13.24 -12.28 -19.62
CA PRO A 166 -14.65 -12.17 -19.98
C PRO A 166 -14.89 -13.03 -21.22
N ALA A 167 -16.14 -13.25 -21.58
CA ALA A 167 -16.43 -14.05 -22.75
C ALA A 167 -16.01 -13.29 -24.02
N ILE A 168 -15.42 -13.99 -24.98
CA ILE A 168 -14.98 -13.35 -26.20
C ILE A 168 -15.42 -14.06 -27.49
N ALA A 169 -16.01 -13.30 -28.40
CA ALA A 169 -16.45 -13.85 -29.68
C ALA A 169 -15.65 -13.21 -30.82
N HIS A 170 -14.96 -14.05 -31.58
CA HIS A 170 -14.14 -13.59 -32.67
C HIS A 170 -14.86 -12.75 -33.73
N ARG A 171 -16.00 -13.25 -34.20
CA ARG A 171 -16.81 -12.57 -35.21
C ARG A 171 -16.20 -12.54 -36.60
N ASP A 172 -15.02 -13.13 -36.77
CA ASP A 172 -14.38 -13.13 -38.09
C ASP A 172 -13.40 -14.29 -38.19
N LEU A 173 -13.78 -15.43 -37.63
CA LEU A 173 -12.93 -16.60 -37.67
C LEU A 173 -12.87 -17.17 -39.08
N LYS A 174 -11.66 -17.49 -39.54
CA LYS A 174 -11.48 -18.09 -40.87
C LYS A 174 -10.05 -18.58 -41.03
N SER A 175 -9.76 -19.19 -42.17
CA SER A 175 -8.43 -19.72 -42.44
C SER A 175 -7.33 -18.66 -42.52
N LYS A 176 -7.69 -17.46 -42.94
CA LYS A 176 -6.69 -16.41 -43.05
C LYS A 176 -6.35 -15.79 -41.70
N ASN A 177 -7.21 -16.02 -40.71
CA ASN A 177 -6.98 -15.48 -39.38
C ASN A 177 -6.51 -16.55 -38.42
N ILE A 178 -5.83 -17.56 -38.93
CA ILE A 178 -5.31 -18.63 -38.09
C ILE A 178 -3.88 -18.88 -38.55
N LEU A 179 -2.98 -19.12 -37.61
CA LEU A 179 -1.59 -19.35 -37.97
C LEU A 179 -1.13 -20.69 -37.45
N VAL A 180 -0.17 -21.30 -38.13
CA VAL A 180 0.34 -22.59 -37.68
C VAL A 180 1.82 -22.49 -37.33
N LYS A 181 2.22 -23.19 -36.29
CA LYS A 181 3.59 -23.17 -35.82
C LYS A 181 4.42 -24.30 -36.44
N LYS A 182 5.66 -24.42 -35.98
CA LYS A 182 6.57 -25.45 -36.50
C LYS A 182 6.13 -26.86 -36.12
N ASN A 183 5.49 -26.98 -34.96
CA ASN A 183 5.03 -28.28 -34.47
C ASN A 183 3.60 -28.60 -34.91
N GLY A 184 3.14 -27.93 -35.96
CA GLY A 184 1.81 -28.18 -36.46
C GLY A 184 0.59 -27.76 -35.66
N THR A 185 0.74 -26.87 -34.69
CA THR A 185 -0.42 -26.43 -33.93
C THR A 185 -0.93 -25.15 -34.57
N CYS A 186 -1.96 -24.57 -34.00
CA CYS A 186 -2.52 -23.34 -34.51
C CYS A 186 -2.78 -22.37 -33.39
N CYS A 187 -3.22 -21.17 -33.77
CA CYS A 187 -3.59 -20.12 -32.84
C CYS A 187 -4.42 -19.09 -33.58
N ILE A 188 -5.54 -18.70 -32.97
CA ILE A 188 -6.43 -17.72 -33.58
C ILE A 188 -5.72 -16.38 -33.63
N ALA A 189 -6.16 -15.52 -34.54
CA ALA A 189 -5.54 -14.21 -34.68
C ALA A 189 -6.54 -13.18 -35.18
N ASP A 190 -6.17 -11.91 -35.05
CA ASP A 190 -7.00 -10.80 -35.51
C ASP A 190 -8.29 -10.62 -34.72
N LEU A 191 -8.18 -10.00 -33.55
CA LEU A 191 -9.34 -9.77 -32.70
C LEU A 191 -10.00 -8.42 -33.02
N GLY A 192 -9.63 -7.85 -34.15
CA GLY A 192 -10.17 -6.58 -34.56
C GLY A 192 -11.66 -6.44 -34.39
N LEU A 193 -12.41 -7.50 -34.68
CA LEU A 193 -13.86 -7.46 -34.55
C LEU A 193 -14.36 -8.09 -33.25
N ALA A 194 -13.47 -8.80 -32.56
CA ALA A 194 -13.81 -9.47 -31.31
C ALA A 194 -14.78 -8.67 -30.44
N VAL A 195 -15.59 -9.40 -29.66
CA VAL A 195 -16.56 -8.76 -28.77
C VAL A 195 -16.51 -9.34 -27.36
N ARG A 196 -16.39 -8.46 -26.38
CA ARG A 196 -16.35 -8.86 -24.97
C ARG A 196 -17.77 -8.92 -24.41
N HIS A 197 -17.94 -9.72 -23.36
CA HIS A 197 -19.23 -9.87 -22.69
C HIS A 197 -19.01 -10.07 -21.20
N ASP A 198 -19.44 -9.11 -20.40
CA ASP A 198 -19.28 -9.22 -18.96
C ASP A 198 -20.49 -9.91 -18.35
N SER A 199 -20.24 -10.89 -17.48
CA SER A 199 -21.29 -11.66 -16.82
C SER A 199 -21.84 -11.02 -15.55
N ALA A 200 -20.98 -10.33 -14.82
CA ALA A 200 -21.39 -9.68 -13.57
C ALA A 200 -22.25 -8.44 -13.82
N THR A 201 -22.54 -8.15 -15.09
CA THR A 201 -23.35 -6.97 -15.44
C THR A 201 -24.12 -7.18 -16.73
N ASP A 202 -23.84 -8.31 -17.39
CA ASP A 202 -24.49 -8.61 -18.66
C ASP A 202 -24.38 -7.42 -19.61
N THR A 203 -23.37 -7.45 -20.47
CA THR A 203 -23.14 -6.38 -21.42
C THR A 203 -22.31 -6.87 -22.60
N ILE A 204 -22.08 -5.99 -23.58
CA ILE A 204 -21.29 -6.35 -24.76
C ILE A 204 -20.78 -5.11 -25.50
N ASP A 205 -19.64 -4.58 -25.04
CA ASP A 205 -19.03 -3.38 -25.61
C ASP A 205 -18.98 -3.29 -27.14
N ILE A 206 -20.10 -2.97 -27.76
CA ILE A 206 -20.16 -2.85 -29.21
C ILE A 206 -21.62 -2.71 -29.68
N ASN A 209 -21.61 -1.65 -34.71
CA ASN A 209 -22.36 -2.88 -34.42
C ASN A 209 -23.40 -3.14 -35.50
N HIS A 210 -22.97 -3.78 -36.59
CA HIS A 210 -23.86 -4.11 -37.70
C HIS A 210 -23.60 -5.54 -38.10
N ARG A 211 -23.43 -5.75 -39.40
CA ARG A 211 -23.15 -7.06 -39.97
C ARG A 211 -21.67 -7.10 -40.39
N VAL A 212 -20.81 -7.43 -39.43
CA VAL A 212 -19.36 -7.47 -39.65
C VAL A 212 -18.79 -8.85 -39.96
N GLY A 213 -17.56 -8.87 -40.47
CA GLY A 213 -16.90 -10.12 -40.79
C GLY A 213 -16.86 -10.41 -42.28
N THR A 214 -16.06 -11.39 -42.68
CA THR A 214 -15.93 -11.78 -44.08
C THR A 214 -17.20 -12.46 -44.58
N LYS A 215 -17.80 -11.93 -45.64
CA LYS A 215 -19.03 -12.49 -46.23
C LYS A 215 -19.07 -14.02 -46.26
N ARG A 216 -18.23 -14.61 -47.10
CA ARG A 216 -18.18 -16.06 -47.23
C ARG A 216 -18.38 -16.84 -45.95
N TYR A 217 -17.53 -16.61 -44.94
CA TYR A 217 -17.65 -17.35 -43.70
C TYR A 217 -18.80 -16.96 -42.80
N MET A 218 -19.69 -16.09 -43.29
CA MET A 218 -20.81 -15.66 -42.48
C MET A 218 -21.84 -16.76 -42.30
N ALA A 219 -22.37 -16.86 -41.09
CA ALA A 219 -23.37 -17.86 -40.78
C ALA A 219 -24.75 -17.33 -41.19
N PRO A 220 -25.74 -18.23 -41.31
CA PRO A 220 -27.12 -17.91 -41.70
C PRO A 220 -27.80 -16.80 -40.88
N GLU A 221 -27.80 -16.93 -39.55
CA GLU A 221 -28.45 -15.93 -38.71
C GLU A 221 -27.96 -14.50 -38.99
N VAL A 222 -26.77 -14.40 -39.58
CA VAL A 222 -26.20 -13.09 -39.89
C VAL A 222 -26.45 -12.72 -41.34
N LEU A 223 -26.25 -13.68 -42.24
CA LEU A 223 -26.48 -13.42 -43.66
C LEU A 223 -27.86 -12.84 -43.89
N ASP A 224 -28.88 -13.49 -43.34
CA ASP A 224 -30.26 -13.04 -43.51
C ASP A 224 -30.74 -12.06 -42.43
N ASP A 225 -29.81 -11.56 -41.62
CA ASP A 225 -30.15 -10.60 -40.57
C ASP A 225 -31.38 -11.03 -39.78
N SER A 226 -31.14 -11.67 -38.64
CA SER A 226 -32.21 -12.14 -37.77
C SER A 226 -31.54 -12.56 -36.47
N ILE A 227 -30.21 -12.54 -36.49
CA ILE A 227 -29.41 -12.90 -35.34
C ILE A 227 -29.74 -11.98 -34.17
N ASN A 228 -29.90 -12.56 -32.98
CA ASN A 228 -30.21 -11.77 -31.79
C ASN A 228 -28.91 -11.26 -31.19
N MET A 229 -28.60 -9.99 -31.44
CA MET A 229 -27.39 -9.40 -30.92
C MET A 229 -27.47 -9.01 -29.45
N LYS A 230 -28.60 -9.33 -28.83
CA LYS A 230 -28.79 -9.01 -27.42
C LYS A 230 -28.28 -10.17 -26.58
N HIS A 231 -28.42 -11.39 -27.09
CA HIS A 231 -27.93 -12.57 -26.38
C HIS A 231 -26.51 -12.85 -26.86
N PHE A 232 -25.58 -12.97 -25.93
CA PHE A 232 -24.20 -13.23 -26.29
C PHE A 232 -24.02 -14.54 -27.04
N GLU A 233 -24.36 -15.66 -26.40
CA GLU A 233 -24.22 -16.98 -27.03
C GLU A 233 -24.41 -16.91 -28.55
N SER A 234 -25.32 -16.06 -28.99
CA SER A 234 -25.59 -15.89 -30.40
C SER A 234 -24.28 -15.73 -31.19
N PHE A 235 -23.40 -14.88 -30.68
CA PHE A 235 -22.13 -14.64 -31.33
C PHE A 235 -21.28 -15.91 -31.32
N LYS A 236 -21.17 -16.55 -30.16
CA LYS A 236 -20.40 -17.78 -30.03
C LYS A 236 -20.87 -18.77 -31.09
N ARG A 237 -22.19 -18.84 -31.26
CA ARG A 237 -22.79 -19.76 -32.24
C ARG A 237 -22.23 -19.49 -33.62
N ALA A 238 -22.23 -18.22 -34.02
CA ALA A 238 -21.71 -17.83 -35.33
C ALA A 238 -20.24 -18.23 -35.47
N ASP A 239 -19.48 -18.16 -34.38
CA ASP A 239 -18.08 -18.55 -34.45
C ASP A 239 -17.99 -20.02 -34.83
N ILE A 240 -18.70 -20.85 -34.08
CA ILE A 240 -18.72 -22.30 -34.34
C ILE A 240 -19.02 -22.63 -35.80
N TYR A 241 -20.06 -22.03 -36.34
CA TYR A 241 -20.42 -22.26 -37.73
C TYR A 241 -19.21 -22.03 -38.62
N ALA A 242 -18.53 -20.91 -38.40
CA ALA A 242 -17.37 -20.58 -39.19
C ALA A 242 -16.28 -21.63 -38.99
N MET A 243 -15.93 -21.90 -37.74
CA MET A 243 -14.90 -22.88 -37.47
C MET A 243 -15.19 -24.18 -38.21
N GLY A 244 -16.47 -24.41 -38.48
CA GLY A 244 -16.87 -25.60 -39.20
C GLY A 244 -16.40 -25.50 -40.64
N LEU A 245 -16.63 -24.35 -41.25
CA LEU A 245 -16.19 -24.11 -42.61
C LEU A 245 -14.68 -24.31 -42.65
N VAL A 246 -14.01 -23.88 -41.58
CA VAL A 246 -12.56 -24.02 -41.50
C VAL A 246 -12.18 -25.49 -41.47
N PHE A 247 -12.88 -26.28 -40.67
CA PHE A 247 -12.59 -27.71 -40.60
C PHE A 247 -12.75 -28.32 -41.99
N TRP A 248 -13.73 -27.83 -42.74
CA TRP A 248 -13.94 -28.34 -44.09
C TRP A 248 -12.65 -28.17 -44.87
N GLU A 249 -12.16 -26.93 -44.92
CA GLU A 249 -10.93 -26.59 -45.62
C GLU A 249 -9.75 -27.47 -45.25
N ILE A 250 -9.66 -27.83 -43.97
CA ILE A 250 -8.56 -28.65 -43.47
C ILE A 250 -8.55 -30.07 -44.03
N ALA A 251 -9.58 -30.85 -43.69
CA ALA A 251 -9.70 -32.24 -44.13
C ALA A 251 -9.79 -32.38 -45.66
N ARG A 252 -10.41 -31.40 -46.31
CA ARG A 252 -10.54 -31.42 -47.76
C ARG A 252 -9.16 -31.44 -48.37
N ARG A 253 -8.15 -31.30 -47.51
CA ARG A 253 -6.77 -31.28 -47.94
C ARG A 253 -5.93 -32.37 -47.27
N CYS A 254 -6.59 -33.27 -46.53
CA CYS A 254 -5.87 -34.35 -45.88
C CYS A 254 -5.44 -35.29 -47.00
N SER A 255 -4.45 -36.15 -46.74
CA SER A 255 -3.96 -37.07 -47.76
C SER A 255 -3.78 -38.49 -47.26
N ILE A 256 -4.85 -39.28 -47.32
CA ILE A 256 -4.79 -40.68 -46.90
C ILE A 256 -4.47 -41.58 -48.08
N GLY A 257 -3.18 -41.75 -48.36
CA GLY A 257 -2.76 -42.60 -49.46
C GLY A 257 -2.78 -41.93 -50.83
N GLY A 258 -2.15 -40.77 -50.94
CA GLY A 258 -2.11 -40.07 -52.21
C GLY A 258 -3.41 -39.41 -52.62
N ILE A 259 -4.51 -39.78 -51.97
CA ILE A 259 -5.81 -39.21 -52.29
C ILE A 259 -6.04 -37.91 -51.51
N HIS A 260 -6.48 -36.88 -52.21
CA HIS A 260 -6.74 -35.58 -51.59
C HIS A 260 -7.32 -34.65 -52.64
N GLU A 261 -8.11 -33.66 -52.21
CA GLU A 261 -8.69 -32.73 -53.15
C GLU A 261 -7.95 -31.40 -53.12
N ASP A 262 -8.01 -30.67 -54.23
CA ASP A 262 -7.36 -29.36 -54.33
C ASP A 262 -7.93 -28.42 -53.29
N TYR A 263 -7.08 -27.57 -52.73
CA TYR A 263 -7.56 -26.62 -51.73
C TYR A 263 -8.64 -25.72 -52.32
N GLN A 264 -9.70 -25.51 -51.56
CA GLN A 264 -10.81 -24.68 -52.01
C GLN A 264 -11.47 -23.96 -50.85
N LEU A 265 -12.00 -22.78 -51.13
CA LEU A 265 -12.68 -21.98 -50.11
C LEU A 265 -14.11 -22.46 -50.03
N PRO A 266 -14.72 -22.38 -48.83
CA PRO A 266 -16.10 -22.81 -48.66
C PRO A 266 -17.01 -22.18 -49.70
N TYR A 267 -17.95 -22.95 -50.23
CA TYR A 267 -18.87 -22.43 -51.23
C TYR A 267 -18.12 -21.90 -52.46
N TYR A 268 -17.10 -22.63 -52.90
CA TYR A 268 -16.32 -22.19 -54.05
C TYR A 268 -17.04 -22.47 -55.36
N ASP A 269 -17.63 -23.66 -55.44
CA ASP A 269 -18.34 -24.10 -56.62
C ASP A 269 -19.74 -23.49 -56.74
N LEU A 270 -20.20 -22.83 -55.68
CA LEU A 270 -21.53 -22.23 -55.69
C LEU A 270 -21.50 -20.73 -55.97
N VAL A 271 -20.99 -19.95 -55.01
CA VAL A 271 -20.92 -18.50 -55.15
C VAL A 271 -19.60 -18.06 -55.78
N PRO A 272 -19.64 -16.98 -56.58
CA PRO A 272 -18.46 -16.43 -57.26
C PRO A 272 -17.30 -16.11 -56.32
N SER A 273 -16.18 -15.70 -56.90
CA SER A 273 -15.01 -15.34 -56.11
C SER A 273 -15.32 -14.00 -55.44
N ASP A 274 -15.14 -13.93 -54.13
CA ASP A 274 -15.43 -12.70 -53.39
C ASP A 274 -16.93 -12.45 -53.42
N PRO A 275 -17.70 -13.31 -52.74
CA PRO A 275 -19.17 -13.27 -52.63
C PRO A 275 -19.78 -11.92 -52.25
N SER A 276 -21.09 -11.96 -52.05
CA SER A 276 -21.89 -10.80 -51.66
C SER A 276 -22.82 -11.23 -50.54
N VAL A 277 -23.35 -10.27 -49.79
CA VAL A 277 -24.25 -10.61 -48.69
C VAL A 277 -25.56 -11.19 -49.21
N GLU A 278 -25.90 -10.82 -50.45
CA GLU A 278 -27.12 -11.30 -51.10
C GLU A 278 -26.87 -12.65 -51.75
N GLU A 279 -25.73 -12.78 -52.42
CA GLU A 279 -25.35 -14.01 -53.09
C GLU A 279 -25.09 -15.16 -52.11
N MET A 280 -24.98 -14.81 -50.82
CA MET A 280 -24.75 -15.81 -49.79
C MET A 280 -26.08 -16.16 -49.11
N ARG A 281 -26.91 -15.15 -48.86
CA ARG A 281 -28.21 -15.37 -48.23
C ARG A 281 -28.97 -16.40 -49.05
N LYS A 282 -28.67 -16.43 -50.34
CA LYS A 282 -29.30 -17.35 -51.27
C LYS A 282 -28.77 -18.77 -51.06
N VAL A 283 -27.53 -18.99 -51.47
CA VAL A 283 -26.88 -20.29 -51.36
C VAL A 283 -26.93 -20.91 -49.97
N VAL A 284 -26.92 -20.07 -48.93
CA VAL A 284 -26.92 -20.59 -47.56
C VAL A 284 -28.29 -20.67 -46.89
N CYS A 285 -28.90 -19.53 -46.60
CA CYS A 285 -30.20 -19.50 -45.93
C CYS A 285 -31.25 -20.30 -46.69
N GLU A 286 -31.71 -19.72 -47.79
CA GLU A 286 -32.73 -20.35 -48.63
C GLU A 286 -32.33 -21.76 -49.03
N GLN A 287 -31.66 -21.88 -50.18
CA GLN A 287 -31.21 -23.16 -50.70
C GLN A 287 -30.57 -24.09 -49.67
N LYS A 288 -30.35 -23.57 -48.47
CA LYS A 288 -29.73 -24.32 -47.37
C LYS A 288 -28.65 -25.27 -47.86
N LEU A 289 -27.59 -24.69 -48.44
CA LEU A 289 -26.48 -25.47 -48.98
C LEU A 289 -25.22 -25.36 -48.13
N ARG A 290 -24.49 -26.46 -48.02
CA ARG A 290 -23.26 -26.53 -47.24
C ARG A 290 -22.16 -27.19 -48.05
N PRO A 291 -20.89 -26.93 -47.70
CA PRO A 291 -19.75 -27.52 -48.41
C PRO A 291 -19.95 -29.00 -48.65
N ASN A 292 -19.82 -29.41 -49.91
CA ASN A 292 -20.00 -30.80 -50.27
C ASN A 292 -18.98 -31.70 -49.59
N ILE A 293 -19.47 -32.47 -48.62
CA ILE A 293 -18.66 -33.41 -47.87
C ILE A 293 -18.37 -34.60 -48.76
N PRO A 294 -17.15 -34.70 -49.29
CA PRO A 294 -16.78 -35.82 -50.17
C PRO A 294 -17.44 -37.12 -49.73
N ASN A 295 -17.98 -37.84 -50.70
CA ASN A 295 -18.62 -39.11 -50.43
C ASN A 295 -17.62 -40.05 -49.77
N ARG A 296 -16.60 -40.44 -50.53
CA ARG A 296 -15.55 -41.33 -50.08
C ARG A 296 -14.85 -40.86 -48.80
N TRP A 297 -15.36 -39.80 -48.20
CA TRP A 297 -14.78 -39.25 -46.97
C TRP A 297 -15.06 -40.16 -45.78
N GLN A 298 -15.73 -41.28 -46.02
CA GLN A 298 -16.05 -42.21 -44.95
C GLN A 298 -15.05 -43.36 -44.86
N SER A 299 -13.79 -43.07 -45.14
CA SER A 299 -12.74 -44.08 -45.10
C SER A 299 -12.19 -44.25 -43.68
N CYS A 300 -11.56 -43.19 -43.18
CA CYS A 300 -10.97 -43.21 -41.85
C CYS A 300 -11.99 -42.84 -40.78
N GLU A 301 -11.84 -43.44 -39.59
CA GLU A 301 -12.75 -43.17 -38.49
C GLU A 301 -12.70 -41.69 -38.12
N ALA A 302 -11.49 -41.17 -37.96
CA ALA A 302 -11.30 -39.76 -37.62
C ALA A 302 -11.80 -38.84 -38.73
N LEU A 303 -11.44 -39.13 -39.96
CA LEU A 303 -11.86 -38.31 -41.09
C LEU A 303 -13.38 -38.15 -41.07
N ARG A 304 -14.09 -39.15 -40.55
CA ARG A 304 -15.54 -39.08 -40.48
C ARG A 304 -15.99 -38.26 -39.27
N VAL A 305 -15.32 -38.45 -38.13
CA VAL A 305 -15.65 -37.71 -36.92
C VAL A 305 -15.74 -36.22 -37.24
N MET A 306 -14.85 -35.78 -38.13
CA MET A 306 -14.80 -34.39 -38.56
C MET A 306 -16.11 -33.99 -39.22
N ALA A 307 -16.45 -34.69 -40.30
CA ALA A 307 -17.68 -34.42 -41.04
C ALA A 307 -18.88 -34.43 -40.10
N LYS A 308 -18.83 -35.29 -39.10
CA LYS A 308 -19.90 -35.40 -38.12
C LYS A 308 -20.03 -34.02 -37.48
N ILE A 309 -18.90 -33.50 -37.01
CA ILE A 309 -18.85 -32.18 -36.38
C ILE A 309 -19.20 -31.10 -37.40
N MET A 310 -18.58 -31.14 -38.58
CA MET A 310 -18.84 -30.17 -39.64
C MET A 310 -20.35 -30.01 -39.83
N ARG A 311 -21.07 -31.12 -39.73
CA ARG A 311 -22.52 -31.13 -39.90
C ARG A 311 -23.19 -30.51 -38.67
N GLU A 312 -22.62 -30.79 -37.50
CA GLU A 312 -23.14 -30.29 -36.23
C GLU A 312 -22.72 -28.85 -35.96
N CYS A 313 -22.18 -28.19 -36.98
CA CYS A 313 -21.73 -26.80 -36.86
C CYS A 313 -22.48 -25.96 -37.89
N TRP A 314 -22.83 -26.60 -38.99
CA TRP A 314 -23.51 -25.91 -40.07
C TRP A 314 -25.04 -25.85 -39.95
N TYR A 315 -25.55 -26.33 -38.82
CA TYR A 315 -27.00 -26.31 -38.60
C TYR A 315 -27.53 -24.91 -38.85
N ALA A 316 -28.56 -24.82 -39.69
CA ALA A 316 -29.17 -23.54 -40.02
C ALA A 316 -29.66 -22.87 -38.73
N ASN A 317 -29.61 -23.61 -37.62
CA ASN A 317 -30.05 -23.07 -36.35
C ASN A 317 -28.87 -22.98 -35.40
N GLY A 318 -28.54 -21.76 -34.99
CA GLY A 318 -27.43 -21.56 -34.09
C GLY A 318 -27.49 -22.37 -32.82
N ALA A 319 -28.67 -22.41 -32.21
CA ALA A 319 -28.88 -23.13 -30.97
C ALA A 319 -28.57 -24.64 -31.04
N ALA A 320 -28.63 -25.20 -32.24
CA ALA A 320 -28.38 -26.62 -32.40
C ALA A 320 -26.91 -26.99 -32.50
N ARG A 321 -26.10 -26.07 -33.01
CA ARG A 321 -24.66 -26.32 -33.19
C ARG A 321 -23.94 -26.67 -31.91
N LEU A 322 -22.85 -27.41 -32.07
CA LEU A 322 -22.01 -27.81 -30.95
C LEU A 322 -21.41 -26.60 -30.27
N THR A 323 -20.37 -26.84 -29.48
CA THR A 323 -19.68 -25.76 -28.79
C THR A 323 -18.19 -26.04 -28.90
N ALA A 324 -17.39 -24.98 -28.88
CA ALA A 324 -15.96 -25.14 -28.99
C ALA A 324 -15.49 -26.19 -27.99
N LEU A 325 -15.91 -26.02 -26.74
CA LEU A 325 -15.53 -26.95 -25.68
C LEU A 325 -15.84 -28.39 -26.06
N ARG A 326 -17.10 -28.65 -26.37
CA ARG A 326 -17.52 -30.00 -26.77
C ARG A 326 -16.62 -30.48 -27.91
N ILE A 327 -16.59 -29.71 -29.00
CA ILE A 327 -15.75 -30.05 -30.16
C ILE A 327 -14.32 -30.32 -29.73
N LYS A 328 -13.86 -29.57 -28.73
CA LYS A 328 -12.51 -29.73 -28.21
C LYS A 328 -12.38 -31.12 -27.60
N LYS A 329 -13.35 -31.45 -26.75
CA LYS A 329 -13.36 -32.73 -26.05
C LYS A 329 -13.35 -33.93 -27.00
N THR A 330 -14.36 -34.02 -27.86
CA THR A 330 -14.42 -35.13 -28.80
C THR A 330 -13.17 -35.20 -29.67
N LEU A 331 -12.55 -34.04 -29.91
CA LEU A 331 -11.35 -33.98 -30.72
C LEU A 331 -10.14 -34.37 -29.90
N SER A 332 -10.14 -33.93 -28.64
CA SER A 332 -9.05 -34.26 -27.74
C SER A 332 -9.09 -35.77 -27.52
N GLN A 333 -10.30 -36.32 -27.63
CA GLN A 333 -10.50 -37.75 -27.46
C GLN A 333 -9.90 -38.48 -28.65
N LEU A 334 -10.39 -38.12 -29.84
CA LEU A 334 -9.89 -38.73 -31.08
C LEU A 334 -8.38 -38.68 -31.11
N SER A 335 -7.81 -37.70 -30.41
CA SER A 335 -6.37 -37.55 -30.35
C SER A 335 -5.77 -38.75 -29.61
N GLN A 336 -6.53 -39.24 -28.63
CA GLN A 336 -6.11 -40.37 -27.83
C GLN A 336 -6.18 -41.68 -28.60
N GLN A 337 -7.38 -42.08 -28.97
CA GLN A 337 -7.57 -43.32 -29.71
C GLN A 337 -6.76 -43.34 -31.00
N GLU A 338 -7.14 -42.50 -31.95
CA GLU A 338 -6.45 -42.40 -33.23
C GLU A 338 -5.00 -42.00 -33.01
N GLY A 339 -4.19 -42.12 -34.06
CA GLY A 339 -2.78 -41.75 -33.99
C GLY A 339 -1.99 -42.44 -32.88
N ILE B 10 24.49 7.61 -0.99
CA ILE B 10 25.43 6.99 0.01
C ILE B 10 26.19 8.08 0.77
N SER B 11 25.97 8.16 2.07
CA SER B 11 26.62 9.19 2.86
C SER B 11 28.01 8.85 3.38
N GLU B 12 28.69 9.87 3.88
CA GLU B 12 30.03 9.78 4.42
C GLU B 12 30.11 8.70 5.50
N GLY B 13 31.25 8.02 5.60
CA GLY B 13 31.43 7.00 6.61
C GLY B 13 30.83 5.64 6.33
N THR B 14 29.93 5.57 5.35
CA THR B 14 29.30 4.31 4.98
C THR B 14 30.34 3.36 4.38
N THR B 15 30.20 2.08 4.66
CA THR B 15 31.14 1.08 4.13
C THR B 15 30.37 0.02 3.36
N LEU B 16 31.10 -0.75 2.55
CA LEU B 16 30.50 -1.82 1.77
C LEU B 16 29.73 -2.77 2.72
N LYS B 17 30.40 -3.14 3.80
CA LYS B 17 29.83 -4.03 4.82
C LYS B 17 28.46 -3.50 5.22
N ASP B 18 28.42 -2.22 5.56
CA ASP B 18 27.19 -1.56 5.95
C ASP B 18 26.06 -1.77 4.94
N LEU B 19 26.36 -1.58 3.66
CA LEU B 19 25.35 -1.75 2.62
C LEU B 19 24.94 -3.22 2.49
N ILE B 20 25.94 -4.09 2.40
CA ILE B 20 25.69 -5.53 2.26
C ILE B 20 24.76 -6.00 3.37
N TYR B 21 25.07 -5.60 4.59
CA TYR B 21 24.28 -5.96 5.76
C TYR B 21 22.86 -5.43 5.64
N ASP B 22 22.71 -4.25 5.04
CA ASP B 22 21.39 -3.64 4.91
C ASP B 22 20.45 -4.32 3.94
N MET B 23 20.90 -4.61 2.72
CA MET B 23 20.00 -5.26 1.78
C MET B 23 19.54 -6.57 2.40
N THR B 24 20.48 -7.28 3.04
CA THR B 24 20.17 -8.55 3.69
C THR B 24 19.05 -8.37 4.70
N THR B 25 19.44 -8.01 5.92
CA THR B 25 18.51 -7.81 7.03
C THR B 25 17.32 -6.89 6.75
N SER B 26 17.27 -6.31 5.55
CA SER B 26 16.18 -5.40 5.22
C SER B 26 15.69 -5.59 3.78
N GLY B 27 16.52 -5.19 2.83
CA GLY B 27 16.23 -5.28 1.40
C GLY B 27 15.00 -6.07 0.97
N SER B 28 14.87 -7.31 1.45
CA SER B 28 13.74 -8.15 1.11
C SER B 28 13.68 -8.34 -0.41
N GLY B 29 14.85 -8.37 -1.03
CA GLY B 29 14.91 -8.54 -2.47
C GLY B 29 16.23 -9.07 -2.98
N SER B 30 16.53 -8.79 -4.24
CA SER B 30 17.75 -9.24 -4.90
C SER B 30 18.99 -8.33 -4.74
N GLY B 31 18.76 -7.01 -4.75
CA GLY B 31 19.88 -6.09 -4.62
C GLY B 31 19.54 -4.71 -4.06
N LEU B 32 20.41 -3.75 -4.32
CA LEU B 32 20.24 -2.38 -3.86
C LEU B 32 19.65 -1.56 -4.99
N PRO B 33 19.24 -0.32 -4.68
CA PRO B 33 18.66 0.59 -5.67
C PRO B 33 19.61 0.83 -6.82
N LEU B 34 19.12 0.70 -8.05
CA LEU B 34 19.94 0.90 -9.23
C LEU B 34 20.84 2.11 -9.06
N LEU B 35 20.31 3.14 -8.42
CA LEU B 35 21.07 4.36 -8.20
C LEU B 35 22.29 4.08 -7.33
N VAL B 36 22.06 3.39 -6.22
CA VAL B 36 23.17 3.05 -5.34
C VAL B 36 24.17 2.19 -6.09
N GLN B 37 23.67 1.26 -6.89
CA GLN B 37 24.54 0.38 -7.68
C GLN B 37 25.42 1.25 -8.56
N ARG B 38 24.79 2.11 -9.36
CA ARG B 38 25.53 3.01 -10.24
C ARG B 38 26.56 3.82 -9.45
N THR B 39 26.18 4.35 -8.31
CA THR B 39 27.14 5.12 -7.55
C THR B 39 28.35 4.27 -7.13
N ILE B 40 28.10 3.01 -6.78
CA ILE B 40 29.17 2.13 -6.35
C ILE B 40 30.08 1.94 -7.55
N ALA B 41 29.49 1.44 -8.63
CA ALA B 41 30.26 1.18 -9.83
C ALA B 41 31.14 2.34 -10.26
N ARG B 42 30.54 3.49 -10.51
CA ARG B 42 31.28 4.66 -10.97
C ARG B 42 32.15 5.31 -9.93
N THR B 43 32.25 4.70 -8.76
CA THR B 43 33.07 5.30 -7.75
C THR B 43 34.15 4.34 -7.20
N ILE B 44 34.22 3.15 -7.79
CA ILE B 44 35.22 2.12 -7.42
C ILE B 44 36.56 2.51 -8.02
N VAL B 45 37.64 2.16 -7.36
CA VAL B 45 38.96 2.46 -7.90
C VAL B 45 39.62 1.14 -8.28
N LEU B 46 39.75 0.89 -9.58
CA LEU B 46 40.35 -0.35 -10.03
C LEU B 46 41.79 -0.49 -9.53
N GLN B 47 42.16 -1.69 -9.11
CA GLN B 47 43.52 -1.97 -8.63
C GLN B 47 44.33 -2.51 -9.80
N GLU B 48 43.93 -3.66 -10.30
CA GLU B 48 44.61 -4.28 -11.43
C GLU B 48 43.96 -5.59 -11.83
N SER B 49 44.10 -5.93 -13.11
CA SER B 49 43.53 -7.13 -13.68
C SER B 49 43.94 -8.39 -12.92
N ILE B 50 43.06 -9.37 -12.88
CA ILE B 50 43.39 -10.60 -12.18
C ILE B 50 42.80 -11.85 -12.85
N GLY B 51 42.53 -11.76 -14.14
CA GLY B 51 41.97 -12.91 -14.82
C GLY B 51 41.01 -12.59 -15.94
N LYS B 52 41.33 -13.09 -17.13
CA LYS B 52 40.50 -12.87 -18.31
C LYS B 52 39.80 -14.17 -18.67
N GLY B 53 38.58 -14.35 -18.16
CA GLY B 53 37.82 -15.56 -18.45
C GLY B 53 37.07 -15.57 -19.78
N ARG B 54 36.07 -16.46 -19.86
CA ARG B 54 35.24 -16.63 -21.06
C ARG B 54 34.74 -15.31 -21.67
N PHE B 55 34.13 -14.47 -20.85
CA PHE B 55 33.62 -13.18 -21.31
C PHE B 55 34.15 -12.12 -20.37
N GLY B 56 34.73 -11.08 -20.94
CA GLY B 56 35.27 -10.00 -20.13
C GLY B 56 36.39 -10.37 -19.17
N GLU B 57 37.08 -9.35 -18.70
CA GLU B 57 38.20 -9.48 -17.77
C GLU B 57 37.73 -9.29 -16.34
N VAL B 58 38.37 -9.97 -15.40
CA VAL B 58 38.01 -9.81 -14.00
C VAL B 58 39.08 -8.97 -13.31
N TRP B 59 38.64 -7.98 -12.54
CA TRP B 59 39.55 -7.09 -11.85
C TRP B 59 39.30 -7.02 -10.36
N ARG B 60 40.35 -6.73 -9.61
CA ARG B 60 40.23 -6.53 -8.18
C ARG B 60 40.11 -5.02 -8.11
N GLY B 61 39.22 -4.52 -7.27
CA GLY B 61 39.07 -3.08 -7.14
C GLY B 61 38.70 -2.76 -5.72
N LYS B 62 38.73 -1.47 -5.38
CA LYS B 62 38.38 -1.04 -4.03
C LYS B 62 37.29 0.01 -4.03
N TRP B 63 36.37 -0.11 -3.07
CA TRP B 63 35.31 0.87 -2.90
C TRP B 63 35.50 1.46 -1.53
N ARG B 64 35.96 2.71 -1.50
CA ARG B 64 36.23 3.42 -0.25
C ARG B 64 37.13 2.55 0.59
N GLY B 65 38.16 2.00 -0.04
CA GLY B 65 39.08 1.17 0.69
C GLY B 65 38.80 -0.32 0.73
N GLU B 66 37.54 -0.72 0.83
CA GLU B 66 37.20 -2.12 0.88
C GLU B 66 37.39 -2.79 -0.48
N GLU B 67 37.88 -4.03 -0.48
CA GLU B 67 38.11 -4.76 -1.72
C GLU B 67 36.82 -5.27 -2.33
N VAL B 68 36.80 -5.34 -3.65
CA VAL B 68 35.62 -5.77 -4.37
C VAL B 68 36.08 -6.38 -5.71
N ALA B 69 35.27 -7.25 -6.30
CA ALA B 69 35.68 -7.82 -7.58
C ALA B 69 34.83 -7.22 -8.68
N VAL B 70 35.47 -6.87 -9.78
CA VAL B 70 34.77 -6.24 -10.89
C VAL B 70 35.03 -6.99 -12.19
N LYS B 71 33.96 -7.46 -12.83
CA LYS B 71 34.11 -8.15 -14.10
C LYS B 71 33.68 -7.17 -15.20
N ILE B 72 34.61 -6.77 -16.06
CA ILE B 72 34.25 -5.82 -17.10
C ILE B 72 34.24 -6.43 -18.50
N PHE B 73 33.04 -6.45 -19.10
CA PHE B 73 32.82 -6.99 -20.43
C PHE B 73 33.14 -5.97 -21.49
N SER B 74 33.52 -6.43 -22.68
CA SER B 74 33.78 -5.47 -23.75
C SER B 74 32.43 -4.92 -24.16
N SER B 75 32.04 -5.06 -25.42
CA SER B 75 30.75 -4.54 -25.82
C SER B 75 29.97 -5.66 -26.47
N ARG B 76 30.72 -6.53 -27.15
CA ARG B 76 30.16 -7.67 -27.84
C ARG B 76 29.60 -8.69 -26.87
N GLU B 77 30.21 -8.80 -25.70
CA GLU B 77 29.74 -9.75 -24.72
C GLU B 77 28.54 -9.20 -23.97
N GLU B 78 27.88 -8.17 -24.50
CA GLU B 78 26.74 -7.59 -23.82
C GLU B 78 25.67 -8.61 -23.37
N ARG B 79 25.47 -9.68 -24.13
CA ARG B 79 24.47 -10.67 -23.74
C ARG B 79 24.88 -11.47 -22.49
N SER B 80 26.16 -11.74 -22.34
CA SER B 80 26.63 -12.47 -21.17
C SER B 80 26.40 -11.52 -20.00
N TRP B 81 26.81 -10.26 -20.19
CA TRP B 81 26.63 -9.25 -19.17
C TRP B 81 25.18 -9.22 -18.72
N PHE B 82 24.28 -9.10 -19.69
CA PHE B 82 22.87 -9.04 -19.36
C PHE B 82 22.29 -10.23 -18.60
N ARG B 83 22.62 -11.44 -19.04
CA ARG B 83 22.11 -12.64 -18.39
C ARG B 83 22.52 -12.73 -16.95
N GLU B 84 23.82 -12.69 -16.72
CA GLU B 84 24.31 -12.77 -15.35
C GLU B 84 23.66 -11.65 -14.55
N ALA B 85 23.61 -10.46 -15.13
CA ALA B 85 23.01 -9.33 -14.45
C ALA B 85 21.56 -9.62 -14.12
N GLU B 86 20.80 -10.00 -15.14
CA GLU B 86 19.39 -10.31 -14.95
C GLU B 86 19.13 -11.44 -13.96
N ILE B 87 19.80 -12.58 -14.14
CA ILE B 87 19.59 -13.66 -13.21
C ILE B 87 19.94 -13.30 -11.77
N TYR B 88 21.10 -12.70 -11.54
CA TYR B 88 21.47 -12.33 -10.16
C TYR B 88 20.42 -11.47 -9.48
N GLN B 89 19.64 -10.74 -10.25
CA GLN B 89 18.64 -9.91 -9.63
C GLN B 89 17.29 -10.63 -9.47
N THR B 90 17.36 -11.89 -9.01
CA THR B 90 16.17 -12.72 -8.77
C THR B 90 15.84 -12.69 -7.28
N VAL B 91 14.56 -12.59 -7.00
CA VAL B 91 14.04 -12.51 -5.63
C VAL B 91 14.87 -13.19 -4.54
N MET B 92 15.23 -14.45 -4.73
CA MET B 92 15.98 -15.16 -3.69
C MET B 92 17.27 -15.86 -4.12
N LEU B 93 18.08 -15.21 -4.96
CA LEU B 93 19.32 -15.83 -5.38
C LEU B 93 20.40 -15.67 -4.31
N ARG B 94 20.42 -14.51 -3.63
CA ARG B 94 21.42 -14.29 -2.58
C ARG B 94 21.44 -15.51 -1.64
N HIS B 95 22.59 -16.18 -1.57
CA HIS B 95 22.74 -17.36 -0.71
C HIS B 95 24.19 -17.55 -0.33
N GLU B 96 24.41 -17.86 0.93
CA GLU B 96 25.75 -18.06 1.46
C GLU B 96 26.76 -18.77 0.55
N ASN B 97 26.32 -19.74 -0.24
CA ASN B 97 27.23 -20.47 -1.10
C ASN B 97 27.16 -20.09 -2.60
N ILE B 98 26.78 -18.85 -2.86
CA ILE B 98 26.69 -18.32 -4.22
C ILE B 98 27.34 -16.94 -4.24
N LEU B 99 28.25 -16.70 -5.17
CA LEU B 99 28.93 -15.41 -5.24
C LEU B 99 27.97 -14.26 -5.03
N GLY B 100 28.25 -13.45 -4.00
CA GLY B 100 27.42 -12.31 -3.67
C GLY B 100 27.48 -11.17 -4.66
N PHE B 101 26.32 -10.85 -5.22
CA PHE B 101 26.13 -9.76 -6.19
C PHE B 101 26.13 -8.44 -5.44
N ILE B 102 26.78 -7.42 -6.01
CA ILE B 102 26.81 -6.10 -5.40
C ILE B 102 26.15 -5.10 -6.33
N ALA B 103 26.65 -4.98 -7.57
CA ALA B 103 26.06 -4.03 -8.51
C ALA B 103 26.32 -4.35 -9.97
N ALA B 104 25.56 -3.67 -10.85
CA ALA B 104 25.71 -3.81 -12.31
C ALA B 104 25.56 -2.40 -12.85
N ASP B 105 26.32 -2.05 -13.90
CA ASP B 105 26.23 -0.71 -14.47
C ASP B 105 26.75 -0.69 -15.91
N ASN B 106 26.35 0.32 -16.67
CA ASN B 106 26.82 0.53 -18.04
C ASN B 106 27.19 2.01 -18.12
N LYS B 107 28.21 2.38 -18.90
CA LYS B 107 28.65 3.77 -18.91
C LYS B 107 28.65 4.63 -20.17
N ASP B 108 29.05 4.06 -21.31
CA ASP B 108 29.11 4.87 -22.52
C ASP B 108 27.87 4.58 -23.34
N ASN B 109 28.08 4.50 -24.65
CA ASN B 109 27.04 4.16 -25.59
C ASN B 109 27.76 3.75 -26.86
N GLY B 110 27.01 3.19 -27.80
CA GLY B 110 27.63 2.76 -29.03
C GLY B 110 28.72 1.75 -28.80
N THR B 111 29.63 1.71 -29.77
CA THR B 111 30.76 0.81 -29.78
C THR B 111 31.61 0.80 -28.53
N TRP B 112 31.58 1.90 -27.78
CA TRP B 112 32.37 2.00 -26.57
C TRP B 112 31.58 1.80 -25.29
N THR B 113 30.41 1.20 -25.41
CA THR B 113 29.58 0.93 -24.24
C THR B 113 30.41 0.09 -23.27
N GLN B 114 30.48 0.50 -22.00
CA GLN B 114 31.23 -0.24 -21.00
C GLN B 114 30.29 -0.94 -20.00
N LEU B 115 30.29 -2.26 -19.98
CA LEU B 115 29.40 -3.00 -19.08
C LEU B 115 30.16 -3.62 -17.92
N TRP B 116 29.68 -3.36 -16.70
CA TRP B 116 30.34 -3.89 -15.51
C TRP B 116 29.44 -4.75 -14.64
N LEU B 117 30.10 -5.56 -13.83
CA LEU B 117 29.47 -6.46 -12.89
C LEU B 117 30.37 -6.37 -11.65
N VAL B 118 29.78 -6.18 -10.47
CA VAL B 118 30.55 -6.05 -9.24
C VAL B 118 30.06 -7.04 -8.19
N SER B 119 30.98 -7.80 -7.61
CA SER B 119 30.65 -8.81 -6.60
C SER B 119 31.60 -8.75 -5.41
N ASP B 120 31.38 -9.63 -4.44
CA ASP B 120 32.27 -9.70 -3.30
C ASP B 120 33.63 -10.15 -3.79
N TYR B 121 34.64 -9.86 -3.00
CA TYR B 121 36.00 -10.25 -3.32
C TYR B 121 36.39 -11.34 -2.34
N HIS B 122 37.11 -12.34 -2.83
CA HIS B 122 37.56 -13.41 -1.97
C HIS B 122 39.03 -13.57 -2.27
N GLU B 123 39.88 -13.22 -1.30
CA GLU B 123 41.31 -13.30 -1.49
C GLU B 123 41.80 -14.67 -1.97
N HIS B 124 41.23 -15.74 -1.46
CA HIS B 124 41.67 -17.07 -1.89
C HIS B 124 41.45 -17.34 -3.37
N GLY B 125 40.61 -16.54 -4.02
CA GLY B 125 40.38 -16.76 -5.44
C GLY B 125 39.58 -18.00 -5.76
N SER B 126 39.64 -18.42 -7.03
CA SER B 126 38.91 -19.57 -7.51
C SER B 126 39.32 -20.89 -6.89
N LEU B 127 38.38 -21.81 -6.77
CA LEU B 127 38.65 -23.13 -6.21
C LEU B 127 39.82 -23.75 -6.99
N PHE B 128 39.87 -23.47 -8.28
CA PHE B 128 40.94 -23.99 -9.12
C PHE B 128 42.28 -23.45 -8.66
N ASP B 129 42.36 -22.14 -8.46
CA ASP B 129 43.61 -21.53 -7.99
C ASP B 129 43.98 -22.08 -6.62
N TYR B 130 43.01 -22.10 -5.73
CA TYR B 130 43.18 -22.59 -4.37
C TYR B 130 43.75 -24.02 -4.30
N LEU B 131 43.07 -24.97 -4.95
CA LEU B 131 43.52 -26.37 -4.97
C LEU B 131 44.94 -26.54 -5.52
N ASN B 132 45.33 -25.70 -6.46
CA ASN B 132 46.68 -25.75 -7.02
C ASN B 132 47.70 -25.26 -6.00
N ARG B 133 47.30 -24.32 -5.16
CA ARG B 133 48.16 -23.71 -4.15
C ARG B 133 48.31 -24.51 -2.87
N TYR B 134 47.22 -25.10 -2.40
CA TYR B 134 47.23 -25.83 -1.15
C TYR B 134 46.73 -27.26 -1.27
N THR B 135 46.76 -27.95 -0.13
CA THR B 135 46.26 -29.29 -0.03
C THR B 135 45.23 -29.05 1.05
N VAL B 136 44.28 -29.95 1.24
CA VAL B 136 43.27 -29.75 2.25
C VAL B 136 43.20 -30.96 3.17
N THR B 137 42.83 -30.71 4.41
CA THR B 137 42.69 -31.80 5.37
C THR B 137 41.36 -32.50 5.08
N VAL B 138 40.97 -33.47 5.88
CA VAL B 138 39.72 -34.13 5.61
C VAL B 138 38.54 -33.23 5.93
N GLU B 139 38.71 -32.41 6.95
CA GLU B 139 37.65 -31.47 7.31
C GLU B 139 37.54 -30.42 6.18
N GLY B 140 38.69 -29.97 5.69
CA GLY B 140 38.70 -29.00 4.62
C GLY B 140 37.89 -29.49 3.44
N MET B 141 38.28 -30.65 2.93
CA MET B 141 37.60 -31.27 1.80
C MET B 141 36.09 -31.32 2.04
N ILE B 142 35.66 -31.89 3.16
CA ILE B 142 34.23 -31.97 3.44
C ILE B 142 33.62 -30.58 3.36
N LYS B 143 34.29 -29.59 3.97
CA LYS B 143 33.80 -28.22 3.96
C LYS B 143 33.68 -27.70 2.54
N LEU B 144 34.72 -27.90 1.75
CA LEU B 144 34.69 -27.43 0.37
C LEU B 144 33.56 -28.09 -0.38
N ALA B 145 33.40 -29.39 -0.23
CA ALA B 145 32.37 -30.12 -0.95
C ALA B 145 30.94 -29.83 -0.52
N LEU B 146 30.69 -29.75 0.79
CA LEU B 146 29.33 -29.48 1.28
C LEU B 146 28.82 -28.12 0.80
N SER B 147 29.68 -27.12 0.81
CA SER B 147 29.27 -25.80 0.40
C SER B 147 28.94 -25.76 -1.09
N THR B 148 29.74 -26.43 -1.92
CA THR B 148 29.43 -26.43 -3.34
C THR B 148 28.07 -27.08 -3.59
N ALA B 149 27.86 -28.24 -2.96
CA ALA B 149 26.62 -28.95 -3.11
C ALA B 149 25.46 -28.09 -2.58
N SER B 150 25.69 -27.46 -1.43
CA SER B 150 24.67 -26.64 -0.82
C SER B 150 24.27 -25.47 -1.72
N GLY B 151 25.24 -24.91 -2.43
CA GLY B 151 24.95 -23.80 -3.34
C GLY B 151 24.21 -24.25 -4.58
N LEU B 152 24.73 -25.29 -5.23
CA LEU B 152 24.10 -25.81 -6.43
C LEU B 152 22.69 -26.26 -6.07
N ALA B 153 22.56 -26.83 -4.88
CA ALA B 153 21.25 -27.28 -4.47
C ALA B 153 20.33 -26.07 -4.37
N HIS B 154 20.86 -24.93 -3.95
CA HIS B 154 20.01 -23.75 -3.83
C HIS B 154 19.63 -23.21 -5.21
N LEU B 155 20.54 -23.36 -6.16
CA LEU B 155 20.24 -22.90 -7.52
C LEU B 155 19.09 -23.72 -8.09
N HIS B 156 19.28 -25.03 -8.12
CA HIS B 156 18.29 -25.97 -8.65
C HIS B 156 16.93 -25.96 -7.95
N MET B 157 16.86 -25.43 -6.74
CA MET B 157 15.61 -25.43 -5.99
C MET B 157 14.64 -24.34 -6.32
N GLU B 158 13.41 -24.72 -6.69
CA GLU B 158 12.37 -23.76 -7.03
C GLU B 158 11.51 -23.38 -5.84
N ILE B 159 10.99 -22.16 -5.86
CA ILE B 159 10.13 -21.66 -4.79
C ILE B 159 9.12 -20.64 -5.33
N GLY B 164 9.21 -15.95 -3.89
CA GLY B 164 9.51 -17.14 -4.68
C GLY B 164 10.87 -17.08 -5.36
N LYS B 165 11.13 -18.06 -6.23
CA LYS B 165 12.39 -18.15 -6.98
C LYS B 165 12.32 -19.28 -8.00
N PRO B 166 12.79 -19.04 -9.23
CA PRO B 166 12.75 -20.09 -10.24
C PRO B 166 13.88 -21.10 -10.11
N ALA B 167 13.62 -22.33 -10.55
CA ALA B 167 14.65 -23.34 -10.51
C ALA B 167 15.71 -22.85 -11.50
N ILE B 168 16.98 -22.80 -11.09
CA ILE B 168 18.02 -22.34 -12.01
C ILE B 168 19.09 -23.38 -12.25
N ALA B 169 19.49 -23.55 -13.51
CA ALA B 169 20.54 -24.50 -13.85
C ALA B 169 21.76 -23.65 -14.22
N HIS B 170 22.94 -24.11 -13.84
CA HIS B 170 24.17 -23.35 -14.08
C HIS B 170 24.76 -23.48 -15.49
N ARG B 171 24.99 -24.72 -15.92
CA ARG B 171 25.53 -25.02 -17.24
C ARG B 171 27.02 -24.84 -17.46
N ASP B 172 27.73 -24.25 -16.51
CA ASP B 172 29.16 -24.14 -16.67
C ASP B 172 29.89 -24.27 -15.33
N LEU B 173 29.51 -25.30 -14.56
CA LEU B 173 30.12 -25.56 -13.26
C LEU B 173 31.52 -26.13 -13.46
N LYS B 174 32.44 -25.71 -12.61
CA LYS B 174 33.82 -26.16 -12.67
C LYS B 174 34.65 -25.36 -11.67
N SER B 175 35.70 -25.98 -11.14
CA SER B 175 36.55 -25.34 -10.15
C SER B 175 36.90 -23.87 -10.40
N LYS B 176 37.21 -23.51 -11.65
CA LYS B 176 37.55 -22.12 -11.94
C LYS B 176 36.39 -21.15 -11.73
N ASN B 177 35.16 -21.67 -11.67
CA ASN B 177 33.98 -20.86 -11.47
C ASN B 177 33.43 -20.94 -10.05
N ILE B 178 34.33 -21.19 -9.11
CA ILE B 178 33.96 -21.30 -7.70
C ILE B 178 35.02 -20.53 -6.91
N LEU B 179 34.58 -19.75 -5.94
CA LEU B 179 35.53 -19.01 -5.13
C LEU B 179 35.54 -19.69 -3.78
N VAL B 180 36.66 -19.61 -3.07
CA VAL B 180 36.68 -20.19 -1.74
C VAL B 180 36.85 -19.06 -0.72
N LYS B 181 35.93 -18.99 0.24
CA LYS B 181 35.97 -17.98 1.30
C LYS B 181 37.13 -18.27 2.26
N LYS B 182 37.43 -17.33 3.14
CA LYS B 182 38.52 -17.51 4.07
C LYS B 182 38.23 -18.66 5.03
N ASN B 183 36.95 -18.87 5.35
CA ASN B 183 36.62 -19.95 6.28
C ASN B 183 36.66 -21.31 5.60
N GLY B 184 37.34 -21.39 4.45
CA GLY B 184 37.44 -22.65 3.75
C GLY B 184 36.13 -23.12 3.18
N THR B 185 35.22 -22.19 2.97
CA THR B 185 33.91 -22.48 2.42
C THR B 185 33.84 -22.02 0.96
N CYS B 186 32.92 -22.58 0.17
CA CYS B 186 32.80 -22.20 -1.25
C CYS B 186 31.53 -21.47 -1.63
N CYS B 187 31.54 -20.92 -2.83
CA CYS B 187 30.37 -20.25 -3.38
C CYS B 187 30.54 -20.20 -4.89
N ILE B 188 29.47 -20.55 -5.59
CA ILE B 188 29.46 -20.63 -7.04
C ILE B 188 29.34 -19.28 -7.74
N ALA B 189 29.99 -19.15 -8.89
CA ALA B 189 29.96 -17.92 -9.63
C ALA B 189 29.74 -18.13 -11.14
N ASP B 190 29.78 -17.02 -11.89
CA ASP B 190 29.59 -16.99 -13.35
C ASP B 190 28.24 -17.55 -13.83
N LEU B 191 27.21 -16.71 -13.90
CA LEU B 191 25.88 -17.14 -14.34
C LEU B 191 25.54 -16.72 -15.76
N GLY B 192 26.56 -16.57 -16.58
CA GLY B 192 26.34 -16.17 -17.96
C GLY B 192 25.53 -17.15 -18.79
N LEU B 193 25.72 -18.44 -18.55
CA LEU B 193 25.02 -19.48 -19.28
C LEU B 193 23.80 -20.03 -18.54
N ALA B 194 23.55 -19.50 -17.34
CA ALA B 194 22.44 -19.96 -16.52
C ALA B 194 21.10 -19.95 -17.22
N VAL B 195 20.29 -20.98 -16.99
CA VAL B 195 18.97 -21.05 -17.60
C VAL B 195 17.93 -21.12 -16.49
N ARG B 196 16.80 -20.44 -16.68
CA ARG B 196 15.76 -20.45 -15.67
C ARG B 196 14.58 -21.29 -16.11
N HIS B 197 13.78 -21.73 -15.14
CA HIS B 197 12.60 -22.53 -15.42
C HIS B 197 11.48 -22.15 -14.47
N ASP B 198 10.30 -21.96 -15.04
CA ASP B 198 9.13 -21.62 -14.26
C ASP B 198 8.24 -22.87 -14.35
N SER B 199 7.77 -23.37 -13.22
CA SER B 199 6.93 -24.57 -13.21
C SER B 199 5.49 -24.33 -13.68
N ALA B 200 4.93 -23.18 -13.32
CA ALA B 200 3.57 -22.82 -13.70
C ALA B 200 3.33 -22.85 -15.21
N THR B 201 4.21 -22.21 -15.96
CA THR B 201 4.08 -22.15 -17.41
C THR B 201 4.99 -23.17 -18.08
N ASP B 202 5.72 -23.93 -17.27
CA ASP B 202 6.66 -24.92 -17.78
C ASP B 202 7.50 -24.36 -18.93
N THR B 203 8.01 -23.15 -18.73
CA THR B 203 8.83 -22.51 -19.76
C THR B 203 10.21 -22.22 -19.22
N ILE B 204 11.18 -22.09 -20.12
CA ILE B 204 12.55 -21.77 -19.79
C ILE B 204 12.96 -20.60 -20.69
N ASP B 205 13.69 -19.63 -20.14
CA ASP B 205 14.09 -18.48 -20.95
C ASP B 205 15.13 -18.83 -22.01
N ILE B 206 15.65 -20.06 -21.96
CA ILE B 206 16.65 -20.53 -22.91
C ILE B 206 17.60 -19.43 -23.33
N HIS B 210 24.08 -24.17 -30.01
CA HIS B 210 23.21 -23.93 -28.87
C HIS B 210 23.71 -24.72 -27.66
N ARG B 211 24.80 -25.47 -27.85
CA ARG B 211 25.43 -26.23 -26.78
C ARG B 211 26.50 -25.34 -26.16
N VAL B 212 26.53 -25.23 -24.85
CA VAL B 212 27.50 -24.33 -24.21
C VAL B 212 28.29 -24.93 -23.05
N GLY B 213 29.11 -24.09 -22.44
CA GLY B 213 29.91 -24.52 -21.31
C GLY B 213 31.31 -24.93 -21.72
N THR B 214 32.16 -25.20 -20.73
CA THR B 214 33.55 -25.62 -20.95
C THR B 214 33.57 -27.08 -21.38
N LYS B 215 34.34 -27.36 -22.43
CA LYS B 215 34.47 -28.71 -22.99
C LYS B 215 34.70 -29.82 -21.98
N ARG B 216 35.88 -29.77 -21.36
CA ARG B 216 36.29 -30.75 -20.38
C ARG B 216 35.26 -31.11 -19.30
N TYR B 217 34.33 -30.22 -19.00
CA TYR B 217 33.33 -30.53 -17.98
C TYR B 217 31.96 -30.86 -18.56
N MET B 218 31.87 -31.04 -19.87
CA MET B 218 30.59 -31.36 -20.50
C MET B 218 30.07 -32.75 -20.16
N ALA B 219 28.80 -32.81 -19.78
CA ALA B 219 28.14 -34.06 -19.45
C ALA B 219 28.02 -34.90 -20.71
N PRO B 220 27.98 -36.24 -20.56
CA PRO B 220 27.87 -37.19 -21.68
C PRO B 220 26.72 -36.88 -22.63
N GLU B 221 25.54 -36.60 -22.08
CA GLU B 221 24.38 -36.29 -22.91
C GLU B 221 24.62 -35.04 -23.72
N VAL B 222 25.57 -34.22 -23.29
CA VAL B 222 25.86 -32.99 -23.96
C VAL B 222 26.97 -33.20 -24.99
N LEU B 223 27.83 -34.17 -24.74
CA LEU B 223 28.92 -34.46 -25.65
C LEU B 223 28.43 -35.16 -26.92
N ASP B 224 27.28 -35.82 -26.84
CA ASP B 224 26.73 -36.50 -28.00
C ASP B 224 25.32 -35.97 -28.27
N ASP B 225 25.14 -34.68 -28.03
CA ASP B 225 23.87 -33.98 -28.20
C ASP B 225 22.63 -34.86 -28.14
N SER B 226 22.61 -35.81 -27.21
CA SER B 226 21.46 -36.69 -27.07
C SER B 226 20.56 -36.18 -25.94
N ILE B 227 21.00 -35.08 -25.32
CA ILE B 227 20.27 -34.48 -24.22
C ILE B 227 18.96 -33.85 -24.68
N ASN B 228 17.90 -34.09 -23.92
CA ASN B 228 16.60 -33.53 -24.24
C ASN B 228 16.50 -32.11 -23.71
N MET B 229 16.90 -31.15 -24.55
CA MET B 229 16.87 -29.73 -24.16
C MET B 229 15.48 -29.29 -23.73
N LYS B 230 14.47 -30.08 -24.06
CA LYS B 230 13.09 -29.73 -23.73
C LYS B 230 12.73 -29.94 -22.26
N HIS B 231 13.47 -30.80 -21.58
CA HIS B 231 13.20 -31.06 -20.16
C HIS B 231 14.20 -30.34 -19.28
N PHE B 232 13.71 -29.50 -18.39
CA PHE B 232 14.59 -28.75 -17.51
C PHE B 232 15.46 -29.67 -16.66
N GLU B 233 14.84 -30.60 -15.94
CA GLU B 233 15.59 -31.53 -15.10
C GLU B 233 16.83 -32.04 -15.81
N SER B 234 16.79 -32.01 -17.14
CA SER B 234 17.90 -32.47 -17.93
C SER B 234 19.17 -31.63 -17.64
N PHE B 235 18.98 -30.32 -17.49
CA PHE B 235 20.08 -29.39 -17.22
C PHE B 235 20.71 -29.54 -15.85
N LYS B 236 19.90 -29.91 -14.87
CA LYS B 236 20.39 -30.11 -13.52
C LYS B 236 21.27 -31.34 -13.54
N ARG B 237 20.80 -32.40 -14.19
CA ARG B 237 21.59 -33.62 -14.24
C ARG B 237 22.98 -33.34 -14.77
N ALA B 238 23.07 -32.47 -15.75
CA ALA B 238 24.37 -32.13 -16.32
C ALA B 238 25.22 -31.33 -15.32
N ASP B 239 24.56 -30.55 -14.46
CA ASP B 239 25.28 -29.78 -13.47
C ASP B 239 25.95 -30.77 -12.53
N ILE B 240 25.14 -31.67 -12.00
CA ILE B 240 25.58 -32.70 -11.07
C ILE B 240 26.79 -33.47 -11.61
N TYR B 241 26.73 -33.87 -12.88
CA TYR B 241 27.84 -34.59 -13.45
C TYR B 241 29.11 -33.76 -13.35
N ALA B 242 28.98 -32.45 -13.56
CA ALA B 242 30.15 -31.59 -13.51
C ALA B 242 30.61 -31.39 -12.07
N MET B 243 29.65 -31.18 -11.16
CA MET B 243 30.02 -30.97 -9.77
C MET B 243 30.84 -32.18 -9.37
N GLY B 244 30.44 -33.34 -9.89
CA GLY B 244 31.16 -34.57 -9.61
C GLY B 244 32.62 -34.46 -10.00
N LEU B 245 32.87 -33.95 -11.20
CA LEU B 245 34.23 -33.79 -11.67
C LEU B 245 34.99 -32.87 -10.73
N VAL B 246 34.29 -31.91 -10.14
CA VAL B 246 34.91 -30.96 -9.21
C VAL B 246 35.32 -31.72 -7.98
N PHE B 247 34.37 -32.39 -7.34
CA PHE B 247 34.64 -33.18 -6.14
C PHE B 247 35.90 -34.01 -6.35
N TRP B 248 36.07 -34.56 -7.55
CA TRP B 248 37.26 -35.34 -7.83
C TRP B 248 38.53 -34.49 -7.67
N GLU B 249 38.49 -33.25 -8.16
CA GLU B 249 39.63 -32.34 -8.06
C GLU B 249 39.99 -32.02 -6.59
N ILE B 250 38.96 -31.91 -5.75
CA ILE B 250 39.13 -31.59 -4.34
C ILE B 250 39.78 -32.78 -3.62
N ALA B 251 39.14 -33.94 -3.72
CA ALA B 251 39.63 -35.16 -3.09
C ALA B 251 41.09 -35.38 -3.47
N ARG B 252 41.39 -35.25 -4.75
CA ARG B 252 42.73 -35.45 -5.22
C ARG B 252 43.75 -34.66 -4.39
N ARG B 253 43.26 -33.75 -3.55
CA ARG B 253 44.15 -32.92 -2.73
C ARG B 253 43.86 -32.99 -1.24
N CYS B 254 43.14 -34.02 -0.82
CA CYS B 254 42.86 -34.22 0.59
C CYS B 254 44.07 -34.96 1.10
N SER B 255 44.92 -34.24 1.84
CA SER B 255 46.15 -34.83 2.35
C SER B 255 45.99 -35.56 3.67
N ILE B 256 45.94 -36.88 3.61
CA ILE B 256 45.80 -37.71 4.81
C ILE B 256 47.14 -38.35 5.17
N GLY B 257 47.46 -38.32 6.45
CA GLY B 257 48.72 -38.90 6.89
C GLY B 257 49.94 -38.44 6.12
N GLY B 258 49.85 -37.30 5.44
CA GLY B 258 51.00 -36.81 4.69
C GLY B 258 50.99 -37.12 3.19
N ILE B 259 50.26 -38.16 2.80
CA ILE B 259 50.18 -38.56 1.39
C ILE B 259 48.98 -37.89 0.69
N HIS B 260 49.15 -37.58 -0.59
CA HIS B 260 48.11 -36.94 -1.38
C HIS B 260 48.58 -36.80 -2.83
N GLU B 261 47.63 -36.70 -3.75
CA GLU B 261 47.98 -36.52 -5.17
C GLU B 261 48.20 -35.03 -5.43
N ASP B 262 48.76 -34.72 -6.59
CA ASP B 262 48.99 -33.33 -6.98
C ASP B 262 47.78 -32.86 -7.80
N TYR B 263 47.62 -31.55 -7.96
CA TYR B 263 46.46 -31.03 -8.70
C TYR B 263 46.42 -31.38 -10.18
N GLN B 264 45.24 -31.75 -10.64
CA GLN B 264 45.04 -32.08 -12.05
C GLN B 264 43.62 -31.74 -12.44
N LEU B 265 43.41 -31.44 -13.71
CA LEU B 265 42.07 -31.16 -14.24
C LEU B 265 41.46 -32.50 -14.63
N PRO B 266 40.12 -32.59 -14.64
CA PRO B 266 39.50 -33.87 -15.01
C PRO B 266 40.02 -34.33 -16.39
N TYR B 267 40.17 -35.64 -16.56
CA TYR B 267 40.65 -36.19 -17.83
C TYR B 267 42.03 -35.67 -18.28
N TYR B 268 42.80 -35.11 -17.35
CA TYR B 268 44.13 -34.58 -17.62
C TYR B 268 45.04 -35.59 -18.33
N ASP B 269 44.71 -36.86 -18.13
CA ASP B 269 45.49 -37.96 -18.68
C ASP B 269 44.87 -38.60 -19.92
N LEU B 270 43.63 -38.25 -20.22
CA LEU B 270 42.97 -38.85 -21.37
C LEU B 270 42.45 -37.82 -22.37
N VAL B 271 43.14 -36.70 -22.49
CA VAL B 271 42.70 -35.65 -23.39
C VAL B 271 43.74 -34.53 -23.47
N PRO B 272 43.82 -33.85 -24.62
CA PRO B 272 44.74 -32.73 -24.88
C PRO B 272 44.41 -31.49 -24.10
N SER B 273 45.39 -30.59 -23.97
CA SER B 273 45.19 -29.33 -23.26
C SER B 273 44.20 -28.54 -24.10
N ASP B 274 43.03 -28.23 -23.54
CA ASP B 274 41.96 -27.53 -24.26
C ASP B 274 41.40 -28.53 -25.27
N PRO B 275 40.52 -29.41 -24.77
CA PRO B 275 39.85 -30.47 -25.53
C PRO B 275 38.88 -29.94 -26.57
N SER B 276 38.55 -30.79 -27.53
CA SER B 276 37.59 -30.48 -28.58
C SER B 276 36.42 -31.40 -28.29
N VAL B 277 35.21 -30.99 -28.60
CA VAL B 277 34.06 -31.82 -28.31
C VAL B 277 34.21 -33.26 -28.80
N GLU B 278 35.05 -33.46 -29.82
CA GLU B 278 35.25 -34.80 -30.38
C GLU B 278 36.13 -35.66 -29.48
N GLU B 279 37.29 -35.14 -29.10
CA GLU B 279 38.20 -35.86 -28.24
C GLU B 279 37.55 -36.19 -26.90
N MET B 280 36.73 -35.27 -26.42
CA MET B 280 36.04 -35.47 -25.15
C MET B 280 34.99 -36.54 -25.35
N ARG B 281 34.05 -36.27 -26.24
CA ARG B 281 32.98 -37.21 -26.54
C ARG B 281 33.53 -38.64 -26.68
N LYS B 282 34.65 -38.77 -27.38
CA LYS B 282 35.25 -40.08 -27.59
C LYS B 282 35.58 -40.81 -26.29
N VAL B 283 36.08 -40.08 -25.31
CA VAL B 283 36.46 -40.66 -24.03
C VAL B 283 35.27 -40.91 -23.09
N VAL B 284 34.42 -39.90 -22.95
CA VAL B 284 33.26 -39.98 -22.06
C VAL B 284 32.03 -40.75 -22.54
N CYS B 285 31.77 -40.75 -23.84
CA CYS B 285 30.60 -41.45 -24.34
C CYS B 285 30.92 -42.82 -24.93
N GLU B 286 31.92 -42.89 -25.80
CA GLU B 286 32.30 -44.17 -26.40
C GLU B 286 33.09 -44.97 -25.38
N GLN B 287 34.38 -44.66 -25.25
CA GLN B 287 35.24 -45.35 -24.29
C GLN B 287 34.57 -45.44 -22.92
N LYS B 288 33.60 -44.56 -22.67
CA LYS B 288 32.88 -44.54 -21.39
C LYS B 288 33.80 -44.49 -20.18
N LEU B 289 34.85 -43.68 -20.27
CA LEU B 289 35.80 -43.52 -19.17
C LEU B 289 35.43 -42.32 -18.28
N ARG B 290 35.93 -42.35 -17.05
CA ARG B 290 35.72 -41.31 -16.05
C ARG B 290 37.08 -41.06 -15.42
N PRO B 291 37.23 -39.96 -14.68
CA PRO B 291 38.56 -39.77 -14.08
C PRO B 291 38.80 -40.98 -13.18
N ASN B 292 40.05 -41.39 -13.01
CA ASN B 292 40.29 -42.57 -12.19
C ASN B 292 40.33 -42.29 -10.70
N ILE B 293 39.52 -43.05 -9.95
CA ILE B 293 39.46 -42.92 -8.51
C ILE B 293 40.59 -43.74 -7.88
N PRO B 294 41.52 -43.06 -7.19
CA PRO B 294 42.67 -43.69 -6.53
C PRO B 294 42.21 -44.74 -5.55
N ASN B 295 43.03 -45.77 -5.38
CA ASN B 295 42.66 -46.83 -4.46
C ASN B 295 42.87 -46.34 -3.03
N ARG B 296 43.76 -45.37 -2.89
CA ARG B 296 44.05 -44.76 -1.59
C ARG B 296 42.77 -44.23 -0.95
N TRP B 297 41.84 -43.73 -1.76
CA TRP B 297 40.60 -43.18 -1.22
C TRP B 297 39.70 -44.21 -0.57
N GLN B 298 40.22 -45.40 -0.32
CA GLN B 298 39.45 -46.44 0.33
C GLN B 298 39.87 -46.43 1.80
N SER B 299 40.99 -45.76 2.04
CA SER B 299 41.59 -45.59 3.36
C SER B 299 40.59 -45.20 4.46
N CYS B 300 40.07 -43.99 4.35
CA CYS B 300 39.13 -43.49 5.34
C CYS B 300 37.72 -43.30 4.83
N GLU B 301 36.80 -43.20 5.79
CA GLU B 301 35.40 -43.03 5.54
C GLU B 301 35.07 -41.83 4.64
N ALA B 302 35.61 -40.67 5.00
CA ALA B 302 35.35 -39.45 4.24
C ALA B 302 35.62 -39.64 2.76
N LEU B 303 36.84 -40.07 2.42
CA LEU B 303 37.19 -40.28 1.02
C LEU B 303 36.31 -41.35 0.38
N ARG B 304 35.86 -42.32 1.16
CA ARG B 304 35.00 -43.38 0.64
C ARG B 304 33.64 -42.78 0.31
N VAL B 305 33.11 -41.96 1.22
CA VAL B 305 31.83 -41.30 1.00
C VAL B 305 31.92 -40.45 -0.27
N MET B 306 32.98 -39.65 -0.37
CA MET B 306 33.21 -38.79 -1.52
C MET B 306 33.24 -39.60 -2.80
N ALA B 307 34.15 -40.58 -2.85
CA ALA B 307 34.28 -41.45 -4.02
C ALA B 307 32.96 -42.08 -4.47
N LYS B 308 32.07 -42.36 -3.53
CA LYS B 308 30.78 -42.94 -3.92
C LYS B 308 29.99 -41.87 -4.66
N ILE B 309 29.86 -40.70 -4.03
CA ILE B 309 29.13 -39.56 -4.60
C ILE B 309 29.62 -39.31 -6.03
N MET B 310 30.93 -39.35 -6.23
CA MET B 310 31.46 -39.14 -7.56
C MET B 310 30.81 -40.08 -8.56
N ARG B 311 30.83 -41.38 -8.28
CA ARG B 311 30.23 -42.38 -9.16
C ARG B 311 28.74 -42.19 -9.40
N GLU B 312 27.99 -41.87 -8.36
CA GLU B 312 26.57 -41.66 -8.51
C GLU B 312 26.32 -40.23 -9.04
N CYS B 313 27.33 -39.72 -9.73
CA CYS B 313 27.28 -38.41 -10.35
C CYS B 313 27.74 -38.60 -11.79
N TRP B 314 28.64 -39.55 -11.99
CA TRP B 314 29.20 -39.82 -13.31
C TRP B 314 28.48 -40.81 -14.21
N TYR B 315 27.34 -41.32 -13.77
CA TYR B 315 26.54 -42.27 -14.56
C TYR B 315 26.32 -41.69 -15.94
N ALA B 316 26.45 -42.50 -16.97
CA ALA B 316 26.21 -42.02 -18.33
C ALA B 316 24.74 -41.61 -18.45
N ASN B 317 23.89 -42.16 -17.58
CA ASN B 317 22.46 -41.86 -17.59
C ASN B 317 22.07 -40.86 -16.51
N GLY B 318 21.91 -39.61 -16.92
CA GLY B 318 21.55 -38.56 -15.98
C GLY B 318 20.42 -38.85 -15.00
N ALA B 319 19.42 -39.62 -15.43
CA ALA B 319 18.29 -39.90 -14.54
C ALA B 319 18.66 -40.78 -13.35
N ALA B 320 19.83 -41.41 -13.42
CA ALA B 320 20.31 -42.26 -12.33
C ALA B 320 21.23 -41.49 -11.36
N ARG B 321 21.67 -40.29 -11.75
CA ARG B 321 22.56 -39.48 -10.91
C ARG B 321 21.85 -38.94 -9.69
N LEU B 322 22.65 -38.52 -8.71
CA LEU B 322 22.11 -37.98 -7.47
C LEU B 322 21.72 -36.52 -7.66
N THR B 323 20.76 -36.06 -6.86
CA THR B 323 20.34 -34.67 -6.91
C THR B 323 21.25 -33.85 -6.01
N ALA B 324 21.43 -32.57 -6.34
CA ALA B 324 22.28 -31.72 -5.53
C ALA B 324 21.73 -31.71 -4.10
N LEU B 325 20.43 -31.96 -3.96
CA LEU B 325 19.82 -31.97 -2.65
C LEU B 325 20.27 -33.20 -1.85
N ARG B 326 20.30 -34.34 -2.53
CA ARG B 326 20.71 -35.57 -1.89
C ARG B 326 22.15 -35.40 -1.38
N ILE B 327 23.05 -35.01 -2.29
CA ILE B 327 24.45 -34.79 -1.97
C ILE B 327 24.60 -33.86 -0.77
N LYS B 328 23.95 -32.72 -0.85
CA LYS B 328 24.01 -31.73 0.22
C LYS B 328 23.58 -32.39 1.53
N LYS B 329 22.75 -33.42 1.40
CA LYS B 329 22.23 -34.10 2.57
C LYS B 329 23.18 -35.14 3.15
N THR B 330 23.71 -36.01 2.30
CA THR B 330 24.63 -37.02 2.80
C THR B 330 25.96 -36.37 3.21
N LEU B 331 26.33 -35.28 2.54
CA LEU B 331 27.56 -34.58 2.89
C LEU B 331 27.34 -33.81 4.19
N SER B 332 26.09 -33.47 4.47
CA SER B 332 25.77 -32.74 5.68
C SER B 332 25.93 -33.70 6.87
N GLN B 333 25.48 -34.94 6.66
CA GLN B 333 25.53 -35.97 7.70
C GLN B 333 26.97 -36.36 8.00
N LEU B 334 27.77 -36.53 6.94
CA LEU B 334 29.17 -36.90 7.11
C LEU B 334 29.85 -35.84 7.95
N SER B 335 29.45 -34.60 7.72
CA SER B 335 29.99 -33.45 8.42
C SER B 335 29.81 -33.58 9.94
N GLN B 336 28.70 -34.14 10.37
CA GLN B 336 28.49 -34.30 11.79
C GLN B 336 29.24 -35.52 12.34
N GLN B 337 29.26 -36.60 11.56
CA GLN B 337 29.99 -37.77 12.02
C GLN B 337 31.41 -37.30 12.35
N GLU B 338 31.94 -36.42 11.52
CA GLU B 338 33.29 -35.88 11.70
C GLU B 338 33.34 -34.79 12.77
N GLY B 339 32.23 -34.53 13.44
CA GLY B 339 32.22 -33.48 14.45
C GLY B 339 32.75 -32.16 13.91
N ILE B 340 32.26 -31.76 12.74
CA ILE B 340 32.66 -30.50 12.11
C ILE B 340 31.62 -29.43 12.35
N ILE C 10 9.28 22.58 10.36
CA ILE C 10 9.04 22.79 11.83
C ILE C 10 8.38 24.15 12.03
N SER C 11 7.07 24.17 12.22
CA SER C 11 6.38 25.45 12.38
C SER C 11 6.59 26.19 13.70
N GLU C 12 6.31 27.49 13.68
CA GLU C 12 6.44 28.35 14.84
C GLU C 12 5.79 27.73 16.06
N GLY C 13 6.34 28.05 17.24
CA GLY C 13 5.78 27.54 18.48
C GLY C 13 6.10 26.11 18.88
N THR C 14 6.76 25.36 18.00
CA THR C 14 7.08 23.97 18.31
C THR C 14 8.27 23.92 19.25
N THR C 15 8.33 22.87 20.06
CA THR C 15 9.42 22.70 21.02
C THR C 15 10.04 21.31 20.97
N LEU C 16 11.24 21.17 21.52
CA LEU C 16 11.93 19.89 21.56
C LEU C 16 10.98 18.85 22.10
N LYS C 17 10.45 19.15 23.28
CA LYS C 17 9.50 18.29 23.97
C LYS C 17 8.40 17.80 23.02
N ASP C 18 7.87 18.70 22.20
CA ASP C 18 6.82 18.33 21.25
C ASP C 18 7.33 17.29 20.26
N LEU C 19 8.51 17.56 19.71
CA LEU C 19 9.14 16.68 18.72
C LEU C 19 9.45 15.29 19.31
N ILE C 20 10.09 15.28 20.47
CA ILE C 20 10.44 14.02 21.12
C ILE C 20 9.18 13.18 21.36
N TYR C 21 8.12 13.84 21.82
CA TYR C 21 6.87 13.15 22.11
C TYR C 21 6.28 12.56 20.84
N ASP C 22 6.50 13.22 19.73
CA ASP C 22 5.94 12.75 18.48
C ASP C 22 6.64 11.57 17.80
N MET C 23 7.90 11.32 18.12
CA MET C 23 8.52 10.16 17.50
C MET C 23 8.18 9.01 18.45
N THR C 24 8.41 9.25 19.74
CA THR C 24 8.12 8.30 20.79
C THR C 24 6.71 7.72 20.67
N THR C 25 5.80 8.50 20.11
CA THR C 25 4.40 8.07 20.00
C THR C 25 3.84 7.98 18.59
N SER C 26 4.15 8.95 17.73
CA SER C 26 3.61 8.97 16.36
C SER C 26 4.22 7.93 15.41
N GLY C 27 3.39 7.50 14.46
CA GLY C 27 3.82 6.51 13.49
C GLY C 27 4.26 5.24 14.18
N SER C 28 5.57 5.11 14.36
CA SER C 28 6.15 3.94 15.02
C SER C 28 7.53 4.30 15.58
N GLY C 29 8.35 3.27 15.81
CA GLY C 29 9.69 3.48 16.33
C GLY C 29 10.59 4.18 15.32
N SER C 30 9.97 4.75 14.29
CA SER C 30 10.71 5.47 13.25
C SER C 30 11.07 6.86 13.75
N GLY C 31 12.37 7.16 13.77
CA GLY C 31 12.84 8.46 14.23
C GLY C 31 12.23 9.60 13.43
N LEU C 32 12.76 10.80 13.61
CA LEU C 32 12.24 11.96 12.90
C LEU C 32 12.66 11.96 11.44
N PRO C 33 11.83 12.53 10.57
CA PRO C 33 12.16 12.57 9.14
C PRO C 33 13.49 13.25 8.99
N LEU C 34 14.29 12.80 8.02
CA LEU C 34 15.60 13.38 7.79
C LEU C 34 15.51 14.89 7.69
N LEU C 35 14.47 15.36 7.02
CA LEU C 35 14.30 16.78 6.82
C LEU C 35 14.17 17.54 8.14
N VAL C 36 13.48 16.94 9.10
CA VAL C 36 13.31 17.56 10.41
C VAL C 36 14.63 17.53 11.16
N GLN C 37 15.36 16.43 11.01
CA GLN C 37 16.65 16.32 11.67
C GLN C 37 17.59 17.38 11.11
N ARG C 38 17.62 17.50 9.79
CA ARG C 38 18.47 18.49 9.16
C ARG C 38 18.16 19.87 9.74
N THR C 39 16.89 20.20 9.77
CA THR C 39 16.44 21.50 10.28
C THR C 39 16.83 21.73 11.72
N ILE C 40 16.58 20.73 12.58
CA ILE C 40 16.91 20.87 13.98
C ILE C 40 18.40 21.17 14.09
N ALA C 41 19.19 20.32 13.49
CA ALA C 41 20.63 20.47 13.53
C ALA C 41 21.15 21.85 13.11
N ARG C 42 20.67 22.35 11.99
CA ARG C 42 21.13 23.64 11.46
C ARG C 42 20.50 24.84 12.13
N THR C 43 19.61 24.57 13.07
CA THR C 43 18.90 25.60 13.80
C THR C 43 19.44 25.75 15.22
N ILE C 44 20.09 24.69 15.69
CA ILE C 44 20.70 24.63 17.01
C ILE C 44 21.65 25.79 17.23
N VAL C 45 21.55 26.46 18.36
CA VAL C 45 22.47 27.56 18.68
C VAL C 45 23.47 26.98 19.68
N LEU C 46 24.69 26.72 19.23
CA LEU C 46 25.72 26.15 20.09
C LEU C 46 26.16 27.11 21.19
N GLN C 47 26.29 26.57 22.41
CA GLN C 47 26.70 27.35 23.58
C GLN C 47 28.22 27.30 23.76
N GLU C 48 28.72 26.15 24.18
CA GLU C 48 30.15 25.96 24.40
C GLU C 48 30.56 24.49 24.52
N SER C 49 31.86 24.24 24.51
CA SER C 49 32.39 22.89 24.59
C SER C 49 32.21 22.27 25.97
N ILE C 50 32.04 20.95 26.03
CA ILE C 50 31.86 20.28 27.32
C ILE C 50 32.40 18.85 27.37
N GLY C 51 33.38 18.52 26.52
CA GLY C 51 33.94 17.18 26.55
C GLY C 51 34.48 16.70 25.22
N LYS C 52 35.79 16.39 25.20
CA LYS C 52 36.41 15.89 23.98
C LYS C 52 36.59 14.38 24.08
N GLY C 53 37.09 13.77 23.02
CA GLY C 53 37.28 12.33 23.07
C GLY C 53 37.80 11.67 21.80
N ARG C 54 37.62 10.36 21.76
CA ARG C 54 38.06 9.54 20.63
C ARG C 54 37.74 10.18 19.29
N PHE C 55 36.45 10.19 18.96
CA PHE C 55 35.97 10.74 17.71
C PHE C 55 35.15 11.99 17.98
N GLY C 56 35.71 13.14 17.62
CA GLY C 56 35.02 14.40 17.80
C GLY C 56 34.67 14.93 19.19
N GLU C 57 34.41 16.24 19.22
CA GLU C 57 34.09 17.01 20.42
C GLU C 57 32.59 17.05 20.74
N VAL C 58 32.25 17.25 22.01
CA VAL C 58 30.86 17.33 22.44
C VAL C 58 30.54 18.73 22.94
N TRP C 59 29.38 19.24 22.54
CA TRP C 59 28.98 20.59 22.93
C TRP C 59 27.62 20.67 23.56
N ARG C 60 27.42 21.74 24.31
CA ARG C 60 26.14 22.02 24.93
C ARG C 60 25.47 23.00 23.96
N GLY C 61 24.31 22.65 23.46
CA GLY C 61 23.65 23.54 22.52
C GLY C 61 22.19 23.74 22.84
N LYS C 62 21.60 24.76 22.24
CA LYS C 62 20.19 25.05 22.47
C LYS C 62 19.41 25.07 21.18
N TRP C 63 18.23 24.46 21.20
CA TRP C 63 17.32 24.48 20.05
C TRP C 63 16.12 25.23 20.58
N ARG C 64 15.83 26.38 19.98
CA ARG C 64 14.71 27.22 20.43
C ARG C 64 14.65 27.29 21.94
N GLY C 65 15.82 27.40 22.56
CA GLY C 65 15.90 27.52 24.00
C GLY C 65 16.14 26.26 24.80
N GLU C 66 15.55 25.14 24.42
CA GLU C 66 15.77 23.90 25.16
C GLU C 66 17.19 23.36 25.00
N GLU C 67 17.73 22.81 26.08
CA GLU C 67 19.10 22.29 26.03
C GLU C 67 19.22 20.99 25.27
N VAL C 68 20.36 20.82 24.62
CA VAL C 68 20.57 19.65 23.81
C VAL C 68 22.08 19.35 23.72
N ALA C 69 22.45 18.10 23.49
CA ALA C 69 23.87 17.75 23.37
C ALA C 69 24.29 17.54 21.91
N VAL C 70 25.43 18.15 21.54
CA VAL C 70 25.92 18.04 20.18
C VAL C 70 27.33 17.47 20.05
N LYS C 71 27.45 16.28 19.45
CA LYS C 71 28.75 15.66 19.22
C LYS C 71 29.20 16.06 17.81
N ILE C 72 30.25 16.86 17.73
CA ILE C 72 30.77 17.32 16.45
C ILE C 72 32.00 16.51 16.07
N PHE C 73 31.86 15.65 15.06
CA PHE C 73 32.98 14.82 14.64
C PHE C 73 34.00 15.53 13.76
N SER C 74 35.23 15.08 13.92
CA SER C 74 36.35 15.57 13.12
C SER C 74 36.12 14.95 11.74
N SER C 75 36.64 15.56 10.69
CA SER C 75 36.43 15.00 9.37
C SER C 75 36.78 13.52 9.26
N ARG C 76 37.99 13.14 9.68
CA ARG C 76 38.46 11.76 9.63
C ARG C 76 37.59 10.75 10.35
N GLU C 77 36.89 11.19 11.38
CA GLU C 77 36.05 10.29 12.14
C GLU C 77 34.71 9.98 11.49
N GLU C 78 34.60 10.18 10.20
CA GLU C 78 33.33 9.92 9.54
C GLU C 78 32.73 8.53 9.79
N ARG C 79 33.58 7.50 9.80
CA ARG C 79 33.10 6.13 10.02
C ARG C 79 32.33 5.99 11.33
N SER C 80 32.91 6.51 12.41
CA SER C 80 32.27 6.42 13.71
C SER C 80 30.99 7.23 13.74
N TRP C 81 30.98 8.35 13.02
CA TRP C 81 29.79 9.19 12.95
C TRP C 81 28.70 8.34 12.32
N PHE C 82 28.98 7.80 11.14
CA PHE C 82 28.00 6.99 10.43
C PHE C 82 27.51 5.79 11.22
N ARG C 83 28.43 5.10 11.89
CA ARG C 83 28.07 3.92 12.69
C ARG C 83 27.07 4.25 13.77
N GLU C 84 27.35 5.32 14.51
CA GLU C 84 26.50 5.73 15.60
C GLU C 84 25.16 6.25 15.13
N ALA C 85 25.09 6.74 13.91
CA ALA C 85 23.84 7.27 13.40
C ALA C 85 22.99 6.16 12.86
N GLU C 86 23.63 5.13 12.31
CA GLU C 86 22.90 3.99 11.74
C GLU C 86 22.33 3.14 12.85
N ILE C 87 23.17 2.78 13.81
CA ILE C 87 22.74 1.97 14.92
C ILE C 87 21.53 2.60 15.61
N TYR C 88 21.60 3.90 15.87
CA TYR C 88 20.49 4.60 16.52
C TYR C 88 19.22 4.57 15.68
N GLN C 89 19.39 4.54 14.36
CA GLN C 89 18.23 4.52 13.51
C GLN C 89 17.78 3.13 13.07
N THR C 90 17.67 2.25 14.06
CA THR C 90 17.18 0.88 13.88
C THR C 90 15.85 0.93 14.63
N VAL C 91 14.80 0.51 13.92
CA VAL C 91 13.44 0.51 14.42
C VAL C 91 13.18 0.47 15.93
N MET C 92 13.94 -0.35 16.66
CA MET C 92 13.70 -0.47 18.09
C MET C 92 14.73 0.13 19.07
N LEU C 93 15.57 1.04 18.61
CA LEU C 93 16.54 1.60 19.55
C LEU C 93 16.00 2.87 20.21
N ARG C 94 15.37 2.68 21.38
CA ARG C 94 14.80 3.77 22.16
C ARG C 94 14.48 3.21 23.54
N HIS C 95 15.40 3.39 24.48
CA HIS C 95 15.21 2.90 25.84
C HIS C 95 15.56 4.00 26.85
N GLU C 96 14.84 4.03 27.97
CA GLU C 96 15.05 5.05 28.98
C GLU C 96 16.47 5.04 29.57
N ASN C 97 17.22 3.98 29.26
CA ASN C 97 18.58 3.85 29.78
C ASN C 97 19.60 3.87 28.65
N ILE C 98 19.19 4.46 27.53
CA ILE C 98 20.06 4.56 26.37
C ILE C 98 19.92 5.98 25.85
N LEU C 99 21.01 6.74 25.96
CA LEU C 99 21.05 8.12 25.52
C LEU C 99 20.08 8.39 24.37
N GLY C 100 19.18 9.33 24.57
CA GLY C 100 18.18 9.61 23.55
C GLY C 100 18.71 10.29 22.31
N PHE C 101 18.51 9.65 21.17
CA PHE C 101 18.94 10.18 19.87
C PHE C 101 17.92 11.21 19.40
N ILE C 102 18.41 12.31 18.84
CA ILE C 102 17.51 13.34 18.32
C ILE C 102 17.71 13.51 16.83
N ALA C 103 18.94 13.73 16.39
CA ALA C 103 19.20 13.90 14.97
C ALA C 103 20.65 13.80 14.56
N ALA C 104 20.84 13.50 13.29
CA ALA C 104 22.18 13.40 12.72
C ALA C 104 22.18 14.28 11.47
N ASP C 105 23.31 14.92 11.19
CA ASP C 105 23.37 15.73 9.99
C ASP C 105 24.77 15.93 9.49
N ASN C 106 24.89 16.06 8.18
CA ASN C 106 26.17 16.28 7.51
C ASN C 106 26.00 17.55 6.69
N LYS C 107 26.99 18.42 6.75
CA LYS C 107 26.95 19.67 6.02
C LYS C 107 28.34 19.97 5.45
N ASP C 108 28.40 20.87 4.46
CA ASP C 108 29.65 21.23 3.79
C ASP C 108 30.14 19.98 3.07
N ASN C 109 31.25 20.08 2.37
CA ASN C 109 31.78 18.94 1.65
C ASN C 109 33.32 18.88 1.68
N GLY C 110 33.88 17.81 1.12
CA GLY C 110 35.31 17.64 1.09
C GLY C 110 35.95 17.58 2.47
N THR C 111 37.21 17.99 2.52
CA THR C 111 37.98 18.02 3.75
C THR C 111 37.25 18.70 4.89
N TRP C 112 36.44 19.70 4.55
CA TRP C 112 35.72 20.45 5.56
C TRP C 112 34.32 19.94 5.91
N THR C 113 34.04 18.69 5.53
CA THR C 113 32.74 18.11 5.85
C THR C 113 32.50 18.22 7.35
N GLN C 114 31.32 18.66 7.73
CA GLN C 114 30.96 18.76 9.13
C GLN C 114 29.90 17.69 9.47
N LEU C 115 30.22 16.81 10.40
CA LEU C 115 29.29 15.75 10.75
C LEU C 115 28.84 15.92 12.19
N TRP C 116 27.52 15.91 12.39
CA TRP C 116 26.96 16.08 13.72
C TRP C 116 26.00 14.99 14.12
N LEU C 117 25.83 14.89 15.44
CA LEU C 117 24.91 13.95 16.06
C LEU C 117 24.34 14.81 17.21
N VAL C 118 23.04 14.70 17.44
CA VAL C 118 22.40 15.48 18.49
C VAL C 118 21.58 14.58 19.41
N SER C 119 21.79 14.72 20.72
CA SER C 119 21.06 13.90 21.68
C SER C 119 20.49 14.71 22.83
N ASP C 120 19.72 14.02 23.67
CA ASP C 120 19.14 14.65 24.85
C ASP C 120 20.34 15.16 25.64
N TYR C 121 20.13 16.13 26.50
CA TYR C 121 21.23 16.69 27.29
C TYR C 121 21.04 16.32 28.75
N HIS C 122 22.11 15.94 29.41
CA HIS C 122 22.03 15.54 30.79
C HIS C 122 22.94 16.33 31.71
N GLU C 123 22.31 17.25 32.44
CA GLU C 123 22.94 18.15 33.39
C GLU C 123 24.10 17.54 34.18
N HIS C 124 23.85 16.44 34.86
CA HIS C 124 24.91 15.82 35.63
C HIS C 124 26.12 15.49 34.76
N GLY C 125 25.90 14.74 33.69
CA GLY C 125 26.99 14.42 32.78
C GLY C 125 27.33 12.95 32.67
N SER C 126 28.61 12.69 32.46
CA SER C 126 29.10 11.32 32.35
C SER C 126 29.19 10.70 33.74
N LEU C 127 28.76 9.45 33.85
CA LEU C 127 28.80 8.71 35.12
C LEU C 127 30.15 8.88 35.77
N PHE C 128 31.13 9.31 34.97
CA PHE C 128 32.49 9.55 35.40
C PHE C 128 32.48 10.72 36.36
N ASP C 129 32.19 11.91 35.83
CA ASP C 129 32.18 13.14 36.62
C ASP C 129 31.26 13.11 37.85
N TYR C 130 30.11 12.47 37.69
CA TYR C 130 29.12 12.36 38.75
C TYR C 130 29.72 11.68 39.97
N LEU C 131 30.61 10.71 39.74
CA LEU C 131 31.27 9.98 40.82
C LEU C 131 32.61 10.63 41.20
N ASN C 132 33.14 11.44 40.29
CA ASN C 132 34.41 12.12 40.53
C ASN C 132 34.10 13.46 41.20
N ARG C 133 32.91 13.56 41.78
CA ARG C 133 32.48 14.80 42.44
C ARG C 133 31.62 14.51 43.67
N TYR C 134 30.65 13.62 43.52
CA TYR C 134 29.73 13.29 44.61
C TYR C 134 30.05 11.97 45.31
N THR C 135 28.99 11.29 45.75
CA THR C 135 29.11 10.02 46.45
C THR C 135 27.71 9.42 46.57
N VAL C 136 27.52 8.21 46.06
CA VAL C 136 26.21 7.58 46.10
C VAL C 136 25.82 7.05 47.49
N THR C 137 24.68 6.37 47.53
CA THR C 137 24.10 5.80 48.74
C THR C 137 23.60 4.40 48.37
N VAL C 138 23.65 3.47 49.30
CA VAL C 138 23.17 2.10 49.03
C VAL C 138 21.85 2.13 48.26
N GLU C 139 21.06 3.17 48.49
CA GLU C 139 19.77 3.35 47.84
C GLU C 139 20.03 3.85 46.41
N GLY C 140 20.94 4.81 46.28
CA GLY C 140 21.26 5.36 44.98
C GLY C 140 22.10 4.40 44.15
N MET C 141 23.11 3.82 44.80
CA MET C 141 23.99 2.86 44.15
C MET C 141 23.14 1.90 43.33
N ILE C 142 22.28 1.14 44.00
CA ILE C 142 21.43 0.19 43.30
C ILE C 142 20.74 0.77 42.05
N LYS C 143 20.25 2.02 42.16
CA LYS C 143 19.57 2.66 41.04
C LYS C 143 20.48 2.91 39.85
N LEU C 144 21.71 3.32 40.12
CA LEU C 144 22.69 3.54 39.05
C LEU C 144 22.96 2.20 38.40
N ALA C 145 23.57 1.30 39.16
CA ALA C 145 23.90 -0.03 38.69
C ALA C 145 22.75 -0.76 38.00
N LEU C 146 21.53 -0.56 38.49
CA LEU C 146 20.37 -1.24 37.90
C LEU C 146 19.93 -0.66 36.56
N SER C 147 19.87 0.67 36.48
CA SER C 147 19.46 1.31 35.23
C SER C 147 20.52 0.98 34.18
N THR C 148 21.79 1.09 34.57
CA THR C 148 22.91 0.77 33.69
C THR C 148 22.74 -0.64 33.12
N ALA C 149 22.65 -1.61 34.01
CA ALA C 149 22.47 -2.99 33.59
C ALA C 149 21.17 -3.15 32.81
N SER C 150 20.13 -2.43 33.23
CA SER C 150 18.84 -2.51 32.55
C SER C 150 19.01 -2.08 31.10
N GLY C 151 19.88 -1.10 30.91
CA GLY C 151 20.16 -0.58 29.57
C GLY C 151 21.06 -1.52 28.78
N LEU C 152 22.23 -1.82 29.33
CA LEU C 152 23.16 -2.72 28.65
C LEU C 152 22.41 -4.01 28.35
N ALA C 153 21.44 -4.31 29.19
CA ALA C 153 20.63 -5.50 29.03
C ALA C 153 19.85 -5.35 27.74
N HIS C 154 19.11 -4.26 27.63
CA HIS C 154 18.32 -4.03 26.43
C HIS C 154 19.21 -4.08 25.19
N LEU C 155 20.39 -3.47 25.29
CA LEU C 155 21.32 -3.45 24.16
C LEU C 155 21.49 -4.85 23.56
N HIS C 156 21.90 -5.82 24.39
CA HIS C 156 22.09 -7.19 23.93
C HIS C 156 20.72 -7.83 23.63
N MET C 157 19.80 -7.66 24.56
CA MET C 157 18.44 -8.19 24.47
C MET C 157 17.83 -8.02 23.08
N GLU C 158 17.97 -9.06 22.25
CA GLU C 158 17.43 -9.02 20.90
C GLU C 158 15.97 -9.41 20.79
N ILE C 159 15.29 -8.83 19.81
CA ILE C 159 13.88 -9.11 19.54
C ILE C 159 13.80 -9.53 18.07
N VAL C 160 12.61 -9.84 17.57
CA VAL C 160 12.49 -10.24 16.17
C VAL C 160 11.19 -9.76 15.52
N GLY C 161 10.97 -10.20 14.27
CA GLY C 161 9.77 -9.82 13.54
C GLY C 161 9.94 -8.65 12.59
N THR C 162 9.71 -7.45 13.10
CA THR C 162 9.82 -6.21 12.32
C THR C 162 10.04 -5.05 13.28
N GLN C 163 9.15 -4.96 14.26
CA GLN C 163 9.18 -3.96 15.31
C GLN C 163 10.46 -4.17 16.11
N GLY C 164 10.85 -5.44 16.24
CA GLY C 164 12.05 -5.82 16.99
C GLY C 164 13.37 -5.24 16.51
N LYS C 165 14.38 -5.35 17.36
CA LYS C 165 15.72 -4.83 17.09
C LYS C 165 16.78 -5.93 17.21
N PRO C 166 17.84 -5.84 16.41
CA PRO C 166 18.90 -6.84 16.46
C PRO C 166 19.64 -6.81 17.78
N ALA C 167 20.53 -7.78 17.98
CA ALA C 167 21.32 -7.82 19.20
C ALA C 167 22.45 -6.81 19.01
N ILE C 168 22.79 -6.08 20.06
CA ILE C 168 23.86 -5.09 19.92
C ILE C 168 24.88 -5.08 21.05
N ALA C 169 26.15 -5.24 20.68
CA ALA C 169 27.21 -5.22 21.68
C ALA C 169 27.78 -3.81 21.62
N HIS C 170 28.13 -3.25 22.76
CA HIS C 170 28.66 -1.90 22.82
C HIS C 170 30.15 -1.76 22.51
N ARG C 171 30.93 -2.78 22.81
CA ARG C 171 32.37 -2.77 22.55
C ARG C 171 33.25 -1.72 23.24
N ASP C 172 32.65 -0.70 23.83
CA ASP C 172 33.46 0.28 24.54
C ASP C 172 32.73 0.81 25.78
N LEU C 173 32.16 -0.10 26.55
CA LEU C 173 31.43 0.28 27.75
C LEU C 173 32.45 0.84 28.73
N LYS C 174 32.12 1.99 29.32
CA LYS C 174 33.02 2.64 30.25
C LYS C 174 32.24 3.74 30.97
N SER C 175 32.67 4.11 32.17
CA SER C 175 31.94 5.12 32.92
C SER C 175 31.79 6.42 32.12
N LYS C 176 32.79 6.75 31.32
CA LYS C 176 32.71 7.99 30.53
C LYS C 176 31.66 7.95 29.40
N ASN C 177 31.17 6.76 29.08
CA ASN C 177 30.15 6.66 28.04
C ASN C 177 28.81 6.39 28.71
N ILE C 178 28.68 6.86 29.93
CA ILE C 178 27.44 6.69 30.68
C ILE C 178 27.01 8.07 31.12
N LEU C 179 25.70 8.30 31.09
CA LEU C 179 25.16 9.57 31.52
C LEU C 179 24.22 9.32 32.67
N VAL C 180 24.20 10.26 33.61
CA VAL C 180 23.33 10.14 34.76
C VAL C 180 22.23 11.20 34.77
N LYS C 181 20.99 10.73 34.64
CA LYS C 181 19.81 11.59 34.64
C LYS C 181 19.64 12.16 36.05
N LYS C 182 18.75 13.14 36.20
CA LYS C 182 18.54 13.73 37.51
C LYS C 182 17.84 12.78 38.47
N ASN C 183 17.03 11.88 37.94
CA ASN C 183 16.32 10.90 38.77
C ASN C 183 17.30 9.85 39.30
N GLY C 184 18.59 10.19 39.31
CA GLY C 184 19.60 9.26 39.80
C GLY C 184 19.74 7.95 39.05
N THR C 185 19.55 7.99 37.73
CA THR C 185 19.70 6.78 36.92
C THR C 185 20.66 7.07 35.77
N CYS C 186 20.93 6.06 34.94
CA CYS C 186 21.86 6.26 33.83
C CYS C 186 21.35 5.76 32.49
N CYS C 187 22.09 6.12 31.45
CA CYS C 187 21.80 5.69 30.10
C CYS C 187 23.13 5.58 29.38
N ILE C 188 23.26 4.52 28.59
CA ILE C 188 24.48 4.23 27.83
C ILE C 188 24.63 5.18 26.65
N ALA C 189 25.86 5.61 26.38
CA ALA C 189 26.10 6.52 25.26
C ALA C 189 27.31 6.13 24.43
N ASP C 190 27.40 6.72 23.23
CA ASP C 190 28.51 6.46 22.32
C ASP C 190 28.44 5.05 21.78
N LEU C 191 27.72 4.89 20.67
CA LEU C 191 27.59 3.57 20.07
C LEU C 191 28.42 3.44 18.79
N GLY C 192 29.54 4.15 18.75
CA GLY C 192 30.40 4.12 17.58
C GLY C 192 30.94 2.75 17.20
N LEU C 193 31.61 2.09 18.13
CA LEU C 193 32.19 0.78 17.87
C LEU C 193 31.17 -0.35 18.04
N ALA C 194 29.99 -0.01 18.52
CA ALA C 194 28.95 -1.01 18.72
C ALA C 194 28.85 -1.87 17.49
N VAL C 195 28.54 -3.14 17.71
CA VAL C 195 28.40 -4.10 16.62
C VAL C 195 27.06 -4.82 16.71
N ARG C 196 26.43 -4.99 15.56
CA ARG C 196 25.14 -5.67 15.49
C ARG C 196 25.28 -7.14 15.10
N HIS C 197 24.25 -7.91 15.41
CA HIS C 197 24.20 -9.32 15.07
C HIS C 197 22.79 -9.67 14.69
N ASP C 198 22.56 -9.96 13.40
CA ASP C 198 21.22 -10.33 12.98
C ASP C 198 21.01 -11.81 13.24
N SER C 199 20.01 -12.11 14.07
CA SER C 199 19.67 -13.47 14.45
C SER C 199 19.39 -14.36 13.25
N ALA C 200 18.31 -14.08 12.55
CA ALA C 200 17.89 -14.86 11.38
C ALA C 200 18.82 -14.71 10.17
N THR C 201 20.12 -14.82 10.40
CA THR C 201 21.11 -14.71 9.34
C THR C 201 22.48 -15.03 9.91
N ASP C 202 22.63 -14.70 11.19
CA ASP C 202 23.89 -14.93 11.89
C ASP C 202 25.00 -14.15 11.17
N THR C 203 24.79 -12.84 11.07
CA THR C 203 25.76 -11.95 10.44
C THR C 203 26.20 -10.88 11.44
N ILE C 204 27.02 -9.94 10.98
CA ILE C 204 27.52 -8.88 11.84
C ILE C 204 27.78 -7.61 11.04
N ASP C 205 27.81 -6.47 11.73
CA ASP C 205 28.09 -5.20 11.09
C ASP C 205 29.60 -5.00 11.02
N ILE C 206 30.18 -4.54 12.12
CA ILE C 206 31.63 -4.33 12.17
C ILE C 206 32.31 -5.61 11.75
N ALA C 207 32.75 -5.64 10.49
CA ALA C 207 33.44 -6.81 9.93
C ALA C 207 34.92 -6.76 10.33
N PRO C 208 35.57 -5.59 10.20
CA PRO C 208 36.98 -5.48 10.57
C PRO C 208 37.17 -5.69 12.07
N ASN C 209 37.25 -6.96 12.46
CA ASN C 209 37.40 -7.36 13.84
C ASN C 209 38.80 -7.11 14.35
N HIS C 210 39.01 -5.93 14.91
CA HIS C 210 40.30 -5.55 15.45
C HIS C 210 40.12 -5.03 16.87
N ARG C 211 41.22 -4.99 17.63
CA ARG C 211 41.14 -4.53 19.00
C ARG C 211 40.94 -3.03 19.11
N VAL C 212 39.69 -2.64 19.37
CA VAL C 212 39.33 -1.25 19.54
C VAL C 212 38.90 -1.08 21.00
N GLY C 213 38.17 -0.02 21.29
CA GLY C 213 37.70 0.20 22.64
C GLY C 213 38.73 0.87 23.52
N THR C 214 38.38 1.06 24.79
CA THR C 214 39.28 1.71 25.73
C THR C 214 40.09 0.65 26.49
N LYS C 215 41.41 0.87 26.55
CA LYS C 215 42.33 -0.05 27.21
C LYS C 215 41.99 -0.39 28.66
N ARG C 216 42.08 0.59 29.57
CA ARG C 216 41.78 0.34 30.98
C ARG C 216 40.54 -0.54 31.16
N TYR C 217 39.70 -0.65 30.13
CA TYR C 217 38.48 -1.45 30.22
C TYR C 217 38.45 -2.64 29.27
N MET C 218 39.61 -3.00 28.72
CA MET C 218 39.67 -4.13 27.79
C MET C 218 39.44 -5.45 28.50
N ALA C 219 38.71 -6.35 27.84
CA ALA C 219 38.41 -7.66 28.41
C ALA C 219 39.62 -8.59 28.22
N PRO C 220 39.80 -9.56 29.13
CA PRO C 220 40.92 -10.50 29.04
C PRO C 220 41.12 -11.06 27.64
N GLU C 221 40.09 -11.72 27.13
CA GLU C 221 40.13 -12.33 25.81
C GLU C 221 40.55 -11.35 24.73
N VAL C 222 40.35 -10.06 24.98
CA VAL C 222 40.71 -9.04 24.00
C VAL C 222 42.17 -8.60 24.18
N LEU C 223 42.58 -8.48 25.44
CA LEU C 223 43.94 -8.07 25.76
C LEU C 223 45.02 -8.93 25.09
N ASP C 224 44.81 -10.25 25.10
CA ASP C 224 45.77 -11.17 24.50
C ASP C 224 45.31 -11.59 23.10
N ASP C 225 44.01 -11.43 22.86
CA ASP C 225 43.36 -11.76 21.59
C ASP C 225 43.01 -13.23 21.43
N SER C 226 42.41 -13.79 22.47
CA SER C 226 41.99 -15.18 22.47
C SER C 226 40.47 -15.17 22.43
N ILE C 227 39.91 -14.04 21.96
CA ILE C 227 38.47 -13.85 21.89
C ILE C 227 37.84 -14.32 20.58
N ASN C 228 36.85 -15.21 20.70
CA ASN C 228 36.14 -15.76 19.56
C ASN C 228 35.43 -14.63 18.82
N MET C 229 36.15 -13.98 17.91
CA MET C 229 35.59 -12.86 17.14
C MET C 229 34.42 -13.27 16.25
N LYS C 230 34.13 -14.57 16.20
CA LYS C 230 33.03 -15.08 15.38
C LYS C 230 31.68 -15.01 16.09
N HIS C 231 31.55 -15.78 17.16
CA HIS C 231 30.30 -15.83 17.92
C HIS C 231 30.03 -14.53 18.68
N PHE C 232 29.00 -13.82 18.24
CA PHE C 232 28.59 -12.56 18.82
C PHE C 232 28.62 -12.53 20.35
N GLU C 233 28.13 -13.61 20.97
CA GLU C 233 28.08 -13.71 22.42
C GLU C 233 29.41 -13.35 23.09
N SER C 234 30.51 -13.46 22.35
CA SER C 234 31.81 -13.14 22.90
C SER C 234 31.89 -11.66 23.26
N PHE C 235 31.34 -10.82 22.39
CA PHE C 235 31.35 -9.38 22.60
C PHE C 235 30.47 -8.98 23.77
N LYS C 236 29.44 -9.77 24.05
CA LYS C 236 28.57 -9.48 25.20
C LYS C 236 29.43 -9.62 26.45
N ARG C 237 30.07 -10.78 26.59
CA ARG C 237 30.94 -11.09 27.72
C ARG C 237 31.96 -9.96 27.91
N ALA C 238 32.46 -9.44 26.80
CA ALA C 238 33.45 -8.36 26.85
C ALA C 238 32.80 -7.14 27.50
N ASP C 239 31.51 -6.97 27.26
CA ASP C 239 30.77 -5.86 27.84
C ASP C 239 30.59 -6.16 29.32
N ILE C 240 30.01 -7.32 29.61
CA ILE C 240 29.76 -7.76 30.97
C ILE C 240 30.98 -7.51 31.84
N TYR C 241 32.17 -7.76 31.30
CA TYR C 241 33.41 -7.54 32.03
C TYR C 241 33.60 -6.06 32.33
N ALA C 242 33.47 -5.24 31.29
CA ALA C 242 33.67 -3.81 31.44
C ALA C 242 32.66 -3.23 32.42
N MET C 243 31.46 -3.82 32.43
CA MET C 243 30.42 -3.36 33.34
C MET C 243 30.93 -3.53 34.78
N GLY C 244 31.58 -4.66 35.04
CA GLY C 244 32.14 -4.90 36.36
C GLY C 244 32.97 -3.70 36.75
N LEU C 245 33.93 -3.33 35.91
CA LEU C 245 34.79 -2.18 36.19
C LEU C 245 33.95 -0.96 36.50
N VAL C 246 32.73 -0.94 35.97
CA VAL C 246 31.83 0.18 36.21
C VAL C 246 31.23 0.02 37.61
N PHE C 247 30.41 -1.01 37.79
CA PHE C 247 29.81 -1.28 39.08
C PHE C 247 30.83 -0.97 40.18
N TRP C 248 32.10 -1.29 39.90
CA TRP C 248 33.19 -1.06 40.84
C TRP C 248 33.36 0.40 41.25
N GLU C 249 33.55 1.27 40.27
CA GLU C 249 33.71 2.70 40.55
C GLU C 249 32.48 3.23 41.27
N ILE C 250 31.37 2.53 41.14
CA ILE C 250 30.13 2.91 41.81
C ILE C 250 30.31 2.70 43.30
N ALA C 251 30.31 1.44 43.71
CA ALA C 251 30.47 1.06 45.11
C ALA C 251 31.67 1.69 45.81
N ARG C 252 32.73 2.01 45.07
CA ARG C 252 33.90 2.63 45.68
C ARG C 252 33.55 4.03 46.14
N ARG C 253 32.40 4.52 45.68
CA ARG C 253 31.92 5.85 46.05
C ARG C 253 30.69 5.74 46.93
N CYS C 254 30.13 4.55 47.01
CA CYS C 254 28.96 4.32 47.87
C CYS C 254 29.41 4.74 49.25
N SER C 255 28.46 4.87 50.18
CA SER C 255 28.85 5.29 51.51
C SER C 255 27.80 4.93 52.56
N ILE C 256 28.28 4.40 53.67
CA ILE C 256 27.42 4.04 54.79
C ILE C 256 28.12 4.66 56.00
N GLY C 257 27.98 5.98 56.12
CA GLY C 257 28.61 6.68 57.22
C GLY C 257 30.04 7.07 56.90
N GLY C 258 30.22 8.27 56.32
CA GLY C 258 31.53 8.75 55.97
C GLY C 258 32.51 7.74 55.41
N ILE C 259 32.03 6.53 55.11
CA ILE C 259 32.90 5.49 54.56
C ILE C 259 32.84 5.45 53.04
N HIS C 260 33.64 6.30 52.40
CA HIS C 260 33.70 6.37 50.95
C HIS C 260 35.13 6.63 50.47
N GLU C 261 35.57 5.82 49.52
CA GLU C 261 36.91 5.96 48.96
C GLU C 261 36.91 7.02 47.86
N ASP C 262 38.04 7.69 47.67
CA ASP C 262 38.15 8.70 46.62
C ASP C 262 37.92 8.00 45.29
N TYR C 263 37.65 8.77 44.24
CA TYR C 263 37.43 8.18 42.93
C TYR C 263 38.73 7.70 42.33
N GLN C 264 38.69 6.46 41.82
CA GLN C 264 39.87 5.86 41.19
C GLN C 264 39.46 4.96 40.03
N LEU C 265 40.19 5.09 38.92
CA LEU C 265 39.93 4.28 37.72
C LEU C 265 40.37 2.85 37.98
N PRO C 266 39.69 1.87 37.37
CA PRO C 266 40.05 0.47 37.57
C PRO C 266 41.55 0.27 37.29
N TYR C 267 42.19 -0.56 38.11
CA TYR C 267 43.62 -0.83 37.94
C TYR C 267 44.39 0.48 38.11
N TYR C 268 43.98 1.29 39.08
CA TYR C 268 44.63 2.57 39.33
C TYR C 268 45.94 2.32 40.06
N ASP C 269 45.94 1.25 40.85
CA ASP C 269 47.08 0.83 41.67
C ASP C 269 48.06 -0.08 40.94
N LEU C 270 47.60 -0.68 39.85
CA LEU C 270 48.43 -1.60 39.07
C LEU C 270 49.07 -0.98 37.83
N VAL C 271 48.32 -0.14 37.10
CA VAL C 271 48.83 0.47 35.88
C VAL C 271 48.79 2.00 35.85
N PRO C 272 49.72 2.62 35.11
CA PRO C 272 49.82 4.08 34.96
C PRO C 272 48.80 4.65 33.98
N SER C 273 49.17 5.77 33.35
CA SER C 273 48.30 6.44 32.37
C SER C 273 48.49 5.80 31.00
N ASP C 274 47.45 5.78 30.18
CA ASP C 274 47.55 5.20 28.86
C ASP C 274 48.08 3.77 28.97
N PRO C 275 47.37 2.91 29.71
CA PRO C 275 47.77 1.52 29.90
C PRO C 275 47.84 0.80 28.56
N SER C 276 48.97 0.87 27.88
CA SER C 276 49.12 0.20 26.59
C SER C 276 48.71 -1.26 26.74
N VAL C 277 48.40 -1.90 25.62
CA VAL C 277 47.99 -3.29 25.64
C VAL C 277 48.96 -4.12 26.48
N GLU C 278 50.23 -3.74 26.45
CA GLU C 278 51.24 -4.45 27.22
C GLU C 278 50.89 -4.42 28.70
N GLU C 279 50.98 -3.23 29.30
CA GLU C 279 50.68 -3.07 30.71
C GLU C 279 49.42 -3.82 31.14
N MET C 280 48.33 -3.58 30.41
CA MET C 280 47.05 -4.23 30.74
C MET C 280 47.13 -5.73 30.60
N ARG C 281 47.76 -6.18 29.52
CA ARG C 281 47.92 -7.60 29.24
C ARG C 281 48.70 -8.28 30.35
N LYS C 282 49.86 -7.70 30.69
CA LYS C 282 50.73 -8.25 31.73
C LYS C 282 50.26 -7.90 33.15
N VAL C 283 48.95 -7.85 33.34
CA VAL C 283 48.37 -7.54 34.64
C VAL C 283 47.02 -8.23 34.78
N VAL C 284 46.20 -8.13 33.72
CA VAL C 284 44.87 -8.72 33.72
C VAL C 284 44.84 -10.17 33.26
N CYS C 285 45.25 -10.42 32.02
CA CYS C 285 45.24 -11.76 31.47
C CYS C 285 46.40 -12.63 31.94
N GLU C 286 47.48 -11.98 32.38
CA GLU C 286 48.66 -12.69 32.87
C GLU C 286 48.53 -13.01 34.35
N GLN C 287 48.89 -12.02 35.18
CA GLN C 287 48.84 -12.14 36.62
C GLN C 287 47.43 -12.42 37.16
N LYS C 288 46.44 -12.40 36.25
CA LYS C 288 45.05 -12.66 36.60
C LYS C 288 44.46 -11.65 37.60
N LEU C 289 45.09 -10.49 37.71
CA LEU C 289 44.63 -9.44 38.62
C LEU C 289 43.29 -8.83 38.21
N ARG C 290 42.52 -8.38 39.21
CA ARG C 290 41.20 -7.78 39.03
C ARG C 290 41.08 -6.54 39.92
N PRO C 291 39.88 -5.94 39.99
CA PRO C 291 39.77 -4.76 40.86
C PRO C 291 39.82 -5.23 42.32
N ASN C 292 40.38 -4.41 43.21
CA ASN C 292 40.51 -4.78 44.62
C ASN C 292 39.24 -4.70 45.49
N ILE C 293 38.33 -5.68 45.32
CA ILE C 293 37.09 -5.74 46.08
C ILE C 293 37.32 -5.72 47.59
N PRO C 294 36.88 -4.65 48.28
CA PRO C 294 37.04 -4.51 49.74
C PRO C 294 36.35 -5.57 50.61
N ASN C 295 36.60 -5.50 51.90
CA ASN C 295 36.03 -6.44 52.86
C ASN C 295 34.75 -5.85 53.45
N ARG C 296 34.71 -4.52 53.53
CA ARG C 296 33.56 -3.82 54.08
C ARG C 296 32.29 -4.07 53.25
N TRP C 297 32.46 -4.42 51.97
CA TRP C 297 31.32 -4.66 51.08
C TRP C 297 30.53 -5.92 51.43
N GLN C 298 30.84 -6.55 52.55
CA GLN C 298 30.11 -7.73 52.96
C GLN C 298 29.07 -7.32 53.99
N SER C 299 29.24 -6.10 54.50
CA SER C 299 28.33 -5.51 55.49
C SER C 299 26.92 -5.43 54.88
N CYS C 300 26.69 -4.39 54.09
CA CYS C 300 25.40 -4.17 53.45
C CYS C 300 25.02 -5.35 52.55
N GLU C 301 23.72 -5.45 52.27
CA GLU C 301 23.21 -6.52 51.42
C GLU C 301 23.45 -6.21 49.95
N ALA C 302 23.54 -4.93 49.61
CA ALA C 302 23.78 -4.53 48.23
C ALA C 302 25.24 -4.84 47.90
N LEU C 303 26.15 -4.23 48.66
CA LEU C 303 27.59 -4.44 48.47
C LEU C 303 27.89 -5.94 48.44
N ARG C 304 26.98 -6.72 49.03
CA ARG C 304 27.13 -8.18 49.10
C ARG C 304 26.57 -8.90 47.87
N VAL C 305 25.73 -8.22 47.10
CA VAL C 305 25.17 -8.81 45.90
C VAL C 305 25.88 -8.15 44.72
N MET C 306 26.40 -6.95 44.97
CA MET C 306 27.13 -6.18 43.96
C MET C 306 28.53 -6.77 43.72
N ALA C 307 29.31 -6.88 44.79
CA ALA C 307 30.66 -7.44 44.69
C ALA C 307 30.56 -8.90 44.24
N LYS C 308 29.40 -9.50 44.50
CA LYS C 308 29.13 -10.88 44.11
C LYS C 308 28.85 -10.93 42.62
N ILE C 309 28.40 -9.79 42.07
CA ILE C 309 28.10 -9.67 40.66
C ILE C 309 29.38 -9.28 39.91
N MET C 310 30.19 -8.45 40.54
CA MET C 310 31.46 -8.00 39.99
C MET C 310 32.37 -9.18 39.65
N ARG C 311 32.39 -10.17 40.55
CA ARG C 311 33.19 -11.35 40.34
C ARG C 311 32.60 -12.16 39.20
N GLU C 312 31.29 -12.39 39.24
CA GLU C 312 30.63 -13.17 38.19
C GLU C 312 30.71 -12.47 36.83
N CYS C 313 31.56 -11.44 36.76
CA CYS C 313 31.75 -10.69 35.53
C CYS C 313 33.21 -10.72 35.10
N TRP C 314 34.11 -10.90 36.07
CA TRP C 314 35.55 -10.93 35.81
C TRP C 314 36.21 -12.30 35.57
N TYR C 315 35.41 -13.32 35.30
CA TYR C 315 35.91 -14.65 35.04
C TYR C 315 36.67 -14.66 33.71
N ALA C 316 37.99 -14.83 33.76
CA ALA C 316 38.81 -14.85 32.54
C ALA C 316 38.04 -15.51 31.41
N ASN C 317 37.19 -16.47 31.77
CA ASN C 317 36.37 -17.18 30.80
C ASN C 317 35.03 -16.43 30.72
N GLY C 318 34.90 -15.59 29.69
CA GLY C 318 33.69 -14.82 29.52
C GLY C 318 32.42 -15.65 29.63
N ALA C 319 32.49 -16.88 29.14
CA ALA C 319 31.35 -17.79 29.19
C ALA C 319 30.94 -18.06 30.64
N ALA C 320 31.89 -17.86 31.55
CA ALA C 320 31.65 -18.07 32.97
C ALA C 320 31.00 -16.87 33.65
N ARG C 321 30.96 -15.74 32.95
CA ARG C 321 30.36 -14.52 33.48
C ARG C 321 28.86 -14.56 33.23
N LEU C 322 28.07 -14.11 34.20
CA LEU C 322 26.62 -14.11 34.04
C LEU C 322 26.20 -13.00 33.08
N THR C 323 25.03 -13.17 32.46
CA THR C 323 24.52 -12.20 31.51
C THR C 323 24.06 -10.92 32.21
N ALA C 324 23.89 -9.85 31.45
CA ALA C 324 23.44 -8.58 32.00
C ALA C 324 21.96 -8.67 32.36
N LEU C 325 21.22 -9.46 31.58
CA LEU C 325 19.80 -9.64 31.82
C LEU C 325 19.61 -10.23 33.22
N ARG C 326 20.53 -11.12 33.60
CA ARG C 326 20.47 -11.74 34.92
C ARG C 326 20.97 -10.77 35.99
N ILE C 327 22.03 -10.04 35.71
CA ILE C 327 22.54 -9.08 36.68
C ILE C 327 21.46 -8.02 36.87
N LYS C 328 20.45 -8.08 36.00
CA LYS C 328 19.34 -7.15 36.06
C LYS C 328 18.27 -7.73 36.97
N LYS C 329 17.72 -8.88 36.58
CA LYS C 329 16.67 -9.55 37.35
C LYS C 329 17.05 -9.79 38.82
N THR C 330 18.33 -9.77 39.15
CA THR C 330 18.76 -9.98 40.54
C THR C 330 19.00 -8.65 41.24
N LEU C 331 19.82 -7.78 40.63
CA LEU C 331 20.13 -6.48 41.19
C LEU C 331 18.86 -5.61 41.29
N SER C 332 17.83 -5.97 40.51
CA SER C 332 16.57 -5.24 40.50
C SER C 332 15.60 -5.90 41.46
N GLN C 333 15.82 -7.19 41.70
CA GLN C 333 14.99 -7.96 42.63
C GLN C 333 15.50 -7.66 44.04
N LEU C 334 16.71 -7.11 44.10
CA LEU C 334 17.36 -6.72 45.35
C LEU C 334 16.73 -5.41 45.78
N SER C 335 16.58 -4.50 44.82
CA SER C 335 15.98 -3.19 45.07
C SER C 335 14.52 -3.36 45.49
N GLN C 336 13.83 -4.28 44.82
CA GLN C 336 12.41 -4.57 45.10
C GLN C 336 12.20 -4.90 46.57
N GLN C 337 13.30 -5.01 47.31
CA GLN C 337 13.25 -5.33 48.73
C GLN C 337 14.28 -4.49 49.46
N GLU C 338 14.19 -3.18 49.22
CA GLU C 338 15.08 -2.19 49.81
C GLU C 338 14.35 -0.85 49.86
N GLY C 339 13.13 -0.84 49.34
CA GLY C 339 12.33 0.38 49.34
C GLY C 339 12.00 0.89 47.95
N ILE D 10 -6.45 9.44 -23.99
CA ILE D 10 -7.44 8.68 -24.83
C ILE D 10 -6.88 8.38 -26.22
N SER D 11 -6.53 7.13 -26.46
CA SER D 11 -5.99 6.71 -27.76
C SER D 11 -6.91 6.89 -28.97
N GLU D 12 -6.31 6.80 -30.15
CA GLU D 12 -7.06 6.88 -31.40
C GLU D 12 -7.94 5.63 -31.47
N GLY D 13 -9.13 5.74 -32.03
CA GLY D 13 -9.98 4.56 -32.12
C GLY D 13 -10.85 4.30 -30.91
N THR D 14 -10.53 4.91 -29.77
CA THR D 14 -11.30 4.72 -28.54
C THR D 14 -12.70 5.30 -28.66
N THR D 15 -13.70 4.50 -28.29
CA THR D 15 -15.09 4.95 -28.37
C THR D 15 -15.64 5.14 -26.97
N LEU D 16 -16.76 5.84 -26.89
CA LEU D 16 -17.39 6.08 -25.59
C LEU D 16 -17.81 4.75 -24.99
N LYS D 17 -18.35 3.87 -25.83
CA LYS D 17 -18.78 2.55 -25.36
C LYS D 17 -17.61 1.81 -24.72
N ASP D 18 -16.42 2.00 -25.27
CA ASP D 18 -15.20 1.38 -24.76
C ASP D 18 -14.85 1.93 -23.40
N LEU D 19 -15.03 3.24 -23.23
CA LEU D 19 -14.72 3.89 -21.98
C LEU D 19 -15.68 3.48 -20.87
N ILE D 20 -16.96 3.39 -21.20
CA ILE D 20 -17.96 2.98 -20.20
C ILE D 20 -17.84 1.51 -19.83
N TYR D 21 -17.49 0.67 -20.79
CA TYR D 21 -17.35 -0.75 -20.51
C TYR D 21 -16.23 -0.99 -19.51
N ASP D 22 -15.22 -0.13 -19.54
CA ASP D 22 -14.11 -0.27 -18.60
C ASP D 22 -14.46 0.47 -17.33
N MET D 23 -15.25 1.53 -17.46
CA MET D 23 -15.68 2.31 -16.30
C MET D 23 -16.52 1.37 -15.44
N THR D 24 -17.21 0.44 -16.09
CA THR D 24 -18.06 -0.53 -15.39
C THR D 24 -17.23 -1.68 -14.84
N THR D 25 -16.93 -2.63 -15.71
CA THR D 25 -16.16 -3.82 -15.35
C THR D 25 -14.76 -3.45 -14.83
N SER D 26 -14.57 -2.19 -14.48
CA SER D 26 -13.29 -1.68 -13.99
C SER D 26 -12.53 -2.56 -13.01
N GLY D 27 -13.22 -3.50 -12.37
CA GLY D 27 -12.57 -4.37 -11.41
C GLY D 27 -12.41 -3.64 -10.09
N SER D 28 -13.26 -2.64 -9.89
CA SER D 28 -13.25 -1.82 -8.69
C SER D 28 -14.28 -0.71 -8.89
N GLY D 29 -15.40 -0.79 -8.19
CA GLY D 29 -16.42 0.24 -8.33
C GLY D 29 -15.76 1.61 -8.33
N SER D 30 -15.46 2.12 -9.52
CA SER D 30 -14.79 3.40 -9.67
C SER D 30 -15.24 4.11 -10.95
N GLY D 31 -14.55 5.21 -11.28
CA GLY D 31 -14.89 5.98 -12.46
C GLY D 31 -13.66 6.50 -13.18
N LEU D 32 -13.90 7.14 -14.33
CA LEU D 32 -12.84 7.68 -15.16
C LEU D 32 -12.05 8.75 -14.44
N PRO D 33 -10.73 8.79 -14.69
CA PRO D 33 -9.78 9.73 -14.10
C PRO D 33 -10.10 11.17 -14.47
N LEU D 34 -9.73 12.07 -13.57
CA LEU D 34 -9.93 13.49 -13.75
C LEU D 34 -9.50 13.97 -15.13
N LEU D 35 -8.29 13.60 -15.52
CA LEU D 35 -7.72 13.98 -16.81
C LEU D 35 -8.57 13.51 -17.98
N VAL D 36 -9.02 12.26 -17.89
CA VAL D 36 -9.83 11.66 -18.93
C VAL D 36 -11.18 12.38 -19.00
N GLN D 37 -11.77 12.65 -17.84
CA GLN D 37 -13.03 13.37 -17.80
C GLN D 37 -12.84 14.72 -18.50
N ARG D 38 -11.83 15.46 -18.07
CA ARG D 38 -11.50 16.76 -18.66
C ARG D 38 -11.33 16.65 -20.17
N THR D 39 -10.54 15.69 -20.62
CA THR D 39 -10.31 15.53 -22.04
C THR D 39 -11.59 15.24 -22.81
N ILE D 40 -12.46 14.44 -22.24
CA ILE D 40 -13.73 14.13 -22.90
C ILE D 40 -14.56 15.42 -22.95
N ALA D 41 -14.68 16.10 -21.83
CA ALA D 41 -15.44 17.32 -21.76
C ALA D 41 -14.99 18.33 -22.82
N ARG D 42 -13.72 18.76 -22.75
CA ARG D 42 -13.19 19.75 -23.66
C ARG D 42 -13.14 19.28 -25.11
N THR D 43 -13.60 18.08 -25.39
CA THR D 43 -13.51 17.62 -26.76
C THR D 43 -14.84 17.19 -27.40
N ILE D 44 -15.92 17.29 -26.63
CA ILE D 44 -17.27 16.97 -27.11
C ILE D 44 -17.67 18.01 -28.15
N VAL D 45 -18.65 17.73 -28.99
CA VAL D 45 -19.09 18.70 -29.98
C VAL D 45 -20.57 18.93 -29.77
N LEU D 46 -20.92 20.07 -29.18
CA LEU D 46 -22.33 20.36 -28.93
C LEU D 46 -23.16 20.35 -30.20
N GLN D 47 -24.30 19.68 -30.15
CA GLN D 47 -25.21 19.63 -31.28
C GLN D 47 -26.18 20.78 -31.08
N GLU D 48 -27.01 20.70 -30.04
CA GLU D 48 -27.96 21.75 -29.72
C GLU D 48 -28.71 21.54 -28.42
N SER D 49 -29.27 22.63 -27.92
CA SER D 49 -30.04 22.63 -26.69
C SER D 49 -31.25 21.71 -26.76
N ILE D 50 -31.40 20.86 -25.74
CA ILE D 50 -32.53 19.93 -25.69
C ILE D 50 -33.31 20.09 -24.40
N GLY D 51 -33.16 21.24 -23.75
CA GLY D 51 -33.89 21.48 -22.52
C GLY D 51 -33.24 22.44 -21.55
N LYS D 52 -34.02 23.39 -21.05
CA LYS D 52 -33.50 24.34 -20.10
C LYS D 52 -33.99 23.84 -18.74
N GLY D 53 -33.58 24.47 -17.66
CA GLY D 53 -34.03 23.98 -16.37
C GLY D 53 -33.60 24.75 -15.14
N ARG D 54 -33.96 24.18 -13.99
CA ARG D 54 -33.65 24.72 -12.67
C ARG D 54 -32.33 25.46 -12.72
N PHE D 55 -31.27 24.69 -12.92
CA PHE D 55 -29.94 25.22 -12.99
C PHE D 55 -29.32 24.84 -14.33
N GLY D 56 -29.04 25.85 -15.15
CA GLY D 56 -28.43 25.62 -16.45
C GLY D 56 -29.31 25.23 -17.61
N GLU D 57 -28.70 24.55 -18.58
CA GLU D 57 -29.38 24.10 -19.79
C GLU D 57 -28.76 22.76 -20.18
N VAL D 58 -29.57 21.87 -20.74
CA VAL D 58 -29.09 20.57 -21.17
C VAL D 58 -28.90 20.58 -22.70
N TRP D 59 -27.85 19.92 -23.18
CA TRP D 59 -27.58 19.88 -24.60
C TRP D 59 -27.25 18.49 -25.08
N ARG D 60 -27.51 18.25 -26.36
CA ARG D 60 -27.16 16.98 -26.94
C ARG D 60 -25.78 17.22 -27.53
N GLY D 61 -24.84 16.33 -27.24
CA GLY D 61 -23.50 16.52 -27.78
C GLY D 61 -22.92 15.21 -28.25
N LYS D 62 -21.90 15.26 -29.09
CA LYS D 62 -21.30 14.01 -29.54
C LYS D 62 -19.83 13.95 -29.15
N TRP D 63 -19.35 12.75 -28.86
CA TRP D 63 -17.95 12.55 -28.51
C TRP D 63 -17.44 11.57 -29.52
N ARG D 64 -16.59 12.04 -30.45
CA ARG D 64 -16.07 11.18 -31.49
C ARG D 64 -17.26 10.43 -32.11
N GLY D 65 -18.35 11.16 -32.33
CA GLY D 65 -19.52 10.58 -32.92
C GLY D 65 -20.70 10.17 -32.05
N GLU D 66 -20.44 9.46 -30.95
CA GLU D 66 -21.51 8.98 -30.07
C GLU D 66 -22.19 10.05 -29.21
N GLU D 67 -23.52 9.97 -29.15
CA GLU D 67 -24.32 10.92 -28.39
C GLU D 67 -24.06 10.86 -26.90
N VAL D 68 -24.19 12.02 -26.27
CA VAL D 68 -23.88 12.13 -24.86
C VAL D 68 -24.71 13.33 -24.42
N ALA D 69 -25.05 13.46 -23.16
CA ALA D 69 -25.81 14.64 -22.76
C ALA D 69 -24.92 15.53 -21.87
N VAL D 70 -25.05 16.83 -22.00
CA VAL D 70 -24.24 17.70 -21.18
C VAL D 70 -25.05 18.83 -20.58
N LYS D 71 -24.89 18.99 -19.27
CA LYS D 71 -25.59 20.00 -18.53
C LYS D 71 -24.68 21.18 -18.30
N ILE D 72 -24.94 22.26 -19.04
CA ILE D 72 -24.13 23.46 -18.91
C ILE D 72 -24.74 24.40 -17.88
N PHE D 73 -23.99 24.68 -16.83
CA PHE D 73 -24.48 25.55 -15.77
C PHE D 73 -24.11 27.01 -15.96
N SER D 74 -25.03 27.88 -15.54
CA SER D 74 -24.76 29.31 -15.59
C SER D 74 -23.83 29.54 -14.42
N SER D 75 -22.85 30.41 -14.62
CA SER D 75 -21.87 30.69 -13.59
C SER D 75 -22.46 30.68 -12.18
N ARG D 76 -23.51 31.47 -11.98
CA ARG D 76 -24.15 31.59 -10.68
C ARG D 76 -24.69 30.33 -9.99
N GLU D 77 -24.91 29.25 -10.71
CA GLU D 77 -25.43 28.05 -10.09
C GLU D 77 -24.35 26.99 -9.80
N GLU D 78 -23.19 27.46 -9.35
CA GLU D 78 -22.07 26.58 -9.05
C GLU D 78 -22.29 25.59 -7.89
N ARG D 79 -23.05 25.98 -6.87
CA ARG D 79 -23.28 25.10 -5.74
C ARG D 79 -23.92 23.82 -6.24
N SER D 80 -24.85 23.99 -7.17
CA SER D 80 -25.55 22.85 -7.72
C SER D 80 -24.61 21.94 -8.49
N TRP D 81 -23.84 22.53 -9.41
CA TRP D 81 -22.87 21.79 -10.23
C TRP D 81 -21.96 20.96 -9.35
N PHE D 82 -21.36 21.59 -8.35
CA PHE D 82 -20.45 20.90 -7.45
C PHE D 82 -21.09 19.74 -6.69
N ARG D 83 -22.25 20.02 -6.11
CA ARG D 83 -23.02 19.03 -5.34
C ARG D 83 -23.18 17.72 -6.11
N GLU D 84 -23.71 17.83 -7.33
CA GLU D 84 -23.92 16.67 -8.15
C GLU D 84 -22.59 16.06 -8.55
N ALA D 85 -21.63 16.92 -8.89
CA ALA D 85 -20.33 16.42 -9.27
C ALA D 85 -19.83 15.53 -8.12
N GLU D 86 -19.87 16.06 -6.90
CA GLU D 86 -19.43 15.35 -5.70
C GLU D 86 -20.21 14.10 -5.35
N ILE D 87 -21.54 14.18 -5.32
CA ILE D 87 -22.30 12.99 -5.00
C ILE D 87 -21.88 11.83 -5.91
N TYR D 88 -21.79 12.10 -7.20
CA TYR D 88 -21.44 11.06 -8.16
C TYR D 88 -20.04 10.54 -8.02
N GLN D 89 -19.09 11.43 -7.83
CA GLN D 89 -17.72 10.99 -7.75
C GLN D 89 -17.26 10.34 -6.46
N THR D 90 -18.18 9.69 -5.77
CA THR D 90 -17.85 8.97 -4.55
C THR D 90 -18.75 7.76 -4.33
N VAL D 91 -18.08 6.64 -4.11
CA VAL D 91 -18.70 5.35 -3.88
C VAL D 91 -19.61 4.82 -4.97
N MET D 92 -20.19 3.68 -4.61
CA MET D 92 -21.10 2.84 -5.40
C MET D 92 -22.37 3.45 -6.02
N LEU D 93 -22.22 4.62 -6.66
CA LEU D 93 -23.36 5.28 -7.32
C LEU D 93 -23.22 5.07 -8.82
N ARG D 94 -23.71 3.92 -9.27
CA ARG D 94 -23.68 3.50 -10.65
C ARG D 94 -24.77 2.47 -10.57
N HIS D 95 -25.91 2.73 -11.21
CA HIS D 95 -27.02 1.81 -11.12
C HIS D 95 -27.93 1.83 -12.33
N GLU D 96 -28.31 0.65 -12.78
CA GLU D 96 -29.19 0.49 -13.91
C GLU D 96 -30.27 1.58 -13.91
N ASN D 97 -30.75 1.92 -12.71
CA ASN D 97 -31.79 2.93 -12.58
C ASN D 97 -31.37 4.32 -12.11
N ILE D 98 -30.11 4.68 -12.28
CA ILE D 98 -29.66 6.01 -11.92
C ILE D 98 -28.84 6.52 -13.09
N LEU D 99 -29.14 7.73 -13.56
CA LEU D 99 -28.46 8.32 -14.71
C LEU D 99 -26.94 8.17 -14.67
N GLY D 100 -26.38 7.54 -15.72
CA GLY D 100 -24.95 7.31 -15.81
C GLY D 100 -24.06 8.55 -15.93
N PHE D 101 -23.15 8.69 -14.97
CA PHE D 101 -22.21 9.83 -14.93
C PHE D 101 -21.03 9.55 -15.85
N ILE D 102 -20.65 10.53 -16.67
CA ILE D 102 -19.50 10.37 -17.54
C ILE D 102 -18.35 11.32 -17.19
N ALA D 103 -18.66 12.60 -17.02
CA ALA D 103 -17.61 13.56 -16.69
C ALA D 103 -18.08 14.84 -16.03
N ALA D 104 -17.14 15.52 -15.38
CA ALA D 104 -17.38 16.79 -14.71
C ALA D 104 -16.21 17.63 -15.15
N ASP D 105 -16.42 18.93 -15.39
CA ASP D 105 -15.33 19.79 -15.82
C ASP D 105 -15.68 21.25 -15.61
N ASN D 106 -14.67 22.07 -15.41
CA ASN D 106 -14.83 23.52 -15.21
C ASN D 106 -13.83 24.20 -16.17
N LYS D 107 -14.16 25.39 -16.66
CA LYS D 107 -13.29 26.02 -17.66
C LYS D 107 -12.70 27.42 -17.52
N ASP D 108 -13.52 28.44 -17.38
CA ASP D 108 -12.96 29.78 -17.36
C ASP D 108 -12.53 30.32 -16.00
N ASN D 109 -12.90 31.57 -15.72
CA ASN D 109 -12.57 32.24 -14.48
C ASN D 109 -13.65 33.22 -14.10
N GLY D 110 -13.61 33.66 -12.86
CA GLY D 110 -14.57 34.62 -12.37
C GLY D 110 -15.97 34.49 -12.94
N THR D 111 -16.47 35.62 -13.41
CA THR D 111 -17.79 35.77 -13.97
C THR D 111 -18.16 34.86 -15.14
N TRP D 112 -17.16 34.40 -15.89
CA TRP D 112 -17.41 33.57 -17.05
C TRP D 112 -17.03 32.12 -16.91
N THR D 113 -17.01 31.65 -15.68
CA THR D 113 -16.67 30.25 -15.40
C THR D 113 -17.69 29.34 -16.06
N GLN D 114 -17.21 28.31 -16.76
CA GLN D 114 -18.10 27.38 -17.41
C GLN D 114 -18.05 25.99 -16.74
N LEU D 115 -19.15 25.61 -16.10
CA LEU D 115 -19.23 24.32 -15.42
C LEU D 115 -20.10 23.32 -16.19
N TRP D 116 -19.56 22.14 -16.44
CA TRP D 116 -20.28 21.11 -17.19
C TRP D 116 -20.35 19.80 -16.43
N LEU D 117 -21.37 19.03 -16.77
CA LEU D 117 -21.60 17.70 -16.21
C LEU D 117 -21.98 16.91 -17.47
N VAL D 118 -21.41 15.73 -17.66
CA VAL D 118 -21.73 14.95 -18.85
C VAL D 118 -22.29 13.58 -18.45
N SER D 119 -23.36 13.16 -19.13
CA SER D 119 -24.02 11.89 -18.82
C SER D 119 -24.44 11.14 -20.06
N ASP D 120 -24.95 9.93 -19.84
CA ASP D 120 -25.44 9.10 -20.92
C ASP D 120 -26.61 9.83 -21.58
N TYR D 121 -26.83 9.54 -22.85
CA TYR D 121 -27.90 10.18 -23.59
C TYR D 121 -29.05 9.19 -23.72
N HIS D 122 -30.27 9.65 -23.45
CA HIS D 122 -31.43 8.78 -23.57
C HIS D 122 -32.41 9.45 -24.53
N GLU D 123 -32.44 8.92 -25.76
CA GLU D 123 -33.30 9.41 -26.83
C GLU D 123 -34.69 9.86 -26.39
N HIS D 124 -35.43 9.01 -25.67
CA HIS D 124 -36.78 9.37 -25.24
C HIS D 124 -36.90 10.60 -24.37
N GLY D 125 -35.85 10.94 -23.64
CA GLY D 125 -35.91 12.13 -22.79
C GLY D 125 -36.52 11.90 -21.44
N SER D 126 -37.01 12.97 -20.82
CA SER D 126 -37.60 12.85 -19.50
C SER D 126 -38.94 12.10 -19.43
N LEU D 127 -39.26 11.62 -18.25
CA LEU D 127 -40.51 10.90 -18.05
C LEU D 127 -41.60 11.90 -18.38
N PHE D 128 -41.38 13.15 -17.98
CA PHE D 128 -42.32 14.23 -18.24
C PHE D 128 -42.63 14.37 -19.73
N ASP D 129 -41.62 14.35 -20.58
CA ASP D 129 -41.89 14.46 -22.01
C ASP D 129 -42.60 13.21 -22.48
N TYR D 130 -41.89 12.09 -22.41
CA TYR D 130 -42.42 10.78 -22.81
C TYR D 130 -43.92 10.66 -22.49
N LEU D 131 -44.29 11.02 -21.27
CA LEU D 131 -45.68 10.94 -20.83
C LEU D 131 -46.60 11.89 -21.60
N ASN D 132 -46.10 13.09 -21.91
CA ASN D 132 -46.88 14.06 -22.65
C ASN D 132 -46.97 13.67 -24.13
N ARG D 133 -46.30 12.58 -24.51
CA ARG D 133 -46.28 12.15 -25.90
C ARG D 133 -46.73 10.71 -26.10
N TYR D 134 -47.14 10.05 -25.02
CA TYR D 134 -47.58 8.67 -25.14
C TYR D 134 -48.54 8.24 -24.06
N THR D 135 -49.03 7.03 -24.23
CA THR D 135 -49.92 6.39 -23.28
C THR D 135 -49.11 5.14 -23.05
N VAL D 136 -49.43 4.38 -22.01
CA VAL D 136 -48.65 3.20 -21.78
C VAL D 136 -49.48 2.00 -21.34
N THR D 137 -49.03 0.81 -21.73
CA THR D 137 -49.71 -0.41 -21.36
C THR D 137 -49.47 -0.66 -19.88
N VAL D 138 -50.29 -1.49 -19.26
CA VAL D 138 -50.12 -1.83 -17.85
C VAL D 138 -48.68 -2.32 -17.66
N GLU D 139 -48.26 -3.23 -18.52
CA GLU D 139 -46.92 -3.79 -18.47
C GLU D 139 -45.90 -2.63 -18.46
N GLY D 140 -46.14 -1.66 -19.34
CA GLY D 140 -45.27 -0.51 -19.44
C GLY D 140 -45.30 0.34 -18.19
N MET D 141 -46.49 0.61 -17.68
CA MET D 141 -46.64 1.40 -16.47
C MET D 141 -45.87 0.77 -15.32
N ILE D 142 -46.07 -0.53 -15.14
CA ILE D 142 -45.42 -1.28 -14.07
C ILE D 142 -43.90 -1.13 -14.20
N LYS D 143 -43.41 -1.44 -15.39
CA LYS D 143 -41.99 -1.38 -15.73
C LYS D 143 -41.39 -0.03 -15.34
N LEU D 144 -42.09 1.06 -15.64
CA LEU D 144 -41.59 2.39 -15.29
C LEU D 144 -41.59 2.63 -13.78
N ALA D 145 -42.64 2.21 -13.10
CA ALA D 145 -42.73 2.41 -11.65
C ALA D 145 -41.74 1.55 -10.89
N LEU D 146 -41.57 0.30 -11.34
CA LEU D 146 -40.65 -0.60 -10.67
C LEU D 146 -39.25 -0.02 -10.77
N SER D 147 -38.81 0.25 -11.99
CA SER D 147 -37.48 0.81 -12.21
C SER D 147 -37.28 2.09 -11.41
N THR D 148 -38.28 2.96 -11.37
CA THR D 148 -38.14 4.20 -10.60
C THR D 148 -37.92 3.89 -9.13
N ALA D 149 -38.88 3.18 -8.54
CA ALA D 149 -38.82 2.82 -7.14
C ALA D 149 -37.50 2.10 -6.84
N SER D 150 -37.09 1.27 -7.78
CA SER D 150 -35.84 0.53 -7.62
C SER D 150 -34.62 1.45 -7.59
N GLY D 151 -34.67 2.52 -8.39
CA GLY D 151 -33.57 3.45 -8.42
C GLY D 151 -33.53 4.25 -7.13
N LEU D 152 -34.69 4.53 -6.56
CA LEU D 152 -34.73 5.30 -5.33
C LEU D 152 -34.33 4.43 -4.14
N ALA D 153 -34.69 3.16 -4.19
CA ALA D 153 -34.32 2.28 -3.10
C ALA D 153 -32.79 2.28 -3.05
N HIS D 154 -32.17 2.15 -4.21
CA HIS D 154 -30.71 2.13 -4.25
C HIS D 154 -30.08 3.41 -3.69
N LEU D 155 -30.71 4.54 -3.94
CA LEU D 155 -30.21 5.83 -3.47
C LEU D 155 -30.28 5.94 -1.94
N HIS D 156 -31.44 5.62 -1.39
CA HIS D 156 -31.71 5.70 0.06
C HIS D 156 -30.94 4.73 0.91
N MET D 157 -30.71 3.55 0.36
CA MET D 157 -30.04 2.48 1.06
C MET D 157 -28.55 2.60 1.19
N GLU D 158 -28.07 2.39 2.41
CA GLU D 158 -26.64 2.44 2.70
C GLU D 158 -26.05 1.06 2.43
N ILE D 159 -24.75 1.02 2.17
CA ILE D 159 -24.05 -0.21 1.91
C ILE D 159 -22.70 0.00 2.57
N VAL D 160 -22.06 -1.09 3.00
CA VAL D 160 -20.78 -0.93 3.66
C VAL D 160 -19.52 -1.40 2.91
N GLY D 161 -18.39 -1.34 3.61
CA GLY D 161 -17.13 -1.72 3.00
C GLY D 161 -16.34 -0.46 2.75
N THR D 162 -15.07 -0.59 2.38
CA THR D 162 -14.24 0.59 2.11
C THR D 162 -15.06 1.55 1.25
N GLN D 163 -15.64 1.01 0.17
CA GLN D 163 -16.46 1.79 -0.75
C GLN D 163 -17.88 2.00 -0.23
N GLY D 164 -18.03 1.94 1.10
CA GLY D 164 -19.33 2.11 1.74
C GLY D 164 -20.22 3.22 1.20
N LYS D 165 -21.22 2.85 0.39
CA LYS D 165 -22.16 3.81 -0.17
C LYS D 165 -23.06 4.42 0.89
N PRO D 166 -23.01 5.74 1.08
CA PRO D 166 -23.87 6.34 2.09
C PRO D 166 -25.32 6.37 1.65
N ALA D 167 -26.23 6.63 2.59
CA ALA D 167 -27.63 6.70 2.22
C ALA D 167 -27.76 8.08 1.58
N ILE D 168 -28.57 8.19 0.53
CA ILE D 168 -28.71 9.46 -0.15
C ILE D 168 -30.18 9.79 -0.34
N ALA D 169 -30.53 11.06 -0.18
CA ALA D 169 -31.91 11.52 -0.39
C ALA D 169 -31.87 12.50 -1.54
N HIS D 170 -32.72 12.25 -2.54
CA HIS D 170 -32.80 13.07 -3.73
C HIS D 170 -33.20 14.52 -3.54
N ARG D 171 -34.30 14.74 -2.85
CA ARG D 171 -34.81 16.09 -2.57
C ARG D 171 -35.48 16.90 -3.69
N ASP D 172 -35.53 16.37 -4.91
CA ASP D 172 -36.20 17.08 -6.00
C ASP D 172 -36.70 16.06 -7.04
N LEU D 173 -37.22 14.95 -6.53
CA LEU D 173 -37.73 13.90 -7.39
C LEU D 173 -39.03 14.38 -8.04
N LYS D 174 -39.08 14.29 -9.37
CA LYS D 174 -40.25 14.68 -10.14
C LYS D 174 -40.12 14.07 -11.54
N SER D 175 -41.21 14.01 -12.30
CA SER D 175 -41.15 13.42 -13.64
C SER D 175 -40.08 14.05 -14.56
N LYS D 176 -39.83 15.36 -14.39
CA LYS D 176 -38.83 16.07 -15.20
C LYS D 176 -37.41 15.59 -14.90
N ASN D 177 -37.20 15.09 -13.70
CA ASN D 177 -35.89 14.59 -13.31
C ASN D 177 -35.75 13.07 -13.42
N ILE D 178 -36.48 12.47 -14.36
CA ILE D 178 -36.38 11.04 -14.55
C ILE D 178 -36.20 10.85 -16.05
N LEU D 179 -35.43 9.86 -16.46
CA LEU D 179 -35.21 9.62 -17.88
C LEU D 179 -35.64 8.21 -18.23
N VAL D 180 -36.23 8.03 -19.40
CA VAL D 180 -36.64 6.68 -19.78
C VAL D 180 -35.82 6.12 -20.93
N LYS D 181 -35.26 4.93 -20.71
CA LYS D 181 -34.45 4.25 -21.71
C LYS D 181 -35.26 3.68 -22.87
N LYS D 182 -34.55 3.20 -23.88
CA LYS D 182 -35.19 2.61 -25.04
C LYS D 182 -35.98 1.37 -24.68
N ASN D 183 -35.83 0.85 -23.46
CA ASN D 183 -36.56 -0.34 -23.08
C ASN D 183 -37.72 -0.09 -22.11
N GLY D 184 -38.19 1.15 -22.06
CA GLY D 184 -39.32 1.43 -21.19
C GLY D 184 -38.99 1.37 -19.71
N THR D 185 -37.72 1.43 -19.39
CA THR D 185 -37.33 1.43 -18.00
C THR D 185 -36.85 2.84 -17.62
N CYS D 186 -36.79 3.13 -16.32
CA CYS D 186 -36.39 4.45 -15.86
C CYS D 186 -35.05 4.51 -15.14
N CYS D 187 -34.54 5.72 -15.06
CA CYS D 187 -33.32 6.01 -14.33
C CYS D 187 -33.44 7.46 -13.85
N ILE D 188 -33.22 7.65 -12.55
CA ILE D 188 -33.33 8.95 -11.90
C ILE D 188 -32.15 9.85 -12.17
N ALA D 189 -32.41 11.15 -12.25
CA ALA D 189 -31.37 12.14 -12.51
C ALA D 189 -31.46 13.36 -11.61
N ASP D 190 -30.61 14.35 -11.90
CA ASP D 190 -30.51 15.63 -11.17
C ASP D 190 -30.23 15.51 -9.68
N LEU D 191 -28.98 15.19 -9.33
CA LEU D 191 -28.60 15.03 -7.93
C LEU D 191 -28.04 16.32 -7.30
N GLY D 192 -28.37 17.45 -7.91
CA GLY D 192 -27.89 18.73 -7.43
C GLY D 192 -28.32 19.18 -6.05
N LEU D 193 -29.33 18.54 -5.46
CA LEU D 193 -29.80 18.92 -4.12
C LEU D 193 -29.86 17.71 -3.20
N ALA D 194 -29.18 16.64 -3.58
CA ALA D 194 -29.17 15.41 -2.80
C ALA D 194 -28.47 15.55 -1.48
N VAL D 195 -28.79 14.64 -0.56
CA VAL D 195 -28.20 14.65 0.77
C VAL D 195 -27.60 13.30 1.14
N ARG D 196 -26.42 13.36 1.74
CA ARG D 196 -25.71 12.15 2.18
C ARG D 196 -25.82 12.04 3.68
N HIS D 197 -25.89 10.79 4.13
CA HIS D 197 -25.99 10.48 5.54
C HIS D 197 -24.91 9.44 5.85
N ASP D 198 -24.11 9.72 6.87
CA ASP D 198 -23.07 8.82 7.33
C ASP D 198 -23.55 8.34 8.68
N SER D 199 -24.12 7.15 8.75
CA SER D 199 -24.67 6.61 10.01
C SER D 199 -23.64 6.53 11.14
N ALA D 200 -22.40 6.24 10.80
CA ALA D 200 -21.34 6.14 11.78
C ALA D 200 -21.39 7.31 12.75
N THR D 201 -21.30 8.52 12.21
CA THR D 201 -21.30 9.77 12.96
C THR D 201 -22.66 10.45 12.98
N ASP D 202 -23.61 9.89 12.24
CA ASP D 202 -24.94 10.46 12.14
C ASP D 202 -24.87 11.95 11.83
N THR D 203 -24.19 12.28 10.74
CA THR D 203 -24.08 13.67 10.33
C THR D 203 -24.62 13.81 8.93
N ILE D 204 -24.90 15.05 8.53
CA ILE D 204 -25.44 15.31 7.21
C ILE D 204 -24.53 16.14 6.31
N ASP D 205 -24.51 15.74 5.04
CA ASP D 205 -23.72 16.34 3.98
C ASP D 205 -24.05 17.82 3.72
N ILE D 206 -25.32 18.19 3.89
CA ILE D 206 -25.77 19.56 3.66
C ILE D 206 -25.96 20.34 4.94
N ALA D 207 -26.44 21.56 4.76
CA ALA D 207 -26.74 22.48 5.85
C ALA D 207 -28.07 23.12 5.49
N PRO D 208 -29.16 22.32 5.52
CA PRO D 208 -30.56 22.65 5.21
C PRO D 208 -31.15 23.89 5.90
N ASN D 209 -30.55 25.04 5.62
CA ASN D 209 -30.99 26.32 6.18
C ASN D 209 -32.39 26.69 5.71
N HIS D 210 -32.70 26.30 4.48
CA HIS D 210 -33.99 26.63 3.91
C HIS D 210 -34.71 25.47 3.21
N ARG D 211 -35.73 25.85 2.46
CA ARG D 211 -36.58 24.95 1.70
C ARG D 211 -36.10 24.91 0.26
N VAL D 212 -35.91 23.72 -0.29
CA VAL D 212 -35.44 23.58 -1.66
C VAL D 212 -36.37 22.69 -2.45
N GLY D 213 -36.16 22.61 -3.76
CA GLY D 213 -36.98 21.75 -4.58
C GLY D 213 -38.11 22.41 -5.36
N THR D 214 -38.76 21.62 -6.20
CA THR D 214 -39.87 22.09 -7.02
C THR D 214 -41.15 22.13 -6.16
N LYS D 215 -41.59 23.32 -5.74
CA LYS D 215 -42.78 23.51 -4.90
C LYS D 215 -43.92 22.51 -5.15
N ARG D 216 -44.28 22.36 -6.41
CA ARG D 216 -45.36 21.46 -6.80
C ARG D 216 -45.25 20.10 -6.12
N TYR D 217 -44.03 19.55 -6.04
CA TYR D 217 -43.84 18.24 -5.44
C TYR D 217 -43.41 18.25 -3.99
N MET D 218 -43.33 19.41 -3.36
CA MET D 218 -42.90 19.46 -1.96
C MET D 218 -43.85 18.73 -1.02
N ALA D 219 -43.30 17.84 -0.21
CA ALA D 219 -44.11 17.09 0.73
C ALA D 219 -44.68 18.05 1.78
N PRO D 220 -45.82 17.65 2.38
CA PRO D 220 -46.53 18.39 3.40
C PRO D 220 -45.62 19.01 4.46
N GLU D 221 -44.70 18.21 4.99
CA GLU D 221 -43.77 18.69 6.03
C GLU D 221 -42.82 19.78 5.55
N VAL D 222 -42.51 19.77 4.25
CA VAL D 222 -41.63 20.78 3.68
C VAL D 222 -42.41 22.07 3.52
N LEU D 223 -43.65 21.96 3.06
CA LEU D 223 -44.51 23.11 2.88
C LEU D 223 -44.80 23.83 4.20
N ASP D 224 -45.35 23.12 5.18
CA ASP D 224 -45.63 23.80 6.43
C ASP D 224 -44.39 23.90 7.31
N ASP D 225 -43.24 23.61 6.71
CA ASP D 225 -41.95 23.68 7.39
C ASP D 225 -41.88 23.02 8.77
N SER D 226 -42.53 21.87 8.93
CA SER D 226 -42.52 21.15 10.20
C SER D 226 -41.47 20.04 10.17
N ILE D 227 -41.18 19.57 8.96
CA ILE D 227 -40.21 18.51 8.72
C ILE D 227 -39.07 18.53 9.73
N ASN D 228 -38.76 17.38 10.31
CA ASN D 228 -37.70 17.27 11.30
C ASN D 228 -36.41 16.79 10.63
N MET D 229 -35.55 17.75 10.29
CA MET D 229 -34.31 17.45 9.63
C MET D 229 -33.24 16.88 10.54
N LYS D 230 -33.59 16.61 11.78
CA LYS D 230 -32.62 16.03 12.69
C LYS D 230 -32.65 14.52 12.48
N HIS D 231 -33.57 14.08 11.64
CA HIS D 231 -33.74 12.67 11.35
C HIS D 231 -33.64 12.45 9.85
N PHE D 232 -32.63 11.73 9.41
CA PHE D 232 -32.43 11.49 7.98
C PHE D 232 -33.65 10.89 7.29
N GLU D 233 -34.46 10.14 8.03
CA GLU D 233 -35.65 9.53 7.44
C GLU D 233 -36.66 10.56 6.97
N SER D 234 -36.54 11.77 7.48
CA SER D 234 -37.45 12.80 7.05
C SER D 234 -37.21 13.05 5.56
N PHE D 235 -35.94 13.13 5.17
CA PHE D 235 -35.61 13.35 3.76
C PHE D 235 -36.08 12.18 2.88
N LYS D 236 -35.98 10.97 3.39
CA LYS D 236 -36.39 9.81 2.61
C LYS D 236 -37.91 9.78 2.46
N ARG D 237 -38.61 10.16 3.53
CA ARG D 237 -40.06 10.14 3.49
C ARG D 237 -40.60 11.13 2.48
N ALA D 238 -40.00 12.32 2.48
CA ALA D 238 -40.40 13.37 1.56
C ALA D 238 -40.16 12.90 0.12
N ASP D 239 -39.10 12.14 -0.11
CA ASP D 239 -38.85 11.64 -1.46
C ASP D 239 -39.96 10.71 -1.87
N ILE D 240 -40.52 9.96 -0.92
CA ILE D 240 -41.57 8.99 -1.24
C ILE D 240 -42.86 9.68 -1.66
N TYR D 241 -43.19 10.78 -1.00
CA TYR D 241 -44.38 11.53 -1.34
C TYR D 241 -44.24 11.98 -2.79
N ALA D 242 -43.14 12.62 -3.11
CA ALA D 242 -42.95 13.07 -4.48
C ALA D 242 -42.98 11.91 -5.46
N MET D 243 -42.48 10.75 -5.06
CA MET D 243 -42.50 9.60 -5.97
C MET D 243 -43.93 9.14 -6.22
N GLY D 244 -44.78 9.34 -5.21
CA GLY D 244 -46.19 8.98 -5.33
C GLY D 244 -46.82 9.85 -6.41
N LEU D 245 -46.61 11.16 -6.31
CA LEU D 245 -47.15 12.05 -7.32
C LEU D 245 -46.67 11.60 -8.70
N VAL D 246 -45.43 11.15 -8.79
CA VAL D 246 -44.89 10.70 -10.08
C VAL D 246 -45.65 9.46 -10.54
N PHE D 247 -45.86 8.51 -9.62
CA PHE D 247 -46.60 7.30 -9.95
C PHE D 247 -47.94 7.70 -10.52
N TRP D 248 -48.60 8.64 -9.84
CA TRP D 248 -49.89 9.15 -10.27
C TRP D 248 -49.77 9.60 -11.73
N GLU D 249 -48.83 10.50 -12.01
CA GLU D 249 -48.62 10.99 -13.37
C GLU D 249 -48.53 9.86 -14.38
N ILE D 250 -47.84 8.78 -14.01
CA ILE D 250 -47.70 7.64 -14.91
C ILE D 250 -49.02 6.92 -15.11
N ALA D 251 -49.59 6.39 -14.04
CA ALA D 251 -50.86 5.67 -14.07
C ALA D 251 -51.89 6.41 -14.93
N ARG D 252 -52.03 7.70 -14.67
CA ARG D 252 -52.98 8.54 -15.39
C ARG D 252 -52.98 8.25 -16.88
N ARG D 253 -51.84 7.85 -17.42
CA ARG D 253 -51.77 7.57 -18.84
C ARG D 253 -51.72 6.09 -19.19
N CYS D 254 -52.31 5.24 -18.36
CA CYS D 254 -52.31 3.82 -18.65
C CYS D 254 -53.51 3.45 -19.51
N SER D 255 -53.27 3.33 -20.81
CA SER D 255 -54.33 2.98 -21.76
C SER D 255 -54.72 1.52 -21.62
N ILE D 256 -55.99 1.27 -21.32
CA ILE D 256 -56.48 -0.09 -21.18
C ILE D 256 -57.46 -0.41 -22.30
N GLY D 257 -56.91 -0.88 -23.42
CA GLY D 257 -57.72 -1.23 -24.58
C GLY D 257 -58.17 -0.03 -25.37
N GLY D 258 -57.85 1.16 -24.89
CA GLY D 258 -58.24 2.38 -25.58
C GLY D 258 -58.71 3.48 -24.64
N ILE D 259 -58.97 3.10 -23.38
CA ILE D 259 -59.41 4.06 -22.38
C ILE D 259 -58.23 4.61 -21.55
N HIS D 260 -58.08 5.93 -21.54
CA HIS D 260 -57.00 6.60 -20.81
C HIS D 260 -57.13 8.13 -20.84
N GLU D 261 -56.87 8.77 -19.70
CA GLU D 261 -56.95 10.23 -19.62
C GLU D 261 -55.69 10.85 -20.24
N ASP D 262 -55.65 12.17 -20.32
CA ASP D 262 -54.52 12.90 -20.91
C ASP D 262 -53.36 13.08 -19.92
N TYR D 263 -52.38 13.91 -20.28
CA TYR D 263 -51.25 14.14 -19.39
C TYR D 263 -51.52 15.33 -18.48
N GLN D 264 -51.18 15.19 -17.21
CA GLN D 264 -51.39 16.27 -16.27
C GLN D 264 -50.41 16.21 -15.11
N LEU D 265 -49.99 17.39 -14.65
CA LEU D 265 -49.08 17.47 -13.54
C LEU D 265 -49.89 17.30 -12.28
N PRO D 266 -49.25 16.92 -11.18
CA PRO D 266 -50.01 16.76 -9.93
C PRO D 266 -50.58 18.14 -9.57
N TYR D 267 -51.79 18.16 -9.02
CA TYR D 267 -52.45 19.41 -8.63
C TYR D 267 -52.71 20.36 -9.79
N TYR D 268 -52.71 19.80 -11.00
CA TYR D 268 -52.92 20.58 -12.21
C TYR D 268 -54.24 21.35 -12.15
N ASP D 269 -55.21 20.81 -11.43
CA ASP D 269 -56.49 21.47 -11.31
C ASP D 269 -56.80 21.85 -9.88
N LEU D 270 -55.86 22.49 -9.21
CA LEU D 270 -56.11 22.87 -7.83
C LEU D 270 -55.08 23.88 -7.38
N VAL D 271 -54.14 24.16 -8.27
CA VAL D 271 -53.06 25.08 -7.99
C VAL D 271 -52.65 25.72 -9.30
N PRO D 272 -52.28 27.01 -9.26
CA PRO D 272 -51.84 27.85 -10.38
C PRO D 272 -50.59 27.31 -11.05
N SER D 273 -50.36 27.70 -12.31
CA SER D 273 -49.15 27.26 -12.98
C SER D 273 -47.98 27.86 -12.19
N ASP D 274 -46.90 27.10 -12.07
CA ASP D 274 -45.74 27.58 -11.31
C ASP D 274 -46.21 28.03 -9.93
N PRO D 275 -46.71 27.08 -9.13
CA PRO D 275 -47.23 27.25 -7.77
C PRO D 275 -46.24 27.95 -6.88
N SER D 276 -46.76 28.62 -5.85
CA SER D 276 -45.93 29.30 -4.88
C SER D 276 -46.09 28.42 -3.65
N VAL D 277 -45.25 28.63 -2.64
CA VAL D 277 -45.34 27.81 -1.44
C VAL D 277 -46.69 27.94 -0.77
N GLU D 278 -46.98 29.12 -0.24
CA GLU D 278 -48.24 29.35 0.46
C GLU D 278 -49.44 28.79 -0.32
N GLU D 279 -49.41 28.89 -1.63
CA GLU D 279 -50.51 28.37 -2.43
C GLU D 279 -50.62 26.87 -2.20
N MET D 280 -49.54 26.14 -2.49
CA MET D 280 -49.48 24.70 -2.30
C MET D 280 -49.82 24.36 -0.85
N ARG D 281 -49.11 24.98 0.08
CA ARG D 281 -49.34 24.74 1.49
C ARG D 281 -50.84 24.55 1.72
N LYS D 282 -51.64 25.52 1.31
CA LYS D 282 -53.09 25.41 1.47
C LYS D 282 -53.61 24.08 0.93
N VAL D 283 -53.58 23.90 -0.38
CA VAL D 283 -54.05 22.66 -1.00
C VAL D 283 -53.62 21.37 -0.28
N VAL D 284 -52.32 21.23 -0.03
CA VAL D 284 -51.75 20.03 0.59
C VAL D 284 -51.76 19.92 2.12
N CYS D 285 -51.68 21.05 2.82
CA CYS D 285 -51.68 21.03 4.28
C CYS D 285 -53.03 21.47 4.88
N GLU D 286 -53.57 22.57 4.36
CA GLU D 286 -54.86 23.11 4.79
C GLU D 286 -55.99 22.14 4.42
N GLN D 287 -56.40 22.18 3.17
CA GLN D 287 -57.47 21.33 2.66
C GLN D 287 -57.01 19.89 2.45
N LYS D 288 -56.02 19.44 3.21
CA LYS D 288 -55.45 18.09 3.10
C LYS D 288 -55.75 17.34 1.79
N LEU D 289 -55.61 18.05 0.68
CA LEU D 289 -55.88 17.51 -0.64
C LEU D 289 -54.77 16.70 -1.27
N ARG D 290 -55.13 15.89 -2.26
CA ARG D 290 -54.17 15.06 -2.97
C ARG D 290 -54.70 14.84 -4.36
N PRO D 291 -53.81 14.43 -5.30
CA PRO D 291 -54.27 14.20 -6.67
C PRO D 291 -55.47 13.27 -6.64
N ASN D 292 -56.32 13.37 -7.66
CA ASN D 292 -57.51 12.54 -7.69
C ASN D 292 -57.33 11.14 -8.25
N ILE D 293 -57.69 10.15 -7.44
CA ILE D 293 -57.60 8.77 -7.90
C ILE D 293 -58.95 8.31 -8.47
N PRO D 294 -58.99 8.07 -9.78
CA PRO D 294 -60.18 7.64 -10.53
C PRO D 294 -60.78 6.35 -10.00
N ASN D 295 -61.73 5.79 -10.74
CA ASN D 295 -62.39 4.56 -10.32
C ASN D 295 -62.07 3.43 -11.28
N ARG D 296 -62.00 3.74 -12.56
CA ARG D 296 -61.70 2.72 -13.57
C ARG D 296 -60.37 2.08 -13.17
N TRP D 297 -59.72 2.70 -12.19
CA TRP D 297 -58.43 2.27 -11.66
C TRP D 297 -58.59 1.15 -10.63
N GLN D 298 -59.83 0.87 -10.28
CA GLN D 298 -60.11 -0.19 -9.31
C GLN D 298 -60.37 -1.55 -9.96
N SER D 299 -60.47 -1.58 -11.28
CA SER D 299 -60.73 -2.83 -11.99
C SER D 299 -59.51 -3.74 -12.02
N CYS D 300 -58.63 -3.55 -12.99
CA CYS D 300 -57.45 -4.41 -13.11
C CYS D 300 -56.43 -4.20 -12.00
N GLU D 301 -55.97 -5.32 -11.46
CA GLU D 301 -55.00 -5.39 -10.37
C GLU D 301 -54.01 -4.23 -10.39
N ALA D 302 -53.12 -4.23 -11.38
CA ALA D 302 -52.10 -3.19 -11.53
C ALA D 302 -52.56 -1.83 -11.01
N LEU D 303 -53.55 -1.24 -11.69
CA LEU D 303 -54.04 0.05 -11.27
C LEU D 303 -54.43 0.06 -9.78
N ARG D 304 -55.09 -1.01 -9.33
CA ARG D 304 -55.51 -1.09 -7.95
C ARG D 304 -54.30 -1.06 -7.04
N VAL D 305 -53.23 -1.77 -7.46
CA VAL D 305 -51.98 -1.83 -6.70
C VAL D 305 -51.33 -0.45 -6.63
N MET D 306 -51.19 0.16 -7.80
CA MET D 306 -50.61 1.50 -7.92
C MET D 306 -51.31 2.51 -7.02
N ALA D 307 -52.63 2.58 -7.16
CA ALA D 307 -53.44 3.50 -6.36
C ALA D 307 -53.20 3.26 -4.89
N LYS D 308 -53.06 1.98 -4.54
CA LYS D 308 -52.82 1.59 -3.16
C LYS D 308 -51.50 2.19 -2.70
N ILE D 309 -50.45 2.03 -3.49
CA ILE D 309 -49.13 2.56 -3.17
C ILE D 309 -49.16 4.08 -3.05
N MET D 310 -49.91 4.73 -3.95
CA MET D 310 -50.03 6.19 -3.95
C MET D 310 -50.54 6.74 -2.63
N ARG D 311 -51.71 6.27 -2.21
CA ARG D 311 -52.31 6.73 -0.96
C ARG D 311 -51.37 6.52 0.21
N GLU D 312 -50.57 5.46 0.15
CA GLU D 312 -49.64 5.16 1.23
C GLU D 312 -48.37 5.99 1.15
N CYS D 313 -48.21 6.74 0.07
CA CYS D 313 -47.04 7.62 -0.10
C CYS D 313 -47.44 9.05 0.29
N TRP D 314 -48.73 9.34 0.15
CA TRP D 314 -49.28 10.66 0.43
C TRP D 314 -49.74 10.99 1.85
N TYR D 315 -49.74 10.02 2.76
CA TYR D 315 -50.17 10.29 4.14
C TYR D 315 -49.56 11.57 4.68
N ALA D 316 -50.37 12.40 5.32
CA ALA D 316 -49.86 13.64 5.90
C ALA D 316 -48.67 13.31 6.80
N ASN D 317 -48.81 12.27 7.61
CA ASN D 317 -47.72 11.89 8.50
C ASN D 317 -46.71 11.05 7.74
N GLY D 318 -45.48 11.57 7.64
CA GLY D 318 -44.44 10.86 6.91
C GLY D 318 -44.20 9.44 7.37
N ALA D 319 -44.09 9.27 8.68
CA ALA D 319 -43.84 7.98 9.31
C ALA D 319 -44.77 6.88 8.82
N ALA D 320 -45.96 7.23 8.36
CA ALA D 320 -46.87 6.21 7.88
C ALA D 320 -46.61 5.85 6.42
N ARG D 321 -45.78 6.61 5.73
CA ARG D 321 -45.53 6.31 4.32
C ARG D 321 -44.63 5.11 4.16
N LEU D 322 -44.78 4.43 3.04
CA LEU D 322 -43.96 3.27 2.73
C LEU D 322 -42.50 3.72 2.51
N THR D 323 -41.61 2.75 2.46
CA THR D 323 -40.21 3.02 2.21
C THR D 323 -40.02 2.58 0.77
N ALA D 324 -39.08 3.21 0.04
CA ALA D 324 -38.85 2.85 -1.36
C ALA D 324 -38.64 1.34 -1.50
N LEU D 325 -37.79 0.79 -0.64
CA LEU D 325 -37.50 -0.63 -0.67
C LEU D 325 -38.80 -1.43 -0.61
N ARG D 326 -39.64 -1.07 0.37
CA ARG D 326 -40.94 -1.72 0.55
C ARG D 326 -41.70 -1.72 -0.77
N ILE D 327 -41.92 -0.54 -1.33
CA ILE D 327 -42.64 -0.38 -2.58
C ILE D 327 -42.06 -1.16 -3.74
N LYS D 328 -40.74 -1.12 -3.90
CA LYS D 328 -40.08 -1.85 -4.97
C LYS D 328 -40.43 -3.32 -4.88
N LYS D 329 -40.29 -3.87 -3.69
CA LYS D 329 -40.56 -5.28 -3.45
C LYS D 329 -41.99 -5.69 -3.81
N THR D 330 -42.98 -4.86 -3.49
CA THR D 330 -44.37 -5.17 -3.81
C THR D 330 -44.66 -4.93 -5.28
N LEU D 331 -43.89 -4.03 -5.88
CA LEU D 331 -44.04 -3.69 -7.28
C LEU D 331 -43.36 -4.76 -8.11
N SER D 332 -42.33 -5.37 -7.53
CA SER D 332 -41.60 -6.42 -8.21
C SER D 332 -42.43 -7.70 -8.19
N GLN D 333 -43.10 -7.92 -7.07
CA GLN D 333 -43.93 -9.10 -6.92
C GLN D 333 -45.05 -9.08 -7.96
N LEU D 334 -45.55 -7.88 -8.24
CA LEU D 334 -46.62 -7.67 -9.21
C LEU D 334 -46.21 -7.94 -10.65
N SER D 335 -45.08 -7.39 -11.06
CA SER D 335 -44.63 -7.58 -12.42
C SER D 335 -44.28 -9.04 -12.71
N GLN D 336 -43.65 -9.69 -11.74
CA GLN D 336 -43.25 -11.09 -11.88
C GLN D 336 -44.48 -11.97 -12.15
N GLN D 337 -45.66 -11.38 -11.99
CA GLN D 337 -46.90 -12.11 -12.22
C GLN D 337 -47.52 -11.75 -13.55
N GLU D 338 -46.69 -11.32 -14.50
CA GLU D 338 -47.16 -10.96 -15.82
C GLU D 338 -45.99 -10.96 -16.81
N GLY D 339 -44.78 -10.88 -16.27
CA GLY D 339 -43.60 -10.86 -17.11
C GLY D 339 -42.88 -9.52 -17.05
N ILE E 10 -9.78 23.90 -3.53
CA ILE E 10 -11.25 23.63 -3.64
C ILE E 10 -11.84 24.17 -4.92
N SER E 11 -12.87 23.48 -5.43
CA SER E 11 -13.54 23.88 -6.67
C SER E 11 -14.66 24.86 -6.44
N GLU E 12 -15.20 25.37 -7.53
CA GLU E 12 -16.33 26.30 -7.46
C GLU E 12 -17.52 25.55 -6.84
N GLY E 13 -18.34 26.22 -6.05
CA GLY E 13 -19.50 25.57 -5.49
C GLY E 13 -19.30 24.75 -4.24
N THR E 14 -18.05 24.55 -3.85
CA THR E 14 -17.73 23.79 -2.64
C THR E 14 -18.20 24.60 -1.45
N THR E 15 -18.63 23.92 -0.40
CA THR E 15 -19.10 24.62 0.79
C THR E 15 -18.38 24.09 2.01
N LEU E 16 -18.34 24.92 3.04
CA LEU E 16 -17.70 24.57 4.30
C LEU E 16 -18.24 23.23 4.77
N LYS E 17 -19.56 23.10 4.71
CA LYS E 17 -20.26 21.89 5.10
C LYS E 17 -19.72 20.67 4.34
N ASP E 18 -19.45 20.86 3.05
CA ASP E 18 -18.91 19.77 2.24
C ASP E 18 -17.58 19.32 2.83
N LEU E 19 -16.73 20.31 3.11
CA LEU E 19 -15.42 20.06 3.68
C LEU E 19 -15.54 19.46 5.08
N ILE E 20 -16.37 20.05 5.94
CA ILE E 20 -16.55 19.48 7.26
C ILE E 20 -16.83 18.00 7.02
N TYR E 21 -17.96 17.72 6.37
CA TYR E 21 -18.38 16.36 6.07
C TYR E 21 -17.30 15.43 5.51
N ASP E 22 -16.58 15.89 4.50
CA ASP E 22 -15.56 15.07 3.87
C ASP E 22 -14.37 14.64 4.73
N MET E 23 -13.87 15.53 5.58
CA MET E 23 -12.75 15.14 6.43
C MET E 23 -13.31 14.13 7.41
N THR E 24 -14.47 14.46 7.97
CA THR E 24 -15.17 13.64 8.94
C THR E 24 -15.37 12.17 8.56
N THR E 25 -15.24 11.84 7.29
CA THR E 25 -15.45 10.45 6.88
C THR E 25 -14.36 9.89 5.95
N SER E 26 -13.20 10.54 5.93
CA SER E 26 -12.09 10.09 5.09
C SER E 26 -10.78 10.13 5.87
N GLY E 27 -9.98 11.17 5.61
CA GLY E 27 -8.70 11.33 6.29
C GLY E 27 -8.83 11.07 7.78
N SER E 28 -8.10 10.07 8.26
CA SER E 28 -8.14 9.69 9.67
C SER E 28 -7.77 10.82 10.62
N GLY E 29 -7.22 11.91 10.10
CA GLY E 29 -6.85 13.03 10.95
C GLY E 29 -8.03 13.92 11.29
N SER E 30 -8.00 14.54 12.48
CA SER E 30 -9.10 15.41 12.87
C SER E 30 -9.08 16.68 12.01
N GLY E 31 -8.29 16.65 10.93
CA GLY E 31 -8.18 17.79 10.03
C GLY E 31 -8.07 17.47 8.53
N LEU E 32 -8.27 18.49 7.71
CA LEU E 32 -8.19 18.38 6.26
C LEU E 32 -6.73 18.55 5.88
N PRO E 33 -6.42 18.45 4.57
CA PRO E 33 -5.03 18.60 4.13
C PRO E 33 -4.51 20.03 4.31
N LEU E 34 -3.34 20.15 4.93
CA LEU E 34 -2.72 21.44 5.18
C LEU E 34 -2.93 22.44 4.06
N LEU E 35 -2.73 21.98 2.83
CA LEU E 35 -2.91 22.87 1.70
C LEU E 35 -4.34 23.38 1.64
N VAL E 36 -5.32 22.50 1.86
CA VAL E 36 -6.71 22.92 1.84
C VAL E 36 -6.93 23.89 2.99
N GLN E 37 -6.34 23.58 4.14
CA GLN E 37 -6.45 24.44 5.32
C GLN E 37 -5.89 25.81 5.03
N ARG E 38 -4.68 25.86 4.45
CA ARG E 38 -4.06 27.13 4.14
C ARG E 38 -4.99 27.97 3.26
N THR E 39 -5.67 27.29 2.34
CA THR E 39 -6.57 27.96 1.43
C THR E 39 -7.78 28.51 2.18
N ILE E 40 -8.43 27.65 2.94
CA ILE E 40 -9.58 28.08 3.70
C ILE E 40 -9.18 29.34 4.49
N ALA E 41 -8.05 29.25 5.18
CA ALA E 41 -7.62 30.38 6.00
C ALA E 41 -7.42 31.70 5.28
N ARG E 42 -6.66 31.69 4.18
CA ARG E 42 -6.36 32.91 3.45
C ARG E 42 -7.45 33.34 2.51
N THR E 43 -8.56 32.65 2.58
CA THR E 43 -9.67 32.96 1.73
C THR E 43 -10.89 33.42 2.56
N ILE E 44 -10.77 33.33 3.88
CA ILE E 44 -11.81 33.75 4.82
C ILE E 44 -11.95 35.27 4.71
N VAL E 45 -13.15 35.80 4.90
CA VAL E 45 -13.32 37.25 4.86
C VAL E 45 -13.71 37.70 6.26
N LEU E 46 -12.81 38.41 6.92
CA LEU E 46 -13.08 38.88 8.27
C LEU E 46 -14.25 39.85 8.32
N GLN E 47 -15.04 39.75 9.39
CA GLN E 47 -16.19 40.60 9.59
C GLN E 47 -15.87 41.63 10.67
N GLU E 48 -15.80 41.16 11.91
CA GLU E 48 -15.47 42.02 13.04
C GLU E 48 -15.00 41.22 14.24
N SER E 49 -14.31 41.90 15.14
CA SER E 49 -13.82 41.27 16.34
C SER E 49 -14.95 40.92 17.29
N ILE E 50 -14.90 39.72 17.86
CA ILE E 50 -15.91 39.28 18.81
C ILE E 50 -15.24 38.96 20.14
N GLY E 51 -14.25 39.77 20.51
CA GLY E 51 -13.59 39.57 21.79
C GLY E 51 -12.13 39.14 21.80
N LYS E 52 -11.43 39.54 22.85
CA LYS E 52 -10.02 39.21 23.03
C LYS E 52 -9.86 38.48 24.36
N GLY E 53 -8.66 38.01 24.67
CA GLY E 53 -8.50 37.33 25.94
C GLY E 53 -7.21 36.54 26.09
N ARG E 54 -7.30 35.44 26.83
CA ARG E 54 -6.20 34.51 27.07
C ARG E 54 -4.95 34.96 26.29
N PHE E 55 -4.94 34.56 25.02
CA PHE E 55 -3.88 34.87 24.09
C PHE E 55 -4.61 35.04 22.77
N GLY E 56 -4.32 36.11 22.05
CA GLY E 56 -5.00 36.34 20.79
C GLY E 56 -6.49 36.70 20.83
N GLU E 57 -6.87 37.55 19.89
CA GLU E 57 -8.22 38.05 19.74
C GLU E 57 -9.08 37.19 18.78
N VAL E 58 -10.33 36.93 19.17
CA VAL E 58 -11.24 36.10 18.36
C VAL E 58 -12.11 36.93 17.43
N TRP E 59 -12.21 36.52 16.16
CA TRP E 59 -13.00 37.25 15.18
C TRP E 59 -14.10 36.40 14.60
N ARG E 60 -15.01 37.08 13.91
CA ARG E 60 -16.09 36.40 13.23
C ARG E 60 -15.74 36.55 11.75
N GLY E 61 -15.69 35.44 11.03
CA GLY E 61 -15.37 35.54 9.62
C GLY E 61 -16.31 34.70 8.82
N LYS E 62 -16.31 34.88 7.50
CA LYS E 62 -17.18 34.10 6.65
C LYS E 62 -16.34 33.45 5.58
N TRP E 63 -16.71 32.24 5.21
CA TRP E 63 -15.99 31.55 4.16
C TRP E 63 -17.04 31.26 3.10
N ARG E 64 -16.92 31.95 1.97
CA ARG E 64 -17.87 31.79 0.89
C ARG E 64 -19.29 31.93 1.45
N GLY E 65 -19.48 32.93 2.31
CA GLY E 65 -20.80 33.15 2.88
C GLY E 65 -21.01 32.54 4.25
N GLU E 66 -20.50 31.32 4.46
CA GLU E 66 -20.63 30.61 5.72
C GLU E 66 -19.80 31.21 6.86
N GLU E 67 -20.44 31.43 8.01
CA GLU E 67 -19.77 32.01 9.17
C GLU E 67 -18.79 31.04 9.78
N VAL E 68 -17.72 31.60 10.34
CA VAL E 68 -16.67 30.79 10.93
C VAL E 68 -15.98 31.62 12.01
N ALA E 69 -15.29 30.96 12.93
CA ALA E 69 -14.60 31.67 14.00
C ALA E 69 -13.08 31.65 13.76
N VAL E 70 -12.46 32.81 13.87
CA VAL E 70 -11.03 32.91 13.66
C VAL E 70 -10.33 33.47 14.88
N LYS E 71 -9.40 32.71 15.43
CA LYS E 71 -8.65 33.16 16.58
C LYS E 71 -7.29 33.59 16.06
N ILE E 72 -7.03 34.89 16.12
CA ILE E 72 -5.78 35.43 15.62
C ILE E 72 -4.80 35.69 16.74
N PHE E 73 -3.72 34.92 16.75
CA PHE E 73 -2.71 35.05 17.79
C PHE E 73 -1.70 36.12 17.51
N SER E 74 -1.18 36.69 18.59
CA SER E 74 -0.16 37.69 18.46
C SER E 74 1.16 36.94 18.30
N SER E 75 2.05 37.51 17.50
CA SER E 75 3.35 36.95 17.23
C SER E 75 3.92 36.20 18.44
N ARG E 76 3.98 36.87 19.60
CA ARG E 76 4.52 36.29 20.83
C ARG E 76 3.77 35.09 21.40
N GLU E 77 2.58 34.83 20.92
CA GLU E 77 1.78 33.73 21.43
C GLU E 77 1.83 32.47 20.58
N GLU E 78 2.90 32.32 19.81
CA GLU E 78 3.06 31.16 18.94
C GLU E 78 2.98 29.81 19.64
N ARG E 79 3.53 29.70 20.85
CA ARG E 79 3.52 28.44 21.55
C ARG E 79 2.11 27.98 21.86
N SER E 80 1.28 28.93 22.24
CA SER E 80 -0.11 28.63 22.55
C SER E 80 -0.85 28.24 21.27
N TRP E 81 -0.53 28.92 20.17
CA TRP E 81 -1.14 28.63 18.88
C TRP E 81 -0.75 27.21 18.42
N PHE E 82 0.55 26.91 18.44
CA PHE E 82 1.02 25.61 18.01
C PHE E 82 0.39 24.48 18.78
N ARG E 83 0.21 24.66 20.08
CA ARG E 83 -0.37 23.62 20.92
C ARG E 83 -1.80 23.28 20.57
N GLU E 84 -2.64 24.30 20.46
CA GLU E 84 -4.03 24.07 20.14
C GLU E 84 -4.07 23.41 18.77
N ALA E 85 -3.27 23.93 17.86
CA ALA E 85 -3.23 23.37 16.52
C ALA E 85 -2.81 21.91 16.64
N GLU E 86 -1.78 21.68 17.43
CA GLU E 86 -1.24 20.34 17.64
C GLU E 86 -2.25 19.36 18.21
N ILE E 87 -2.85 19.69 19.36
CA ILE E 87 -3.82 18.81 20.01
C ILE E 87 -4.98 18.51 19.05
N TYR E 88 -5.53 19.54 18.45
CA TYR E 88 -6.66 19.40 17.54
C TYR E 88 -6.39 18.49 16.36
N GLN E 89 -5.12 18.23 16.11
CA GLN E 89 -4.77 17.37 14.99
C GLN E 89 -4.17 16.06 15.48
N THR E 90 -4.97 15.39 16.31
CA THR E 90 -4.69 14.06 16.83
C THR E 90 -6.04 13.43 16.58
N VAL E 91 -6.02 12.22 16.03
CA VAL E 91 -7.23 11.49 15.69
C VAL E 91 -8.19 11.40 16.89
N MET E 92 -9.36 10.82 16.64
CA MET E 92 -10.38 10.61 17.66
C MET E 92 -10.80 11.86 18.44
N LEU E 93 -10.27 13.04 18.11
CA LEU E 93 -10.65 14.22 18.86
C LEU E 93 -11.97 14.85 18.44
N ARG E 94 -12.19 15.03 17.14
CA ARG E 94 -13.45 15.63 16.71
C ARG E 94 -14.64 14.94 17.43
N HIS E 95 -15.40 15.70 18.22
CA HIS E 95 -16.54 15.17 18.98
C HIS E 95 -17.66 16.21 19.01
N GLU E 96 -18.91 15.77 19.20
CA GLU E 96 -20.04 16.69 19.23
C GLU E 96 -20.04 17.75 20.36
N ASN E 97 -19.22 17.51 21.38
CA ASN E 97 -19.12 18.42 22.51
C ASN E 97 -17.73 19.01 22.63
N ILE E 98 -17.05 19.15 21.49
CA ILE E 98 -15.72 19.75 21.48
C ILE E 98 -15.72 20.69 20.28
N LEU E 99 -15.32 21.92 20.49
CA LEU E 99 -15.34 22.91 19.41
C LEU E 99 -14.69 22.30 18.18
N GLY E 100 -15.42 22.30 17.06
CA GLY E 100 -14.91 21.73 15.82
C GLY E 100 -13.80 22.47 15.10
N PHE E 101 -12.66 21.81 14.96
CA PHE E 101 -11.49 22.38 14.29
C PHE E 101 -11.65 22.40 12.77
N ILE E 102 -11.48 23.57 12.17
CA ILE E 102 -11.57 23.71 10.73
C ILE E 102 -10.15 23.89 10.15
N ALA E 103 -9.36 24.80 10.69
CA ALA E 103 -8.03 24.98 10.12
C ALA E 103 -7.02 25.74 10.98
N ALA E 104 -5.76 25.69 10.53
CA ALA E 104 -4.66 26.39 11.19
C ALA E 104 -3.70 26.86 10.10
N ASP E 105 -3.29 28.12 10.16
CA ASP E 105 -2.38 28.64 9.15
C ASP E 105 -1.34 29.60 9.72
N ASN E 106 -0.15 29.61 9.14
CA ASN E 106 0.90 30.55 9.55
C ASN E 106 1.05 31.44 8.34
N LYS E 107 1.53 32.67 8.48
CA LYS E 107 1.55 33.52 7.29
C LYS E 107 2.69 34.48 6.95
N ASP E 108 3.05 35.41 7.84
CA ASP E 108 4.10 36.35 7.47
C ASP E 108 5.49 35.86 7.86
N ASN E 109 6.35 36.79 8.28
CA ASN E 109 7.71 36.50 8.69
C ASN E 109 8.01 37.11 10.03
N GLY E 110 9.18 36.76 10.55
CA GLY E 110 9.63 37.26 11.83
C GLY E 110 8.59 37.86 12.74
N THR E 111 8.88 39.08 13.17
CA THR E 111 8.04 39.82 14.09
C THR E 111 6.57 39.93 13.72
N TRP E 112 6.26 39.99 12.43
CA TRP E 112 4.87 40.12 12.00
C TRP E 112 4.22 38.80 11.57
N THR E 113 4.76 37.69 12.02
CA THR E 113 4.19 36.40 11.67
C THR E 113 2.76 36.39 12.19
N GLN E 114 1.82 35.97 11.35
CA GLN E 114 0.42 35.92 11.73
C GLN E 114 -0.03 34.46 11.89
N LEU E 115 -0.44 34.10 13.11
CA LEU E 115 -0.89 32.73 13.37
C LEU E 115 -2.38 32.71 13.52
N TRP E 116 -3.04 31.84 12.74
CA TRP E 116 -4.50 31.74 12.79
C TRP E 116 -5.00 30.35 13.09
N LEU E 117 -6.15 30.30 13.74
CA LEU E 117 -6.85 29.08 14.10
C LEU E 117 -8.29 29.36 13.65
N VAL E 118 -8.91 28.40 12.96
CA VAL E 118 -10.27 28.58 12.47
C VAL E 118 -11.11 27.42 12.96
N SER E 119 -12.30 27.72 13.49
CA SER E 119 -13.20 26.69 14.01
C SER E 119 -14.64 27.01 13.60
N ASP E 120 -15.58 26.15 13.99
CA ASP E 120 -16.99 26.41 13.67
C ASP E 120 -17.39 27.66 14.44
N TYR E 121 -18.49 28.29 14.01
CA TYR E 121 -18.98 29.50 14.65
C TYR E 121 -20.31 29.28 15.36
N HIS E 122 -20.37 29.65 16.64
CA HIS E 122 -21.59 29.50 17.41
C HIS E 122 -22.12 30.86 17.88
N GLU E 123 -23.13 31.38 17.19
CA GLU E 123 -23.74 32.68 17.49
C GLU E 123 -23.99 32.98 18.98
N HIS E 124 -24.45 32.00 19.76
CA HIS E 124 -24.68 32.28 21.17
C HIS E 124 -23.40 32.63 21.90
N GLY E 125 -22.27 32.13 21.38
CA GLY E 125 -20.99 32.41 22.00
C GLY E 125 -20.64 31.56 23.21
N SER E 126 -19.79 32.11 24.06
CA SER E 126 -19.36 31.38 25.25
C SER E 126 -20.50 31.22 26.23
N LEU E 127 -20.35 30.19 27.08
CA LEU E 127 -21.32 29.89 28.12
C LEU E 127 -21.36 31.13 29.01
N PHE E 128 -20.19 31.74 29.20
CA PHE E 128 -20.10 32.93 30.02
C PHE E 128 -21.10 33.95 29.49
N ASP E 129 -20.93 34.38 28.24
CA ASP E 129 -21.87 35.33 27.67
C ASP E 129 -23.30 34.87 27.80
N TYR E 130 -23.59 33.66 27.33
CA TYR E 130 -24.93 33.09 27.36
C TYR E 130 -25.60 33.27 28.72
N LEU E 131 -24.94 32.79 29.78
CA LEU E 131 -25.43 32.87 31.17
C LEU E 131 -25.65 34.30 31.67
N ASN E 132 -24.88 35.24 31.17
CA ASN E 132 -25.05 36.61 31.56
C ASN E 132 -26.27 37.17 30.85
N ARG E 133 -26.54 36.68 29.65
CA ARG E 133 -27.67 37.17 28.87
C ARG E 133 -28.99 36.41 29.07
N TYR E 134 -28.99 35.28 29.77
CA TYR E 134 -30.23 34.50 29.92
C TYR E 134 -30.31 33.67 31.20
N THR E 135 -31.52 33.21 31.49
CA THR E 135 -31.74 32.34 32.63
C THR E 135 -31.95 31.01 31.92
N VAL E 136 -32.18 29.93 32.65
CA VAL E 136 -32.31 28.65 32.01
C VAL E 136 -33.40 27.77 32.61
N THR E 137 -34.13 27.04 31.79
CA THR E 137 -35.15 26.16 32.31
C THR E 137 -34.43 24.99 32.96
N VAL E 138 -35.17 24.09 33.61
CA VAL E 138 -34.55 22.94 34.26
C VAL E 138 -33.93 22.07 33.19
N GLU E 139 -34.68 21.87 32.12
CA GLU E 139 -34.22 21.07 30.99
C GLU E 139 -33.01 21.76 30.37
N GLY E 140 -33.04 23.09 30.34
CA GLY E 140 -31.92 23.84 29.78
C GLY E 140 -30.63 23.59 30.54
N MET E 141 -30.70 23.60 31.86
CA MET E 141 -29.53 23.41 32.71
C MET E 141 -28.95 22.01 32.55
N ILE E 142 -29.83 21.03 32.44
CA ILE E 142 -29.41 19.66 32.30
C ILE E 142 -28.73 19.45 30.95
N LYS E 143 -29.23 20.12 29.91
CA LYS E 143 -28.61 19.98 28.59
C LYS E 143 -27.19 20.55 28.61
N LEU E 144 -27.02 21.73 29.22
CA LEU E 144 -25.71 22.37 29.29
C LEU E 144 -24.73 21.57 30.11
N ALA E 145 -25.16 21.13 31.29
CA ALA E 145 -24.28 20.35 32.16
C ALA E 145 -23.91 18.98 31.60
N LEU E 146 -24.89 18.27 31.04
CA LEU E 146 -24.63 16.94 30.48
C LEU E 146 -23.65 16.99 29.30
N SER E 147 -23.88 17.90 28.36
CA SER E 147 -23.01 18.00 27.23
C SER E 147 -21.61 18.41 27.65
N THR E 148 -21.50 19.34 28.59
CA THR E 148 -20.18 19.75 29.04
C THR E 148 -19.46 18.52 29.59
N ALA E 149 -20.20 17.68 30.31
CA ALA E 149 -19.58 16.49 30.88
C ALA E 149 -19.18 15.47 29.81
N SER E 150 -20.01 15.31 28.78
CA SER E 150 -19.68 14.37 27.72
C SER E 150 -18.37 14.79 27.06
N GLY E 151 -18.27 16.07 26.71
CA GLY E 151 -17.07 16.57 26.10
C GLY E 151 -15.86 16.30 26.96
N LEU E 152 -15.98 16.52 28.27
CA LEU E 152 -14.84 16.28 29.15
C LEU E 152 -14.55 14.80 29.26
N ALA E 153 -15.60 14.01 29.41
CA ALA E 153 -15.47 12.56 29.51
C ALA E 153 -14.69 12.04 28.29
N HIS E 154 -15.07 12.52 27.11
CA HIS E 154 -14.41 12.11 25.89
C HIS E 154 -12.97 12.61 25.79
N LEU E 155 -12.77 13.85 26.21
CA LEU E 155 -11.45 14.45 26.17
C LEU E 155 -10.53 13.64 27.10
N HIS E 156 -11.06 13.23 28.24
CA HIS E 156 -10.30 12.45 29.22
C HIS E 156 -10.11 10.99 28.81
N MET E 157 -11.08 10.45 28.09
CA MET E 157 -11.03 9.06 27.65
C MET E 157 -9.86 8.71 26.76
N GLU E 158 -9.39 7.48 26.90
CA GLU E 158 -8.28 7.02 26.10
C GLU E 158 -8.64 5.76 25.32
N ILE E 159 -8.50 5.83 24.00
CA ILE E 159 -8.75 4.68 23.14
C ILE E 159 -7.36 4.12 22.84
N VAL E 160 -7.11 2.89 23.30
CA VAL E 160 -5.80 2.25 23.16
C VAL E 160 -5.26 1.98 21.75
N GLY E 161 -6.14 1.74 20.78
CA GLY E 161 -5.66 1.48 19.43
C GLY E 161 -4.56 2.42 18.96
N THR E 162 -3.81 2.01 17.95
CA THR E 162 -2.74 2.86 17.41
C THR E 162 -3.41 4.05 16.74
N GLN E 163 -4.57 3.79 16.15
CA GLN E 163 -5.36 4.81 15.48
C GLN E 163 -6.32 5.47 16.48
N GLY E 164 -6.02 5.29 17.78
CA GLY E 164 -6.87 5.85 18.83
C GLY E 164 -6.31 7.08 19.53
N LYS E 165 -7.17 7.78 20.26
CA LYS E 165 -6.76 9.00 20.95
C LYS E 165 -6.17 8.80 22.33
N PRO E 166 -5.23 9.67 22.71
CA PRO E 166 -4.59 9.61 24.02
C PRO E 166 -5.46 10.39 25.03
N ALA E 167 -5.28 10.11 26.32
CA ALA E 167 -6.03 10.83 27.33
C ALA E 167 -5.60 12.29 27.26
N ILE E 168 -6.56 13.21 27.38
CA ILE E 168 -6.26 14.63 27.34
C ILE E 168 -6.87 15.42 28.51
N ALA E 169 -6.04 16.21 29.18
CA ALA E 169 -6.51 17.03 30.28
C ALA E 169 -6.52 18.47 29.78
N HIS E 170 -7.64 19.16 29.98
CA HIS E 170 -7.77 20.53 29.53
C HIS E 170 -6.88 21.52 30.27
N ARG E 171 -6.93 21.47 31.59
CA ARG E 171 -6.14 22.36 32.42
C ARG E 171 -6.64 23.81 32.47
N ASP E 172 -7.76 24.11 31.82
CA ASP E 172 -8.27 25.47 31.85
C ASP E 172 -9.77 25.57 31.58
N LEU E 173 -10.53 24.65 32.16
CA LEU E 173 -11.98 24.64 32.01
C LEU E 173 -12.56 25.86 32.72
N LYS E 174 -13.56 26.47 32.08
CA LYS E 174 -14.26 27.63 32.62
C LYS E 174 -15.31 28.10 31.62
N SER E 175 -16.37 28.74 32.10
CA SER E 175 -17.43 29.18 31.22
C SER E 175 -16.96 29.98 30.02
N LYS E 176 -15.86 30.71 30.14
CA LYS E 176 -15.43 31.44 28.99
C LYS E 176 -14.83 30.53 27.91
N ASN E 177 -14.57 29.27 28.26
CA ASN E 177 -14.02 28.33 27.30
C ASN E 177 -15.03 27.24 26.89
N ILE E 178 -16.30 27.58 26.92
CA ILE E 178 -17.31 26.64 26.50
C ILE E 178 -18.20 27.43 25.56
N LEU E 179 -18.70 26.77 24.53
CA LEU E 179 -19.61 27.43 23.61
C LEU E 179 -20.97 26.75 23.66
N VAL E 180 -22.02 27.52 23.42
CA VAL E 180 -23.34 26.92 23.41
C VAL E 180 -23.89 26.97 21.99
N LYS E 181 -24.34 25.83 21.49
CA LYS E 181 -24.89 25.72 20.15
C LYS E 181 -26.34 26.21 20.18
N LYS E 182 -27.01 26.18 19.03
CA LYS E 182 -28.39 26.64 18.96
C LYS E 182 -29.36 25.66 19.61
N ASN E 183 -28.95 24.40 19.76
CA ASN E 183 -29.84 23.41 20.35
C ASN E 183 -29.67 23.40 21.87
N GLY E 184 -28.98 24.41 22.39
CA GLY E 184 -28.78 24.51 23.82
C GLY E 184 -27.78 23.53 24.40
N THR E 185 -26.85 23.03 23.59
CA THR E 185 -25.83 22.11 24.09
C THR E 185 -24.49 22.82 24.07
N CYS E 186 -23.49 22.23 24.69
CA CYS E 186 -22.17 22.84 24.76
C CYS E 186 -21.05 22.13 24.02
N CYS E 187 -19.90 22.80 23.94
CA CYS E 187 -18.70 22.22 23.35
C CYS E 187 -17.47 22.93 23.90
N ILE E 188 -16.58 22.16 24.53
CA ILE E 188 -15.35 22.69 25.14
C ILE E 188 -14.41 23.29 24.11
N ALA E 189 -13.66 24.31 24.49
CA ALA E 189 -12.74 24.96 23.56
C ALA E 189 -11.45 25.38 24.23
N ASP E 190 -10.56 25.99 23.45
CA ASP E 190 -9.27 26.48 23.92
C ASP E 190 -8.47 25.34 24.54
N LEU E 191 -7.70 24.64 23.72
CA LEU E 191 -6.91 23.52 24.18
C LEU E 191 -5.43 23.83 24.21
N GLY E 192 -5.08 25.11 24.28
CA GLY E 192 -3.68 25.51 24.29
C GLY E 192 -2.88 25.17 25.55
N LEU E 193 -3.53 24.69 26.59
CA LEU E 193 -2.81 24.34 27.80
C LEU E 193 -3.00 22.87 28.06
N ALA E 194 -3.75 22.23 27.18
CA ALA E 194 -4.03 20.80 27.30
C ALA E 194 -2.77 19.94 27.36
N VAL E 195 -2.90 18.79 28.01
CA VAL E 195 -1.79 17.85 28.17
C VAL E 195 -2.20 16.45 27.73
N ARG E 196 -1.29 15.79 27.02
CA ARG E 196 -1.55 14.44 26.52
C ARG E 196 -0.86 13.36 27.32
N HIS E 197 -1.52 12.21 27.37
CA HIS E 197 -0.97 11.07 28.07
C HIS E 197 -1.02 9.84 27.18
N ASP E 198 0.12 9.19 27.05
CA ASP E 198 0.17 7.98 26.27
C ASP E 198 0.49 6.95 27.32
N SER E 199 -0.49 6.12 27.65
CA SER E 199 -0.32 5.09 28.66
C SER E 199 0.78 4.11 28.28
N ALA E 200 0.71 3.61 27.04
CA ALA E 200 1.68 2.66 26.52
C ALA E 200 3.12 3.06 26.86
N THR E 201 3.54 4.23 26.41
CA THR E 201 4.89 4.69 26.71
C THR E 201 4.85 5.47 28.01
N ASP E 202 3.69 5.48 28.63
CA ASP E 202 3.45 6.22 29.86
C ASP E 202 4.19 7.55 29.84
N THR E 203 3.85 8.37 28.85
CA THR E 203 4.47 9.69 28.68
C THR E 203 3.42 10.79 28.78
N ILE E 204 3.81 11.90 29.39
CA ILE E 204 2.92 13.05 29.56
C ILE E 204 3.35 14.21 28.68
N ASP E 205 2.80 14.24 27.47
CA ASP E 205 3.04 15.26 26.43
C ASP E 205 3.82 16.55 26.73
N ILE E 206 3.37 17.32 27.71
CA ILE E 206 4.07 18.58 28.02
C ILE E 206 5.14 18.47 29.08
N ALA E 207 5.65 19.61 29.48
CA ALA E 207 6.67 19.68 30.51
C ALA E 207 6.04 20.43 31.67
N PRO E 208 4.99 19.86 32.27
CA PRO E 208 4.32 20.52 33.39
C PRO E 208 5.31 20.84 34.51
N ASN E 209 5.81 22.07 34.48
CA ASN E 209 6.75 22.57 35.47
C ASN E 209 6.27 23.96 35.85
N HIS E 210 5.21 24.40 35.16
CA HIS E 210 4.62 25.70 35.37
C HIS E 210 3.21 25.56 35.94
N ARG E 211 2.78 26.55 36.71
CA ARG E 211 1.43 26.55 37.29
C ARG E 211 0.59 27.35 36.32
N VAL E 212 -0.22 26.68 35.51
CA VAL E 212 -1.02 27.37 34.51
C VAL E 212 -2.53 27.35 34.72
N GLY E 213 -3.23 28.05 33.83
CA GLY E 213 -4.68 28.12 33.89
C GLY E 213 -5.14 29.45 34.42
N THR E 214 -6.45 29.58 34.61
CA THR E 214 -7.06 30.80 35.14
C THR E 214 -7.08 30.65 36.65
N LYS E 215 -6.48 31.59 37.37
CA LYS E 215 -6.41 31.49 38.83
C LYS E 215 -7.74 31.21 39.53
N ARG E 216 -8.76 31.95 39.17
CA ARG E 216 -10.06 31.77 39.79
C ARG E 216 -10.54 30.31 39.80
N TYR E 217 -10.25 29.55 38.74
CA TYR E 217 -10.70 28.17 38.70
C TYR E 217 -9.68 27.13 39.11
N MET E 218 -8.47 27.53 39.45
CA MET E 218 -7.45 26.56 39.86
C MET E 218 -7.93 25.68 41.00
N ALA E 219 -7.66 24.39 40.91
CA ALA E 219 -8.08 23.45 41.95
C ALA E 219 -7.19 23.63 43.17
N PRO E 220 -7.64 23.11 44.32
CA PRO E 220 -6.85 23.24 45.56
C PRO E 220 -5.40 22.80 45.36
N GLU E 221 -5.23 21.57 44.85
CA GLU E 221 -3.91 20.99 44.60
C GLU E 221 -2.99 21.91 43.81
N VAL E 222 -3.54 22.55 42.79
CA VAL E 222 -2.76 23.45 41.96
C VAL E 222 -2.42 24.76 42.66
N LEU E 223 -3.35 25.25 43.48
CA LEU E 223 -3.13 26.50 44.21
C LEU E 223 -2.09 26.41 45.32
N ASP E 224 -2.04 25.28 46.02
CA ASP E 224 -1.05 25.15 47.07
C ASP E 224 0.16 24.35 46.58
N ASP E 225 0.17 24.08 45.28
CA ASP E 225 1.24 23.35 44.62
C ASP E 225 1.55 21.95 45.17
N SER E 226 0.56 21.29 45.74
CA SER E 226 0.76 19.96 46.28
C SER E 226 0.44 18.90 45.22
N ILE E 227 0.03 19.34 44.04
CA ILE E 227 -0.35 18.44 42.94
C ILE E 227 0.83 17.59 42.46
N ASN E 228 0.57 16.31 42.23
CA ASN E 228 1.61 15.39 41.76
C ASN E 228 1.56 15.34 40.24
N MET E 229 2.38 16.17 39.59
CA MET E 229 2.40 16.24 38.14
C MET E 229 3.11 15.03 37.54
N LYS E 230 3.37 14.07 38.41
CA LYS E 230 4.03 12.81 38.04
C LYS E 230 2.91 11.84 37.64
N HIS E 231 1.69 12.14 38.06
CA HIS E 231 0.53 11.30 37.77
C HIS E 231 -0.49 12.03 36.90
N PHE E 232 -0.73 11.49 35.70
CA PHE E 232 -1.66 12.14 34.78
C PHE E 232 -3.06 12.28 35.37
N GLU E 233 -3.44 11.39 36.28
CA GLU E 233 -4.76 11.45 36.90
C GLU E 233 -4.91 12.73 37.72
N SER E 234 -3.79 13.35 38.07
CA SER E 234 -3.85 14.57 38.84
C SER E 234 -4.53 15.68 38.05
N PHE E 235 -4.29 15.69 36.75
CA PHE E 235 -4.86 16.70 35.86
C PHE E 235 -6.33 16.48 35.59
N LYS E 236 -6.71 15.23 35.37
CA LYS E 236 -8.11 14.94 35.12
C LYS E 236 -8.93 15.34 36.35
N ARG E 237 -8.34 15.15 37.52
CA ARG E 237 -9.03 15.47 38.75
C ARG E 237 -9.15 16.96 38.92
N ALA E 238 -8.10 17.69 38.55
CA ALA E 238 -8.15 19.13 38.67
C ALA E 238 -9.19 19.67 37.68
N ASP E 239 -9.30 19.00 36.54
CA ASP E 239 -10.29 19.40 35.53
C ASP E 239 -11.69 19.30 36.14
N ILE E 240 -11.94 18.21 36.86
CA ILE E 240 -13.25 17.97 37.47
C ILE E 240 -13.68 19.03 38.49
N TYR E 241 -12.72 19.58 39.22
CA TYR E 241 -13.00 20.62 40.18
C TYR E 241 -13.50 21.85 39.42
N ALA E 242 -12.85 22.21 38.33
CA ALA E 242 -13.29 23.37 37.57
C ALA E 242 -14.68 23.14 37.00
N MET E 243 -14.93 21.94 36.51
CA MET E 243 -16.25 21.64 35.94
C MET E 243 -17.34 21.83 37.01
N GLY E 244 -16.96 21.64 38.27
CA GLY E 244 -17.89 21.83 39.34
C GLY E 244 -18.27 23.28 39.44
N LEU E 245 -17.28 24.17 39.33
CA LEU E 245 -17.57 25.59 39.40
C LEU E 245 -18.44 25.99 38.22
N VAL E 246 -18.19 25.40 37.05
CA VAL E 246 -18.97 25.74 35.89
C VAL E 246 -20.41 25.31 36.10
N PHE E 247 -20.62 24.14 36.71
CA PHE E 247 -21.98 23.69 36.96
C PHE E 247 -22.65 24.68 37.89
N TRP E 248 -21.90 25.14 38.88
CA TRP E 248 -22.41 26.13 39.83
C TRP E 248 -22.97 27.34 39.06
N GLU E 249 -22.17 27.90 38.15
CA GLU E 249 -22.58 29.05 37.34
C GLU E 249 -23.85 28.81 36.54
N ILE E 250 -23.99 27.61 35.99
CA ILE E 250 -25.17 27.29 35.20
C ILE E 250 -26.39 27.25 36.10
N ALA E 251 -26.29 26.45 37.16
CA ALA E 251 -27.40 26.28 38.09
C ALA E 251 -27.96 27.58 38.66
N ARG E 252 -27.11 28.52 39.03
CA ARG E 252 -27.63 29.73 39.60
C ARG E 252 -28.33 30.59 38.56
N ARG E 253 -28.56 30.00 37.38
CA ARG E 253 -29.26 30.69 36.29
C ARG E 253 -30.47 29.87 35.85
N CYS E 254 -30.80 28.85 36.63
CA CYS E 254 -31.93 27.98 36.32
C CYS E 254 -33.18 28.61 36.93
N SER E 255 -33.89 29.43 36.16
CA SER E 255 -35.07 30.11 36.66
C SER E 255 -36.31 29.20 36.75
N ILE E 256 -36.71 28.91 37.99
CA ILE E 256 -37.87 28.07 38.24
C ILE E 256 -38.93 28.95 38.91
N GLY E 257 -40.06 29.12 38.24
CA GLY E 257 -41.11 29.95 38.81
C GLY E 257 -40.73 31.42 38.79
N GLY E 258 -39.74 31.77 37.98
CA GLY E 258 -39.34 33.15 37.90
C GLY E 258 -38.26 33.49 38.92
N ILE E 259 -37.97 32.55 39.82
CA ILE E 259 -36.93 32.80 40.81
C ILE E 259 -35.59 32.21 40.39
N HIS E 260 -34.55 33.03 40.47
CA HIS E 260 -33.21 32.61 40.10
C HIS E 260 -32.16 33.60 40.62
N GLU E 261 -30.92 33.15 40.71
CA GLU E 261 -29.84 34.01 41.18
C GLU E 261 -29.29 34.76 39.97
N ASP E 262 -28.51 35.81 40.20
CA ASP E 262 -27.94 36.58 39.11
C ASP E 262 -26.57 35.98 38.70
N TYR E 263 -26.16 36.22 37.45
CA TYR E 263 -24.89 35.67 37.02
C TYR E 263 -23.72 36.14 37.85
N GLN E 264 -22.88 35.21 38.27
CA GLN E 264 -21.70 35.53 39.06
C GLN E 264 -20.56 34.55 38.75
N LEU E 265 -19.33 34.98 38.96
CA LEU E 265 -18.18 34.10 38.77
C LEU E 265 -17.99 33.37 40.09
N PRO E 266 -17.34 32.21 40.06
CA PRO E 266 -17.15 31.49 41.32
C PRO E 266 -16.31 32.33 42.27
N TYR E 267 -16.61 32.25 43.57
CA TYR E 267 -15.84 33.00 44.56
C TYR E 267 -15.91 34.52 44.36
N TYR E 268 -16.91 34.98 43.63
CA TYR E 268 -17.10 36.40 43.36
C TYR E 268 -17.17 37.21 44.65
N ASP E 269 -17.69 36.60 45.70
CA ASP E 269 -17.86 37.24 47.00
C ASP E 269 -16.80 36.85 48.02
N LEU E 270 -15.69 36.30 47.56
CA LEU E 270 -14.65 35.87 48.49
C LEU E 270 -13.24 36.31 48.13
N VAL E 271 -13.07 36.86 46.93
CA VAL E 271 -11.74 37.26 46.51
C VAL E 271 -11.87 38.45 45.59
N PRO E 272 -10.80 39.25 45.43
CA PRO E 272 -10.91 40.42 44.54
C PRO E 272 -11.22 40.01 43.11
N SER E 273 -11.10 40.98 42.20
CA SER E 273 -11.32 40.71 40.79
C SER E 273 -9.94 40.36 40.26
N ASP E 274 -9.86 39.46 39.28
CA ASP E 274 -8.56 39.06 38.76
C ASP E 274 -7.69 38.66 39.96
N PRO E 275 -8.11 37.65 40.71
CA PRO E 275 -7.41 37.15 41.90
C PRO E 275 -5.97 36.74 41.63
N SER E 276 -5.25 36.56 42.73
CA SER E 276 -3.85 36.14 42.69
C SER E 276 -3.80 34.74 43.30
N VAL E 277 -2.84 33.94 42.89
CA VAL E 277 -2.73 32.60 43.42
C VAL E 277 -2.73 32.66 44.93
N GLU E 278 -2.14 33.71 45.48
CA GLU E 278 -2.07 33.84 46.93
C GLU E 278 -3.45 34.03 47.52
N GLU E 279 -4.24 34.94 46.95
CA GLU E 279 -5.59 35.19 47.45
C GLU E 279 -6.45 33.93 47.31
N MET E 280 -6.45 33.32 46.13
CA MET E 280 -7.23 32.10 45.91
C MET E 280 -6.86 30.99 46.89
N ARG E 281 -5.57 30.80 47.11
CA ARG E 281 -5.07 29.78 48.04
C ARG E 281 -5.70 29.92 49.42
N LYS E 282 -5.61 31.15 49.93
CA LYS E 282 -6.15 31.49 51.25
C LYS E 282 -7.60 31.06 51.36
N VAL E 283 -8.41 31.45 50.39
CA VAL E 283 -9.83 31.12 50.37
C VAL E 283 -10.11 29.63 50.18
N VAL E 284 -9.48 29.02 49.18
CA VAL E 284 -9.73 27.63 48.87
C VAL E 284 -8.95 26.60 49.65
N CYS E 285 -7.71 26.91 50.00
CA CYS E 285 -6.90 25.94 50.73
C CYS E 285 -6.96 26.11 52.24
N GLU E 286 -6.57 27.30 52.73
CA GLU E 286 -6.59 27.56 54.16
C GLU E 286 -8.01 27.54 54.70
N GLN E 287 -8.78 28.58 54.39
CA GLN E 287 -10.15 28.67 54.88
C GLN E 287 -11.06 27.56 54.39
N LYS E 288 -10.58 26.82 53.39
CA LYS E 288 -11.35 25.71 52.83
C LYS E 288 -12.73 26.14 52.40
N LEU E 289 -12.81 27.24 51.67
CA LEU E 289 -14.11 27.75 51.24
C LEU E 289 -14.53 27.41 49.82
N ARG E 290 -15.79 27.00 49.69
CA ARG E 290 -16.39 26.64 48.40
C ARG E 290 -17.57 27.54 48.08
N PRO E 291 -17.97 27.61 46.81
CA PRO E 291 -19.12 28.47 46.49
C PRO E 291 -20.34 28.08 47.35
N ASN E 292 -21.30 28.99 47.46
CA ASN E 292 -22.49 28.71 48.27
C ASN E 292 -23.62 28.07 47.49
N ILE E 293 -24.24 27.06 48.09
CA ILE E 293 -25.36 26.37 47.47
C ILE E 293 -26.67 27.04 47.88
N PRO E 294 -27.34 27.74 46.95
CA PRO E 294 -28.58 28.40 47.30
C PRO E 294 -29.60 27.48 48.00
N ASN E 295 -30.17 27.99 49.07
CA ASN E 295 -31.16 27.23 49.82
C ASN E 295 -32.30 26.78 48.94
N ARG E 296 -32.68 27.60 47.98
CA ARG E 296 -33.78 27.27 47.09
C ARG E 296 -33.48 26.05 46.23
N TRP E 297 -32.20 25.68 46.11
CA TRP E 297 -31.86 24.52 45.29
C TRP E 297 -32.37 23.22 45.90
N GLN E 298 -32.69 23.24 47.18
CA GLN E 298 -33.19 22.02 47.80
C GLN E 298 -34.63 21.76 47.42
N SER E 299 -35.29 22.77 46.88
CA SER E 299 -36.68 22.61 46.48
C SER E 299 -36.78 21.56 45.40
N CYS E 300 -36.38 21.96 44.21
CA CYS E 300 -36.40 21.14 43.00
C CYS E 300 -35.40 19.97 43.00
N GLU E 301 -35.84 18.84 42.47
CA GLU E 301 -35.00 17.64 42.38
C GLU E 301 -33.76 17.82 41.51
N ALA E 302 -33.96 18.36 40.31
CA ALA E 302 -32.85 18.59 39.41
C ALA E 302 -31.73 19.34 40.13
N LEU E 303 -32.04 20.50 40.69
CA LEU E 303 -31.05 21.32 41.40
C LEU E 303 -30.40 20.53 42.51
N ARG E 304 -31.16 19.65 43.13
CA ARG E 304 -30.65 18.82 44.20
C ARG E 304 -29.56 17.88 43.68
N VAL E 305 -29.78 17.32 42.50
CA VAL E 305 -28.80 16.43 41.91
C VAL E 305 -27.57 17.27 41.57
N MET E 306 -27.79 18.42 40.93
CA MET E 306 -26.72 19.33 40.55
C MET E 306 -25.81 19.69 41.72
N ALA E 307 -26.43 19.98 42.86
CA ALA E 307 -25.69 20.36 44.05
C ALA E 307 -24.81 19.21 44.54
N LYS E 308 -25.36 18.02 44.61
CA LYS E 308 -24.57 16.88 45.06
C LYS E 308 -23.36 16.64 44.16
N ILE E 309 -23.53 16.85 42.86
CA ILE E 309 -22.42 16.67 41.93
C ILE E 309 -21.33 17.67 42.33
N MET E 310 -21.70 18.95 42.35
CA MET E 310 -20.78 20.03 42.71
C MET E 310 -20.02 19.70 43.98
N ARG E 311 -20.77 19.32 45.01
CA ARG E 311 -20.16 18.95 46.27
C ARG E 311 -19.09 17.90 45.99
N GLU E 312 -19.43 16.89 45.19
CA GLU E 312 -18.50 15.83 44.85
C GLU E 312 -17.39 16.15 43.86
N CYS E 313 -17.27 17.41 43.44
CA CYS E 313 -16.19 17.78 42.53
C CYS E 313 -15.30 18.74 43.29
N TRP E 314 -15.76 19.15 44.45
CA TRP E 314 -15.01 20.12 45.24
C TRP E 314 -14.12 19.60 46.35
N TYR E 315 -14.22 18.31 46.67
CA TYR E 315 -13.37 17.74 47.70
C TYR E 315 -11.94 18.23 47.53
N ALA E 316 -11.28 18.52 48.65
CA ALA E 316 -9.90 18.98 48.61
C ALA E 316 -8.99 17.87 48.06
N ASN E 317 -9.33 16.63 48.37
CA ASN E 317 -8.56 15.49 47.90
C ASN E 317 -9.07 15.07 46.53
N GLY E 318 -8.29 15.39 45.50
CA GLY E 318 -8.67 15.07 44.14
C GLY E 318 -9.17 13.67 43.90
N ALA E 319 -8.55 12.69 44.55
CA ALA E 319 -8.93 11.29 44.36
C ALA E 319 -10.35 10.94 44.77
N ALA E 320 -10.96 11.79 45.57
CA ALA E 320 -12.31 11.52 46.02
C ALA E 320 -13.33 12.03 45.01
N ARG E 321 -12.90 12.95 44.16
CA ARG E 321 -13.80 13.52 43.18
C ARG E 321 -14.35 12.51 42.19
N LEU E 322 -15.52 12.83 41.66
CA LEU E 322 -16.19 11.98 40.68
C LEU E 322 -15.32 11.94 39.42
N THR E 323 -15.89 11.50 38.31
CA THR E 323 -15.18 11.46 37.05
C THR E 323 -16.16 11.99 36.03
N ALA E 324 -15.64 12.58 34.95
CA ALA E 324 -16.50 13.13 33.91
C ALA E 324 -17.46 12.03 33.48
N LEU E 325 -16.92 10.82 33.43
CA LEU E 325 -17.68 9.67 33.03
C LEU E 325 -18.86 9.40 33.97
N ARG E 326 -18.58 9.43 35.28
CA ARG E 326 -19.62 9.20 36.28
C ARG E 326 -20.63 10.34 36.27
N ILE E 327 -20.15 11.58 36.19
CA ILE E 327 -21.07 12.72 36.16
C ILE E 327 -22.00 12.56 34.97
N LYS E 328 -21.40 12.29 33.80
CA LYS E 328 -22.14 12.09 32.56
C LYS E 328 -23.24 11.07 32.82
N LYS E 329 -22.85 9.93 33.36
CA LYS E 329 -23.80 8.87 33.66
C LYS E 329 -24.96 9.38 34.49
N THR E 330 -24.66 9.87 35.69
CA THR E 330 -25.69 10.40 36.59
C THR E 330 -26.47 11.56 35.97
N LEU E 331 -25.79 12.46 35.26
CA LEU E 331 -26.48 13.59 34.64
C LEU E 331 -27.38 13.04 33.54
N SER E 332 -27.03 11.85 33.06
CA SER E 332 -27.79 11.22 31.99
C SER E 332 -29.10 10.62 32.53
N GLN E 333 -29.06 10.09 33.74
CA GLN E 333 -30.25 9.50 34.35
C GLN E 333 -31.22 10.60 34.72
N LEU E 334 -30.69 11.70 35.26
CA LEU E 334 -31.51 12.84 35.66
C LEU E 334 -32.29 13.32 34.44
N SER E 335 -31.61 13.37 33.31
CA SER E 335 -32.22 13.79 32.08
C SER E 335 -33.36 12.82 31.71
N GLN E 336 -33.09 11.53 31.91
CA GLN E 336 -34.03 10.46 31.63
C GLN E 336 -35.33 10.69 32.36
N GLN E 337 -35.23 10.89 33.67
CA GLN E 337 -36.39 11.12 34.52
C GLN E 337 -37.26 12.32 34.14
N GLU E 338 -37.06 12.88 32.95
CA GLU E 338 -37.86 14.03 32.51
C GLU E 338 -38.00 14.20 30.99
N GLY E 339 -36.89 14.47 30.31
CA GLY E 339 -36.94 14.66 28.87
C GLY E 339 -35.65 15.22 28.30
#